data_8GJ3
#
_entry.id   8GJ3
#
_cell.length_a   1.00
_cell.length_b   1.00
_cell.length_c   1.00
_cell.angle_alpha   90.00
_cell.angle_beta   90.00
_cell.angle_gamma   90.00
#
_symmetry.space_group_name_H-M   'P 1'
#
loop_
_entity.id
_entity.type
_entity.pdbx_description
1 polymer 'DNA polymerase III subunit delta'
2 polymer 'DNA polymerase III subunit tau'
3 polymer "DNA polymerase III subunit delta'"
4 polymer 'DNA polymerase III subunit psi'
5 polymer Primer
6 polymer Template
7 non-polymer "ADENOSINE-5'-DIPHOSPHATE"
8 non-polymer 'MAGNESIUM ION'
9 non-polymer 'TETRAFLUOROALUMINATE ION'
10 non-polymer 'ZINC ION'
#
loop_
_entity_poly.entity_id
_entity_poly.type
_entity_poly.pdbx_seq_one_letter_code
_entity_poly.pdbx_strand_id
1 'polypeptide(L)'
;MIRLYPEQLRAQLNEGLRAAYLLLGNDPLLLQESQDAVRQVAAAQGFEEHHTFSIDPNTDWNAIFSLCQAMSLFASRQTL
LLLLPENGPNAAINEQLLTLTGLLHDDLLLIVRGNKLSKAQENAAWFTALANRSVQVTCQTPEQAQLPRWVAARAKQLNL
ELDDAANQVLCYCYEGNLLALAQALERLSLLWPDGKLTLPRVEQAVNDAAHFTPFHWVDALLMGKSKRALHILQQLRLEG
SEPVILLRTLQRELLLLVNLKRQSAHTPLRALFDKHRVWQNRRGMMGEALNRLSQTQLRQAVQLLTRTELTLKQDYGQSV
WAELEGLSLLLCHKPLADVFIDG
;
A
2 'polypeptide(L)'
;MSYQVLARKWRPQTFADVVGQEHVLTALANGLSLGRIHHAYLFSGTRGVGKTSIARLLAKGLNCETGITATPCGVCDNCR
EIEQGRFVDLIEIDAASRTKVEDTRDLLDNVQYAPARGRFKVYLIDEVHMLSRHSFNALLKTLEEPPEHVKFLLATTDPQ
KLPVTILSRCLQFHLKALDVEQIRHQLEHILNEEHIAHEPRALQLLARAAEGSLRDALSLTDQAIASGDGQVSTQAVSAM
LGTLDDDQALSLVEAMVEANGERVMALINEAAARGIEWEALLVEMLGLLHRIAMVQLSPAALGNDMAAIELRMRELARTI
PPTDIQLYYQTLLIGRKELPYAPDRRMGVEMTLLRALAFHPRMPLPEPEVPRQSFAPVAPTAVMTPTQVPPQPQSAPQQA
PTVPLPETTSQVLAARQQLQRVQGATKAKKSEPAAATRARPVNNAALERLASVTDRVQARPVPSALEKAPAKKEAYRWKA
TTPVMQQKEVVATPKALKKALEHEKTPELAAKLAAEAIERDPWAAQVSQLSLPKLVEQVALNAWKEESDNAVCLHLRSSQ
RHLNNRGAQQKLAEALSMLKGSTVELTIVEDDNPAVRTPLEWRQAIYEEKLAQARESIIADNNIQTLRRFFDAELDEESI
RPI
;
B,C,D
3 'polypeptide(L)'
;MRWYPWLRPDFEKLVASYQAGRGHHALLIQALPGMGDDALIYALSRYLLCQQPQGHKSCGHCRGCQLMQAGTHPDYYTLA
PEKGKNTLGVDAVREVTEKLNEHARLGGAKVVWVTDAALLTDAAANALLKTLEEPPAETWFFLATREPERLLATLRSRCR
LHYLAPPPEQYAVTWLSREVTMSQDALLAALRLSAGSPGAALALFQGDNWQARETLCQALAYSVPSGDWYSLLAALNHEQ
APARLHWLATLLMDALKRHHGAAQVTNVDVPGLVAELANHLSPSRLQAILGDVCHIREQLMSVTGINRELLITDLLLRIE
HYLQPGVVLPVPHL
;
E
4 'polypeptide(L)'
;MTSRRDWQLQQLGITQWSLRRPGALQGEIAIAIPAHVRLVMVANDLPALTDPLVSDVLRALTVSPDQVLQLTPEKIAMLP
QGSHCNSWRLGTDEPLSLEGAQVASPALTDLRANPTARAALWQQICTYEHDFFPRND
;
F
5 'polydeoxyribonucleotide' (DT)(DT)(DA)(DG)(DT)(DT)(DA)(DC)(DA)(DA)(DC)(DA)(DT)(DA)(DC)(DT) X
6 'polydeoxyribonucleotide'
;(DT)(DT)(DT)(DT)(DT)(DT)(DT)(DT)(DT)(DT)(DT)(DA)(DG)(DT)(DA)(DT)(DG)(DT)(DT)(DG)
(DT)(DA)(DA)(DC)(DT)(DA)
;
Y
#
# COMPACT_ATOMS: atom_id res chain seq x y z
N MET A 1 -28.00 44.05 20.27
CA MET A 1 -27.90 42.57 20.24
C MET A 1 -29.26 41.93 20.00
N ILE A 2 -30.10 42.62 19.23
CA ILE A 2 -31.43 42.12 18.91
C ILE A 2 -31.30 41.17 17.73
N ARG A 3 -31.56 39.88 17.96
CA ARG A 3 -31.45 38.89 16.92
C ARG A 3 -32.53 39.10 15.86
N LEU A 4 -32.13 39.11 14.59
CA LEU A 4 -33.04 39.31 13.48
C LEU A 4 -32.63 38.35 12.36
N TYR A 5 -33.19 38.58 11.18
CA TYR A 5 -32.89 37.79 9.99
C TYR A 5 -32.37 38.70 8.88
N PRO A 6 -31.62 38.14 7.91
CA PRO A 6 -31.08 38.98 6.84
C PRO A 6 -32.15 39.72 6.05
N GLU A 7 -33.34 39.14 5.91
CA GLU A 7 -34.41 39.81 5.18
C GLU A 7 -34.82 41.12 5.87
N GLN A 8 -34.84 41.12 7.20
CA GLN A 8 -35.17 42.32 7.95
C GLN A 8 -34.00 43.29 8.08
N LEU A 9 -32.80 42.89 7.66
CA LEU A 9 -31.64 43.76 7.81
C LEU A 9 -31.81 45.05 7.00
N ARG A 10 -32.32 44.94 5.77
CA ARG A 10 -32.48 46.13 4.94
C ARG A 10 -33.44 47.12 5.57
N ALA A 11 -34.56 46.63 6.11
CA ALA A 11 -35.51 47.52 6.77
C ALA A 11 -34.89 48.17 7.99
N GLN A 12 -34.13 47.40 8.78
CA GLN A 12 -33.51 47.96 9.98
C GLN A 12 -32.51 49.05 9.63
N LEU A 13 -31.71 48.82 8.58
CA LEU A 13 -30.74 49.84 8.18
C LEU A 13 -31.42 51.10 7.69
N ASN A 14 -32.54 50.96 6.97
CA ASN A 14 -33.26 52.13 6.48
C ASN A 14 -33.77 52.98 7.62
N GLU A 15 -34.29 52.34 8.69
CA GLU A 15 -34.79 53.09 9.83
C GLU A 15 -33.66 53.87 10.49
N GLY A 16 -32.49 53.25 10.65
CA GLY A 16 -31.37 53.93 11.27
C GLY A 16 -30.14 53.04 11.23
N LEU A 17 -29.03 53.60 11.72
CA LEU A 17 -27.75 52.93 11.76
C LEU A 17 -27.24 52.88 13.19
N ARG A 18 -26.14 52.16 13.37
CA ARG A 18 -25.48 52.05 14.67
C ARG A 18 -23.97 52.03 14.45
N ALA A 19 -23.23 52.10 15.56
CA ALA A 19 -21.78 52.15 15.47
C ALA A 19 -21.18 50.81 15.07
N ALA A 20 -21.82 49.70 15.44
CA ALA A 20 -21.28 48.37 15.20
C ALA A 20 -22.37 47.45 14.67
N TYR A 21 -21.96 46.46 13.89
CA TYR A 21 -22.83 45.41 13.40
C TYR A 21 -22.14 44.07 13.63
N LEU A 22 -22.83 43.13 14.27
CA LEU A 22 -22.26 41.83 14.65
C LEU A 22 -23.20 40.74 14.14
N LEU A 23 -22.90 40.22 12.96
CA LEU A 23 -23.69 39.15 12.34
C LEU A 23 -22.88 37.85 12.37
N LEU A 24 -23.51 36.79 12.87
CA LEU A 24 -22.86 35.50 13.03
C LEU A 24 -23.62 34.44 12.24
N GLY A 25 -22.88 33.53 11.62
CA GLY A 25 -23.50 32.46 10.87
C GLY A 25 -22.44 31.62 10.18
N ASN A 26 -22.91 30.64 9.41
CA ASN A 26 -22.02 29.74 8.67
C ASN A 26 -22.42 29.61 7.21
N ASP A 27 -23.24 30.54 6.70
CA ASP A 27 -23.68 30.50 5.31
C ASP A 27 -22.96 31.59 4.52
N PRO A 28 -22.04 31.25 3.61
CA PRO A 28 -21.32 32.32 2.88
C PRO A 28 -22.23 33.25 2.10
N LEU A 29 -23.33 32.73 1.53
CA LEU A 29 -24.21 33.57 0.72
C LEU A 29 -24.85 34.67 1.56
N LEU A 30 -25.41 34.31 2.71
CA LEU A 30 -26.09 35.30 3.55
C LEU A 30 -25.11 36.35 4.07
N LEU A 31 -23.91 35.92 4.47
CA LEU A 31 -22.92 36.87 4.97
C LEU A 31 -22.54 37.89 3.89
N GLN A 32 -22.34 37.41 2.66
CA GLN A 32 -21.98 38.33 1.58
C GLN A 32 -23.10 39.33 1.30
N GLU A 33 -24.35 38.85 1.28
CA GLU A 33 -25.47 39.76 1.03
C GLU A 33 -25.58 40.81 2.11
N SER A 34 -25.46 40.40 3.38
CA SER A 34 -25.51 41.37 4.47
C SER A 34 -24.35 42.35 4.39
N GLN A 35 -23.15 41.85 4.11
CA GLN A 35 -21.99 42.73 3.99
C GLN A 35 -22.18 43.75 2.89
N ASP A 36 -22.69 43.31 1.73
CA ASP A 36 -22.92 44.23 0.63
C ASP A 36 -23.96 45.28 1.00
N ALA A 37 -25.04 44.88 1.66
CA ALA A 37 -26.09 45.82 2.03
C ALA A 37 -25.55 46.87 3.00
N VAL A 38 -24.79 46.45 4.01
CA VAL A 38 -24.22 47.40 4.95
C VAL A 38 -23.26 48.34 4.25
N ARG A 39 -22.42 47.79 3.36
CA ARG A 39 -21.49 48.64 2.62
C ARG A 39 -22.23 49.64 1.74
N GLN A 40 -23.30 49.19 1.08
CA GLN A 40 -24.08 50.10 0.24
C GLN A 40 -24.70 51.21 1.07
N VAL A 41 -25.27 50.87 2.23
CA VAL A 41 -25.87 51.89 3.09
C VAL A 41 -24.81 52.86 3.58
N ALA A 42 -23.64 52.33 3.99
CA ALA A 42 -22.58 53.19 4.47
C ALA A 42 -22.11 54.15 3.39
N ALA A 43 -21.97 53.65 2.15
CA ALA A 43 -21.55 54.52 1.06
C ALA A 43 -22.58 55.62 0.81
N ALA A 44 -23.86 55.28 0.89
CA ALA A 44 -24.90 56.29 0.69
C ALA A 44 -24.83 57.37 1.77
N GLN A 45 -24.57 56.98 3.01
CA GLN A 45 -24.49 57.94 4.11
C GLN A 45 -23.30 58.87 4.00
N GLY A 46 -22.33 58.58 3.14
CA GLY A 46 -21.18 59.44 2.94
C GLY A 46 -19.83 58.78 3.19
N PHE A 47 -19.79 57.51 3.57
CA PHE A 47 -18.50 56.84 3.77
C PHE A 47 -17.74 56.75 2.46
N GLU A 48 -16.44 57.03 2.52
CA GLU A 48 -15.59 57.08 1.34
C GLU A 48 -14.52 55.99 1.31
N GLU A 49 -14.04 55.54 2.46
CA GLU A 49 -13.02 54.50 2.53
C GLU A 49 -13.47 53.41 3.49
N HIS A 50 -13.05 52.18 3.20
CA HIS A 50 -13.42 51.02 3.98
C HIS A 50 -12.19 50.15 4.19
N HIS A 51 -12.20 49.38 5.28
CA HIS A 51 -11.08 48.55 5.66
C HIS A 51 -11.54 47.13 5.94
N THR A 52 -10.69 46.16 5.60
CA THR A 52 -10.95 44.75 5.83
C THR A 52 -9.78 44.14 6.59
N PHE A 53 -10.09 43.26 7.54
CA PHE A 53 -9.06 42.64 8.37
C PHE A 53 -9.63 41.37 8.97
N SER A 54 -8.75 40.55 9.54
CA SER A 54 -9.12 39.28 10.14
C SER A 54 -8.59 39.21 11.57
N ILE A 55 -9.40 38.64 12.47
CA ILE A 55 -9.06 38.50 13.88
C ILE A 55 -8.96 37.01 14.20
N ASP A 56 -7.85 36.62 14.81
CA ASP A 56 -7.63 35.24 15.22
C ASP A 56 -6.39 35.20 16.11
N PRO A 57 -6.20 34.10 16.86
CA PRO A 57 -4.99 34.01 17.69
C PRO A 57 -3.70 34.15 16.90
N ASN A 58 -3.67 33.66 15.65
CA ASN A 58 -2.48 33.84 14.82
C ASN A 58 -2.19 35.31 14.59
N THR A 59 -3.23 36.11 14.35
CA THR A 59 -3.06 37.55 14.19
C THR A 59 -2.49 38.14 15.47
N ASP A 60 -1.53 39.05 15.31
CA ASP A 60 -0.89 39.66 16.47
C ASP A 60 -1.91 40.43 17.29
N TRP A 61 -1.91 40.19 18.61
CA TRP A 61 -2.83 40.91 19.49
C TRP A 61 -2.48 42.40 19.54
N ASN A 62 -1.18 42.72 19.56
CA ASN A 62 -0.77 44.12 19.56
C ASN A 62 -1.20 44.81 18.27
N ALA A 63 -1.23 44.08 17.16
CA ALA A 63 -1.69 44.67 15.90
C ALA A 63 -3.14 45.12 16.02
N ILE A 64 -3.98 44.31 16.65
CA ILE A 64 -5.38 44.70 16.86
C ILE A 64 -5.45 45.98 17.69
N PHE A 65 -4.59 46.08 18.71
CA PHE A 65 -4.57 47.29 19.53
C PHE A 65 -4.23 48.52 18.71
N SER A 66 -3.25 48.40 17.81
CA SER A 66 -2.90 49.53 16.97
C SER A 66 -4.06 49.93 16.07
N LEU A 67 -4.78 48.94 15.52
CA LEU A 67 -5.96 49.25 14.71
C LEU A 67 -7.01 49.98 15.53
N CYS A 68 -7.21 49.56 16.79
CA CYS A 68 -8.13 50.28 17.67
C CYS A 68 -7.65 51.71 17.89
N GLN A 69 -6.35 51.89 18.12
CA GLN A 69 -5.80 53.22 18.30
C GLN A 69 -5.81 54.04 17.01
N ALA A 70 -5.94 53.39 15.86
CA ALA A 70 -5.94 54.12 14.59
C ALA A 70 -7.09 55.13 14.53
N MET A 71 -8.20 54.85 15.22
CA MET A 71 -9.31 55.78 15.23
C MET A 71 -8.89 57.10 15.86
N SER A 72 -9.41 58.20 15.33
CA SER A 72 -9.10 59.53 15.82
C SER A 72 -10.39 60.35 15.93
N LEU A 73 -10.35 61.35 16.81
CA LEU A 73 -11.52 62.19 17.01
C LEU A 73 -11.88 62.94 15.73
N PHE A 74 -10.89 63.48 15.03
CA PHE A 74 -11.09 64.22 13.79
C PHE A 74 -10.59 63.36 12.64
N ALA A 75 -11.51 62.72 11.93
CA ALA A 75 -11.16 61.87 10.80
C ALA A 75 -12.38 61.72 9.91
N SER A 76 -12.15 61.28 8.67
CA SER A 76 -13.23 61.04 7.75
C SER A 76 -14.00 59.78 8.15
N ARG A 77 -15.13 59.56 7.48
CA ARG A 77 -15.95 58.39 7.74
C ARG A 77 -15.26 57.14 7.20
N GLN A 78 -14.96 56.21 8.08
CA GLN A 78 -14.25 54.99 7.74
C GLN A 78 -15.07 53.77 8.20
N THR A 79 -14.86 52.65 7.51
CA THR A 79 -15.53 51.40 7.84
C THR A 79 -14.48 50.31 7.99
N LEU A 80 -14.58 49.55 9.08
CA LEU A 80 -13.65 48.47 9.38
C LEU A 80 -14.41 47.15 9.43
N LEU A 81 -13.93 46.17 8.67
CA LEU A 81 -14.53 44.84 8.62
C LEU A 81 -13.57 43.83 9.24
N LEU A 82 -14.07 43.04 10.18
CA LEU A 82 -13.29 42.04 10.88
C LEU A 82 -13.91 40.66 10.72
N LEU A 83 -13.10 39.64 10.94
CA LEU A 83 -13.54 38.25 10.86
C LEU A 83 -13.18 37.55 12.17
N LEU A 84 -14.14 36.81 12.72
CA LEU A 84 -13.91 36.13 13.99
C LEU A 84 -12.90 35.00 13.82
N PRO A 85 -12.30 34.54 14.93
CA PRO A 85 -11.36 33.41 14.83
C PRO A 85 -12.06 32.17 14.27
N GLU A 86 -11.29 31.37 13.52
CA GLU A 86 -11.84 30.16 12.95
C GLU A 86 -12.27 29.19 14.05
N ASN A 87 -11.43 29.01 15.07
CA ASN A 87 -11.79 28.12 16.17
C ASN A 87 -12.83 28.76 17.08
N GLY A 88 -12.68 30.05 17.39
CA GLY A 88 -13.62 30.75 18.23
C GLY A 88 -12.92 31.79 19.09
N PRO A 89 -13.69 32.72 19.65
CA PRO A 89 -13.09 33.77 20.49
C PRO A 89 -12.55 33.20 21.79
N ASN A 90 -11.55 33.90 22.33
CA ASN A 90 -10.92 33.53 23.58
C ASN A 90 -10.80 34.78 24.47
N ALA A 91 -10.15 34.62 25.62
CA ALA A 91 -10.04 35.72 26.56
C ALA A 91 -9.26 36.89 25.96
N ALA A 92 -8.17 36.61 25.25
CA ALA A 92 -7.38 37.68 24.65
C ALA A 92 -8.20 38.45 23.61
N ILE A 93 -8.98 37.74 22.80
CA ILE A 93 -9.84 38.41 21.83
C ILE A 93 -10.87 39.27 22.55
N ASN A 94 -11.40 38.78 23.67
CA ASN A 94 -12.35 39.57 24.44
C ASN A 94 -11.71 40.86 24.93
N GLU A 95 -10.47 40.79 25.41
CA GLU A 95 -9.77 42.00 25.83
C GLU A 95 -9.58 42.96 24.66
N GLN A 96 -9.20 42.43 23.50
CA GLN A 96 -9.03 43.29 22.33
C GLN A 96 -10.36 43.90 21.90
N LEU A 97 -11.43 43.12 21.90
CA LEU A 97 -12.72 43.62 21.45
C LEU A 97 -13.26 44.68 22.41
N LEU A 98 -13.23 44.40 23.71
CA LEU A 98 -13.73 45.37 24.68
C LEU A 98 -12.89 46.64 24.67
N THR A 99 -11.61 46.53 24.33
CA THR A 99 -10.80 47.72 24.12
C THR A 99 -11.32 48.54 22.95
N LEU A 100 -11.72 47.85 21.87
CA LEU A 100 -12.28 48.55 20.72
C LEU A 100 -13.58 49.24 21.08
N THR A 101 -14.42 48.60 21.91
CA THR A 101 -15.69 49.21 22.29
C THR A 101 -15.47 50.53 23.01
N GLY A 102 -14.45 50.59 23.88
CA GLY A 102 -14.13 51.86 24.52
C GLY A 102 -13.70 52.91 23.52
N LEU A 103 -12.99 52.50 22.47
CA LEU A 103 -12.54 53.40 21.42
C LEU A 103 -13.48 53.29 20.24
N LEU A 104 -14.61 54.00 20.33
CA LEU A 104 -15.63 54.01 19.29
C LEU A 104 -16.00 55.44 18.95
N HIS A 105 -16.19 55.71 17.66
CA HIS A 105 -16.64 57.01 17.18
C HIS A 105 -17.66 56.78 16.07
N ASP A 106 -18.50 57.80 15.86
CA ASP A 106 -19.50 57.70 14.80
C ASP A 106 -18.86 57.56 13.43
N ASP A 107 -17.68 58.15 13.23
CA ASP A 107 -17.01 58.04 11.94
C ASP A 107 -16.65 56.60 11.62
N LEU A 108 -16.14 55.86 12.61
CA LEU A 108 -15.73 54.49 12.41
C LEU A 108 -16.89 53.53 12.68
N LEU A 109 -16.97 52.47 11.88
CA LEU A 109 -17.97 51.43 12.04
C LEU A 109 -17.28 50.09 12.26
N LEU A 110 -17.89 49.24 13.08
CA LEU A 110 -17.36 47.94 13.43
C LEU A 110 -18.23 46.85 12.80
N ILE A 111 -17.59 45.95 12.06
CA ILE A 111 -18.27 44.83 11.42
C ILE A 111 -17.46 43.57 11.71
N VAL A 112 -18.10 42.58 12.31
CA VAL A 112 -17.47 41.30 12.62
C VAL A 112 -18.37 40.19 12.10
N ARG A 113 -17.78 39.21 11.42
CA ARG A 113 -18.53 38.12 10.83
C ARG A 113 -17.82 36.80 11.12
N GLY A 114 -18.60 35.76 11.39
CA GLY A 114 -18.03 34.46 11.68
C GLY A 114 -19.11 33.49 12.16
N ASN A 115 -18.65 32.40 12.77
CA ASN A 115 -19.56 31.36 13.22
C ASN A 115 -20.34 31.83 14.45
N LYS A 116 -21.41 31.10 14.76
CA LYS A 116 -22.24 31.43 15.90
C LYS A 116 -21.44 31.30 17.20
N LEU A 117 -21.69 32.21 18.13
CA LEU A 117 -21.00 32.20 19.41
C LEU A 117 -21.66 31.22 20.36
N SER A 118 -20.84 30.42 21.04
CA SER A 118 -21.36 29.48 22.02
C SER A 118 -21.89 30.23 23.24
N LYS A 119 -22.76 29.55 23.99
CA LYS A 119 -23.36 30.17 25.16
C LYS A 119 -22.30 30.64 26.16
N ALA A 120 -21.18 29.93 26.25
CA ALA A 120 -20.11 30.37 27.13
C ALA A 120 -19.54 31.71 26.68
N GLN A 121 -19.39 31.90 25.36
CA GLN A 121 -18.86 33.14 24.82
C GLN A 121 -19.87 34.28 24.84
N GLU A 122 -21.16 33.98 25.03
CA GLU A 122 -22.16 35.03 25.05
C GLU A 122 -21.92 36.00 26.21
N ASN A 123 -21.53 35.48 27.37
CA ASN A 123 -21.31 36.29 28.56
C ASN A 123 -19.94 36.97 28.57
N ALA A 124 -19.26 37.04 27.43
CA ALA A 124 -17.97 37.72 27.36
C ALA A 124 -18.14 39.21 27.61
N ALA A 125 -17.07 39.84 28.09
CA ALA A 125 -17.12 41.26 28.41
C ALA A 125 -17.41 42.10 27.17
N TRP A 126 -16.79 41.76 26.04
CA TRP A 126 -17.00 42.53 24.82
C TRP A 126 -18.45 42.45 24.36
N PHE A 127 -19.07 41.27 24.50
CA PHE A 127 -20.46 41.12 24.10
C PHE A 127 -21.37 42.03 24.92
N THR A 128 -21.13 42.09 26.24
CA THR A 128 -21.94 42.96 27.09
C THR A 128 -21.69 44.43 26.77
N ALA A 129 -20.48 44.78 26.33
CA ALA A 129 -20.18 46.17 26.02
C ALA A 129 -21.04 46.67 24.87
N LEU A 130 -21.25 45.84 23.84
CA LEU A 130 -22.04 46.19 22.67
C LEU A 130 -23.48 45.70 22.77
N ALA A 131 -24.03 45.67 23.98
CA ALA A 131 -25.39 45.19 24.16
C ALA A 131 -26.39 46.06 23.39
N ASN A 132 -26.21 47.38 23.44
CA ASN A 132 -27.11 48.32 22.77
C ASN A 132 -26.49 48.99 21.56
N ARG A 133 -25.16 49.01 21.44
CA ARG A 133 -24.50 49.69 20.33
C ARG A 133 -24.52 48.88 19.04
N SER A 134 -24.97 47.63 19.07
CA SER A 134 -24.91 46.77 17.90
C SER A 134 -26.18 45.95 17.78
N VAL A 135 -26.40 45.42 16.58
CA VAL A 135 -27.52 44.53 16.30
C VAL A 135 -26.96 43.19 15.84
N GLN A 136 -27.77 42.14 15.98
CA GLN A 136 -27.38 40.78 15.65
C GLN A 136 -28.34 40.20 14.63
N VAL A 137 -27.79 39.50 13.64
CA VAL A 137 -28.57 38.81 12.63
C VAL A 137 -27.99 37.42 12.44
N THR A 138 -28.85 36.40 12.51
CA THR A 138 -28.42 35.03 12.29
C THR A 138 -28.36 34.74 10.79
N CYS A 139 -27.32 34.01 10.39
CA CYS A 139 -27.10 33.65 8.98
C CYS A 139 -26.79 32.16 8.86
N GLN A 140 -27.58 31.34 9.53
CA GLN A 140 -27.42 29.90 9.46
C GLN A 140 -28.10 29.35 8.22
N THR A 141 -27.49 28.34 7.61
CA THR A 141 -28.05 27.73 6.41
C THR A 141 -29.35 27.02 6.77
N PRO A 142 -30.47 27.30 6.08
CA PRO A 142 -31.71 26.59 6.40
C PRO A 142 -31.56 25.09 6.17
N GLU A 143 -32.26 24.32 7.00
CA GLU A 143 -32.26 22.87 6.84
C GLU A 143 -33.19 22.46 5.70
N GLN A 144 -33.19 21.17 5.40
CA GLN A 144 -34.02 20.67 4.30
C GLN A 144 -35.50 20.92 4.55
N ALA A 145 -35.93 20.87 5.80
CA ALA A 145 -37.32 21.13 6.11
C ALA A 145 -37.71 22.57 5.78
N GLN A 146 -36.85 23.52 6.13
CA GLN A 146 -37.12 24.94 5.90
C GLN A 146 -36.60 25.42 4.56
N LEU A 147 -35.86 24.59 3.82
CA LEU A 147 -35.30 25.03 2.55
C LEU A 147 -36.35 25.46 1.54
N PRO A 148 -37.41 24.68 1.27
CA PRO A 148 -38.33 25.08 0.19
C PRO A 148 -38.96 26.45 0.40
N ARG A 149 -39.25 26.84 1.64
CA ARG A 149 -39.78 28.17 1.88
C ARG A 149 -38.78 29.25 1.46
N TRP A 150 -37.50 29.05 1.78
CA TRP A 150 -36.48 30.01 1.40
C TRP A 150 -36.37 30.13 -0.11
N VAL A 151 -36.44 29.00 -0.82
CA VAL A 151 -36.33 29.03 -2.28
C VAL A 151 -37.50 29.80 -2.88
N ALA A 152 -38.71 29.54 -2.40
CA ALA A 152 -39.88 30.22 -2.94
C ALA A 152 -39.80 31.73 -2.69
N ALA A 153 -39.38 32.13 -1.49
CA ALA A 153 -39.25 33.56 -1.20
C ALA A 153 -38.19 34.20 -2.07
N ARG A 154 -37.05 33.53 -2.26
CA ARG A 154 -36.00 34.09 -3.09
C ARG A 154 -36.45 34.19 -4.55
N ALA A 155 -37.21 33.20 -5.02
CA ALA A 155 -37.73 33.26 -6.38
C ALA A 155 -38.69 34.43 -6.54
N LYS A 156 -39.53 34.68 -5.54
CA LYS A 156 -40.46 35.80 -5.60
C LYS A 156 -39.71 37.13 -5.68
N GLN A 157 -38.52 37.21 -5.08
CA GLN A 157 -37.75 38.44 -5.14
C GLN A 157 -37.38 38.80 -6.58
N LEU A 158 -37.00 37.80 -7.38
CA LEU A 158 -36.62 38.01 -8.76
C LEU A 158 -37.80 37.89 -9.71
N ASN A 159 -39.03 38.06 -9.21
CA ASN A 159 -40.26 37.98 -10.01
C ASN A 159 -40.22 36.80 -10.97
N LEU A 160 -40.09 35.61 -10.39
CA LEU A 160 -40.09 34.35 -11.14
C LEU A 160 -41.17 33.43 -10.57
N GLU A 161 -41.75 32.61 -11.45
CA GLU A 161 -42.78 31.66 -11.08
C GLU A 161 -42.18 30.26 -11.11
N LEU A 162 -42.24 29.57 -9.98
CA LEU A 162 -41.71 28.21 -9.84
C LEU A 162 -42.83 27.27 -9.42
N ASP A 163 -42.93 26.13 -10.11
CA ASP A 163 -43.90 25.12 -9.76
C ASP A 163 -43.40 24.28 -8.58
N ASP A 164 -44.30 23.47 -8.03
CA ASP A 164 -43.93 22.61 -6.92
C ASP A 164 -42.84 21.62 -7.31
N ALA A 165 -42.97 21.04 -8.51
CA ALA A 165 -41.96 20.10 -8.97
C ALA A 165 -40.60 20.79 -9.14
N ALA A 166 -40.60 21.99 -9.70
CA ALA A 166 -39.34 22.71 -9.88
C ALA A 166 -38.69 23.03 -8.55
N ASN A 167 -39.49 23.41 -7.56
CA ASN A 167 -38.93 23.74 -6.24
C ASN A 167 -38.24 22.53 -5.63
N GLN A 168 -38.86 21.35 -5.74
CA GLN A 168 -38.25 20.14 -5.17
C GLN A 168 -36.93 19.82 -5.85
N VAL A 169 -36.86 19.98 -7.17
CA VAL A 169 -35.64 19.66 -7.91
C VAL A 169 -34.50 20.55 -7.44
N LEU A 170 -34.76 21.86 -7.30
CA LEU A 170 -33.71 22.77 -6.86
C LEU A 170 -33.21 22.42 -5.47
N CYS A 171 -34.12 22.10 -4.56
CA CYS A 171 -33.71 21.69 -3.22
C CYS A 171 -32.90 20.40 -3.26
N TYR A 172 -33.33 19.44 -4.06
CA TYR A 172 -32.65 18.14 -4.10
C TYR A 172 -31.23 18.29 -4.64
N CYS A 173 -31.05 19.08 -5.70
CA CYS A 173 -29.77 19.19 -6.37
C CYS A 173 -28.84 20.23 -5.73
N TYR A 174 -29.35 21.06 -4.82
CA TYR A 174 -28.55 22.11 -4.19
C TYR A 174 -28.82 22.16 -2.69
N GLU A 175 -28.89 21.00 -2.05
CA GLU A 175 -29.12 20.94 -0.61
C GLU A 175 -27.84 21.30 0.13
N GLY A 176 -27.91 22.33 0.96
CA GLY A 176 -26.77 22.76 1.75
C GLY A 176 -25.80 23.66 1.02
N ASN A 177 -26.07 24.02 -0.23
CA ASN A 177 -25.19 24.89 -1.02
C ASN A 177 -26.06 26.00 -1.61
N LEU A 178 -26.23 27.09 -0.86
CA LEU A 178 -27.08 28.18 -1.32
C LEU A 178 -26.40 29.03 -2.39
N LEU A 179 -25.07 29.14 -2.36
CA LEU A 179 -24.37 29.96 -3.34
C LEU A 179 -24.62 29.45 -4.76
N ALA A 180 -24.50 28.14 -4.96
CA ALA A 180 -24.81 27.58 -6.27
C ALA A 180 -26.29 27.74 -6.61
N LEU A 181 -27.16 27.54 -5.62
CA LEU A 181 -28.59 27.69 -5.86
C LEU A 181 -28.94 29.13 -6.24
N ALA A 182 -28.31 30.10 -5.56
CA ALA A 182 -28.60 31.50 -5.87
C ALA A 182 -28.23 31.84 -7.31
N GLN A 183 -27.05 31.38 -7.75
CA GLN A 183 -26.65 31.63 -9.13
C GLN A 183 -27.47 30.79 -10.11
N ALA A 184 -27.92 29.61 -9.68
CA ALA A 184 -28.73 28.77 -10.56
C ALA A 184 -30.01 29.49 -10.95
N LEU A 185 -30.66 30.14 -9.99
CA LEU A 185 -31.86 30.91 -10.32
C LEU A 185 -31.54 32.04 -11.28
N GLU A 186 -30.40 32.71 -11.09
CA GLU A 186 -30.03 33.80 -11.98
C GLU A 186 -29.83 33.29 -13.41
N ARG A 187 -29.16 32.16 -13.57
CA ARG A 187 -28.94 31.61 -14.91
C ARG A 187 -30.27 31.27 -15.58
N LEU A 188 -31.20 30.68 -14.83
CA LEU A 188 -32.49 30.32 -15.41
C LEU A 188 -33.24 31.55 -15.88
N SER A 189 -33.16 32.66 -15.14
CA SER A 189 -33.84 33.87 -15.56
C SER A 189 -33.28 34.38 -16.89
N LEU A 190 -31.95 34.31 -17.06
CA LEU A 190 -31.36 34.72 -18.33
C LEU A 190 -31.84 33.84 -19.47
N LEU A 191 -31.91 32.53 -19.25
CA LEU A 191 -32.33 31.62 -20.31
C LEU A 191 -33.77 31.89 -20.73
N TRP A 192 -34.65 32.15 -19.78
CA TRP A 192 -36.08 32.33 -20.03
C TRP A 192 -36.51 33.73 -19.61
N PRO A 193 -36.50 34.71 -20.52
CA PRO A 193 -37.00 36.04 -20.18
C PRO A 193 -38.48 36.05 -19.82
N ASP A 194 -39.24 35.02 -20.20
CA ASP A 194 -40.66 34.98 -19.88
C ASP A 194 -40.91 35.08 -18.38
N GLY A 195 -39.99 34.56 -17.58
CA GLY A 195 -40.11 34.63 -16.14
C GLY A 195 -40.81 33.45 -15.48
N LYS A 196 -41.41 32.56 -16.27
CA LYS A 196 -42.07 31.37 -15.74
C LYS A 196 -41.22 30.15 -16.06
N LEU A 197 -40.97 29.33 -15.04
CA LEU A 197 -40.11 28.16 -15.16
C LEU A 197 -40.88 26.92 -14.72
N THR A 198 -40.82 25.88 -15.54
CA THR A 198 -41.52 24.62 -15.28
C THR A 198 -40.50 23.50 -15.06
N LEU A 199 -41.02 22.31 -14.77
CA LEU A 199 -40.15 21.17 -14.52
C LEU A 199 -39.22 20.87 -15.69
N PRO A 200 -39.71 20.73 -16.93
CA PRO A 200 -38.78 20.44 -18.03
C PRO A 200 -37.72 21.51 -18.24
N ARG A 201 -38.05 22.78 -17.99
CA ARG A 201 -37.09 23.85 -18.24
C ARG A 201 -35.95 23.81 -17.22
N VAL A 202 -36.28 23.64 -15.94
CA VAL A 202 -35.24 23.70 -14.91
C VAL A 202 -34.31 22.51 -15.01
N GLU A 203 -34.84 21.32 -15.34
CA GLU A 203 -34.01 20.13 -15.37
C GLU A 203 -32.89 20.24 -16.38
N GLN A 204 -33.09 21.00 -17.45
CA GLN A 204 -32.07 21.10 -18.49
C GLN A 204 -30.83 21.84 -18.01
N ALA A 205 -31.02 22.88 -17.19
CA ALA A 205 -29.93 23.76 -16.76
C ALA A 205 -29.64 23.62 -15.27
N VAL A 206 -29.75 22.40 -14.74
CA VAL A 206 -29.45 22.12 -13.34
C VAL A 206 -28.47 20.96 -13.28
N ASN A 207 -27.34 21.17 -12.60
CA ASN A 207 -26.36 20.13 -12.36
C ASN A 207 -26.50 19.62 -10.93
N ASP A 208 -25.60 18.74 -10.53
CA ASP A 208 -25.60 18.14 -9.20
C ASP A 208 -24.45 18.70 -8.40
N ALA A 209 -24.77 19.38 -7.29
CA ALA A 209 -23.75 19.93 -6.41
C ALA A 209 -24.40 20.19 -5.06
N ALA A 210 -24.01 19.42 -4.05
CA ALA A 210 -24.58 19.55 -2.72
C ALA A 210 -23.51 19.26 -1.69
N HIS A 211 -23.70 19.82 -0.49
CA HIS A 211 -22.79 19.64 0.63
C HIS A 211 -23.53 18.95 1.77
N PHE A 212 -22.95 17.88 2.30
CA PHE A 212 -23.51 17.13 3.40
C PHE A 212 -22.46 16.96 4.50
N THR A 213 -22.91 16.49 5.64
CA THR A 213 -22.06 16.22 6.79
C THR A 213 -22.33 14.80 7.29
N PRO A 214 -21.38 14.21 8.02
CA PRO A 214 -21.60 12.84 8.50
C PRO A 214 -22.84 12.71 9.36
N PHE A 215 -23.23 13.76 10.09
CA PHE A 215 -24.42 13.68 10.92
C PHE A 215 -25.67 13.46 10.06
N HIS A 216 -25.72 14.07 8.88
CA HIS A 216 -26.85 13.84 7.98
C HIS A 216 -26.92 12.38 7.56
N TRP A 217 -25.78 11.76 7.26
CA TRP A 217 -25.77 10.36 6.88
C TRP A 217 -26.29 9.48 8.00
N VAL A 218 -25.86 9.75 9.23
CA VAL A 218 -26.35 8.96 10.37
C VAL A 218 -27.85 9.15 10.53
N ASP A 219 -28.33 10.38 10.39
CA ASP A 219 -29.76 10.64 10.54
C ASP A 219 -30.57 9.86 9.51
N ALA A 220 -30.08 9.77 8.28
CA ALA A 220 -30.80 9.04 7.25
C ALA A 220 -30.92 7.56 7.61
N LEU A 221 -29.85 6.97 8.15
CA LEU A 221 -29.88 5.55 8.49
C LEU A 221 -30.93 5.27 9.56
N LEU A 222 -31.01 6.12 10.59
CA LEU A 222 -32.01 5.92 11.62
C LEU A 222 -33.42 6.02 11.06
N MET A 223 -33.68 7.03 10.22
CA MET A 223 -35.00 7.18 9.63
C MET A 223 -35.32 6.03 8.68
N GLY A 224 -34.32 5.58 7.92
CA GLY A 224 -34.50 4.53 6.94
C GLY A 224 -34.55 4.99 5.50
N LYS A 225 -34.19 6.24 5.22
CA LYS A 225 -34.20 6.77 3.85
C LYS A 225 -32.98 6.21 3.13
N SER A 226 -33.17 5.07 2.47
CA SER A 226 -32.07 4.44 1.75
C SER A 226 -31.56 5.32 0.61
N LYS A 227 -32.48 6.00 -0.08
CA LYS A 227 -32.08 6.83 -1.22
C LYS A 227 -31.14 7.95 -0.77
N ARG A 228 -31.49 8.62 0.33
CA ARG A 228 -30.63 9.69 0.83
C ARG A 228 -29.28 9.15 1.28
N ALA A 229 -29.27 8.00 1.96
CA ALA A 229 -28.02 7.46 2.49
C ALA A 229 -27.01 7.21 1.38
N LEU A 230 -27.44 6.58 0.29
CA LEU A 230 -26.54 6.37 -0.84
C LEU A 230 -26.15 7.70 -1.47
N HIS A 231 -27.11 8.62 -1.62
CA HIS A 231 -26.79 9.92 -2.20
C HIS A 231 -25.78 10.68 -1.35
N ILE A 232 -25.96 10.66 -0.03
CA ILE A 232 -25.04 11.37 0.86
C ILE A 232 -23.64 10.77 0.75
N LEU A 233 -23.55 9.44 0.74
CA LEU A 233 -22.25 8.79 0.64
C LEU A 233 -21.53 9.17 -0.66
N GLN A 234 -22.27 9.19 -1.77
CA GLN A 234 -21.66 9.55 -3.04
C GLN A 234 -21.11 10.98 -3.00
N GLN A 235 -21.88 11.91 -2.43
CA GLN A 235 -21.39 13.29 -2.32
C GLN A 235 -20.18 13.37 -1.40
N LEU A 236 -20.23 12.66 -0.28
CA LEU A 236 -19.09 12.69 0.65
C LEU A 236 -17.84 12.11 -0.01
N ARG A 237 -17.99 11.01 -0.75
CA ARG A 237 -16.84 10.43 -1.43
C ARG A 237 -16.26 11.40 -2.46
N LEU A 238 -17.12 12.06 -3.23
CA LEU A 238 -16.64 13.04 -4.20
C LEU A 238 -15.92 14.19 -3.52
N GLU A 239 -16.46 14.66 -2.39
CA GLU A 239 -15.82 15.77 -1.68
C GLU A 239 -14.44 15.39 -1.19
N GLY A 240 -14.28 14.18 -0.67
CA GLY A 240 -13.00 13.70 -0.18
C GLY A 240 -12.96 13.59 1.33
N SER A 241 -14.11 13.29 1.94
CA SER A 241 -14.17 13.14 3.39
C SER A 241 -13.41 11.90 3.83
N GLU A 242 -12.80 11.99 5.01
CA GLU A 242 -12.05 10.87 5.55
C GLU A 242 -13.00 9.78 6.01
N PRO A 243 -12.83 8.53 5.58
CA PRO A 243 -13.74 7.47 6.06
C PRO A 243 -13.73 7.29 7.56
N VAL A 244 -12.60 7.55 8.22
CA VAL A 244 -12.50 7.31 9.65
C VAL A 244 -13.51 8.18 10.40
N ILE A 245 -13.74 9.40 9.93
CA ILE A 245 -14.70 10.29 10.58
C ILE A 245 -16.09 9.69 10.55
N LEU A 246 -16.49 9.13 9.40
CA LEU A 246 -17.82 8.54 9.29
C LEU A 246 -17.97 7.35 10.24
N LEU A 247 -16.94 6.52 10.36
CA LEU A 247 -17.02 5.35 11.23
C LEU A 247 -17.24 5.76 12.67
N ARG A 248 -16.50 6.78 13.15
CA ARG A 248 -16.62 7.20 14.53
C ARG A 248 -18.00 7.78 14.81
N THR A 249 -18.52 8.60 13.89
CA THR A 249 -19.85 9.18 14.10
C THR A 249 -20.91 8.10 14.19
N LEU A 250 -20.85 7.10 13.31
CA LEU A 250 -21.81 6.01 13.37
C LEU A 250 -21.59 5.13 14.59
N GLN A 251 -20.34 5.02 15.06
CA GLN A 251 -20.05 4.13 16.19
C GLN A 251 -20.82 4.56 17.44
N ARG A 252 -20.79 5.85 17.77
CA ARG A 252 -21.45 6.31 18.98
C ARG A 252 -22.94 6.03 18.93
N GLU A 253 -23.58 6.32 17.80
CA GLU A 253 -25.01 6.09 17.70
C GLU A 253 -25.33 4.60 17.69
N LEU A 254 -24.57 3.80 16.94
CA LEU A 254 -24.84 2.37 16.86
C LEU A 254 -24.68 1.70 18.22
N LEU A 255 -23.61 2.04 18.95
CA LEU A 255 -23.41 1.45 20.26
C LEU A 255 -24.53 1.85 21.22
N LEU A 256 -24.98 3.10 21.13
CA LEU A 256 -26.08 3.55 21.99
C LEU A 256 -27.35 2.74 21.72
N LEU A 257 -27.64 2.47 20.45
CA LEU A 257 -28.83 1.69 20.12
C LEU A 257 -28.74 0.28 20.70
N VAL A 258 -27.55 -0.33 20.62
CA VAL A 258 -27.37 -1.67 21.17
C VAL A 258 -27.63 -1.67 22.67
N ASN A 259 -27.07 -0.69 23.38
CA ASN A 259 -27.27 -0.60 24.82
C ASN A 259 -28.74 -0.38 25.16
N LEU A 260 -29.38 0.58 24.49
CA LEU A 260 -30.77 0.87 24.76
C LEU A 260 -31.66 -0.32 24.43
N LYS A 261 -31.41 -0.98 23.29
CA LYS A 261 -32.26 -2.10 22.89
C LYS A 261 -32.14 -3.25 23.88
N ARG A 262 -30.93 -3.54 24.36
CA ARG A 262 -30.74 -4.67 25.25
C ARG A 262 -31.40 -4.45 26.61
N GLN A 263 -31.25 -3.25 27.17
CA GLN A 263 -31.72 -2.96 28.51
C GLN A 263 -33.15 -2.44 28.56
N SER A 264 -33.81 -2.28 27.41
CA SER A 264 -35.18 -1.78 27.37
C SER A 264 -36.22 -2.90 27.45
N ALA A 265 -35.80 -4.16 27.60
CA ALA A 265 -36.74 -5.26 27.62
C ALA A 265 -37.66 -5.18 28.84
N HIS A 266 -37.12 -4.84 30.00
CA HIS A 266 -37.84 -4.92 31.27
C HIS A 266 -38.14 -3.55 31.88
N THR A 267 -37.82 -2.47 31.19
CA THR A 267 -38.06 -1.12 31.70
C THR A 267 -38.63 -0.26 30.58
N PRO A 268 -39.43 0.75 30.92
CA PRO A 268 -39.97 1.64 29.88
C PRO A 268 -38.85 2.38 29.16
N LEU A 269 -39.05 2.60 27.86
CA LEU A 269 -38.03 3.25 27.05
C LEU A 269 -37.88 4.73 27.37
N ARG A 270 -38.91 5.35 27.94
CA ARG A 270 -38.83 6.79 28.23
C ARG A 270 -37.74 7.08 29.25
N ALA A 271 -37.61 6.24 30.28
CA ALA A 271 -36.59 6.46 31.30
C ALA A 271 -35.20 6.38 30.70
N LEU A 272 -34.98 5.46 29.77
CA LEU A 272 -33.65 5.28 29.18
C LEU A 272 -33.19 6.56 28.49
N PHE A 273 -34.08 7.19 27.72
CA PHE A 273 -33.71 8.44 27.07
C PHE A 273 -33.37 9.52 28.09
N ASP A 274 -34.14 9.60 29.17
CA ASP A 274 -33.92 10.64 30.17
C ASP A 274 -32.55 10.49 30.82
N LYS A 275 -32.16 9.26 31.19
CA LYS A 275 -30.89 9.06 31.87
C LYS A 275 -29.70 9.14 30.93
N HIS A 276 -29.91 8.99 29.63
CA HIS A 276 -28.86 9.13 28.63
C HIS A 276 -28.79 10.55 28.06
N ARG A 277 -29.63 11.47 28.55
CA ARG A 277 -29.63 12.86 28.10
C ARG A 277 -29.86 12.95 26.59
N VAL A 278 -30.74 12.09 26.08
CA VAL A 278 -31.07 12.11 24.65
C VAL A 278 -31.81 13.40 24.34
N TRP A 279 -31.43 14.04 23.23
CA TRP A 279 -32.07 15.29 22.83
C TRP A 279 -33.55 15.06 22.56
N GLN A 280 -34.36 16.07 22.90
CA GLN A 280 -35.81 15.93 22.75
C GLN A 280 -36.20 15.74 21.30
N ASN A 281 -35.59 16.51 20.39
CA ASN A 281 -35.97 16.42 18.98
C ASN A 281 -35.63 15.06 18.38
N ARG A 282 -34.62 14.38 18.93
CA ARG A 282 -34.19 13.10 18.38
C ARG A 282 -34.94 11.91 18.98
N ARG A 283 -35.80 12.13 19.97
CA ARG A 283 -36.49 11.02 20.61
C ARG A 283 -37.35 10.26 19.60
N GLY A 284 -37.97 10.99 18.66
CA GLY A 284 -38.82 10.32 17.68
C GLY A 284 -38.07 9.33 16.81
N MET A 285 -36.91 9.75 16.30
CA MET A 285 -36.14 8.87 15.42
C MET A 285 -35.56 7.68 16.19
N MET A 286 -35.12 7.92 17.43
CA MET A 286 -34.58 6.82 18.23
C MET A 286 -35.64 5.77 18.52
N GLY A 287 -36.85 6.21 18.88
CA GLY A 287 -37.90 5.26 19.23
C GLY A 287 -38.29 4.38 18.06
N GLU A 288 -38.50 4.98 16.89
CA GLU A 288 -38.87 4.20 15.72
C GLU A 288 -37.74 3.30 15.27
N ALA A 289 -36.49 3.76 15.40
CA ALA A 289 -35.35 2.96 14.98
C ALA A 289 -35.25 1.66 15.78
N LEU A 290 -35.45 1.74 17.10
CA LEU A 290 -35.36 0.55 17.93
C LEU A 290 -36.44 -0.46 17.55
N ASN A 291 -37.66 0.01 17.33
CA ASN A 291 -38.74 -0.90 16.97
C ASN A 291 -38.46 -1.58 15.63
N ARG A 292 -37.98 -0.82 14.65
CA ARG A 292 -37.72 -1.38 13.33
C ARG A 292 -36.57 -2.39 13.38
N LEU A 293 -35.49 -2.04 14.05
CA LEU A 293 -34.33 -2.93 14.12
C LEU A 293 -34.52 -4.01 15.17
N SER A 294 -33.71 -5.05 15.05
CA SER A 294 -33.73 -6.19 15.97
C SER A 294 -32.32 -6.45 16.47
N GLN A 295 -32.21 -7.30 17.50
CA GLN A 295 -30.91 -7.59 18.09
C GLN A 295 -29.99 -8.26 17.08
N THR A 296 -30.51 -9.19 16.28
CA THR A 296 -29.68 -9.88 15.31
C THR A 296 -29.09 -8.91 14.29
N GLN A 297 -29.90 -7.98 13.80
CA GLN A 297 -29.40 -7.00 12.85
C GLN A 297 -28.33 -6.12 13.48
N LEU A 298 -28.53 -5.73 14.74
CA LEU A 298 -27.55 -4.89 15.42
C LEU A 298 -26.20 -5.59 15.55
N ARG A 299 -26.22 -6.87 15.90
CA ARG A 299 -24.96 -7.61 16.03
C ARG A 299 -24.24 -7.69 14.70
N GLN A 300 -24.96 -7.94 13.61
CA GLN A 300 -24.34 -8.00 12.30
C GLN A 300 -23.72 -6.65 11.92
N ALA A 301 -24.42 -5.56 12.22
CA ALA A 301 -23.89 -4.23 11.91
C ALA A 301 -22.61 -3.97 12.68
N VAL A 302 -22.56 -4.34 13.96
CA VAL A 302 -21.35 -4.17 14.74
C VAL A 302 -20.23 -5.03 14.16
N GLN A 303 -20.54 -6.27 13.82
CA GLN A 303 -19.52 -7.15 13.25
C GLN A 303 -19.00 -6.61 11.91
N LEU A 304 -19.91 -6.14 11.06
CA LEU A 304 -19.47 -5.54 9.79
C LEU A 304 -18.65 -4.29 10.03
N LEU A 305 -19.06 -3.45 10.99
CA LEU A 305 -18.32 -2.24 11.29
C LEU A 305 -16.92 -2.56 11.80
N THR A 306 -16.80 -3.58 12.66
CA THR A 306 -15.50 -3.94 13.20
C THR A 306 -14.55 -4.42 12.11
N ARG A 307 -15.04 -5.24 11.19
CA ARG A 307 -14.18 -5.73 10.11
C ARG A 307 -13.72 -4.58 9.22
N THR A 308 -14.61 -3.63 8.93
CA THR A 308 -14.23 -2.49 8.12
C THR A 308 -13.12 -1.68 8.79
N GLU A 309 -13.24 -1.46 10.10
CA GLU A 309 -12.21 -0.71 10.82
C GLU A 309 -10.86 -1.41 10.74
N LEU A 310 -10.84 -2.73 10.94
CA LEU A 310 -9.58 -3.46 10.90
C LEU A 310 -8.94 -3.36 9.52
N THR A 311 -9.73 -3.48 8.46
CA THR A 311 -9.18 -3.41 7.12
C THR A 311 -8.53 -2.05 6.86
N LEU A 312 -9.18 -0.97 7.30
CA LEU A 312 -8.62 0.36 7.09
C LEU A 312 -7.33 0.55 7.85
N LYS A 313 -7.27 0.10 9.11
CA LYS A 313 -6.15 0.44 9.97
C LYS A 313 -4.87 -0.28 9.55
N GLN A 314 -4.95 -1.58 9.29
CA GLN A 314 -3.78 -2.40 9.00
C GLN A 314 -3.67 -2.81 7.54
N ASP A 315 -4.74 -3.31 6.94
CA ASP A 315 -4.66 -3.79 5.57
C ASP A 315 -4.50 -2.65 4.57
N TYR A 316 -4.85 -1.42 4.95
CA TYR A 316 -4.75 -0.27 4.06
C TYR A 316 -5.53 -0.47 2.77
N GLY A 317 -6.65 -1.19 2.86
CA GLY A 317 -7.47 -1.42 1.69
C GLY A 317 -8.21 -0.15 1.27
N GLN A 318 -8.45 -0.05 -0.04
CA GLN A 318 -9.16 1.09 -0.61
C GLN A 318 -10.64 0.79 -0.84
N SER A 319 -11.13 -0.38 -0.42
CA SER A 319 -12.52 -0.77 -0.59
C SER A 319 -13.36 -0.42 0.63
N VAL A 320 -12.94 0.57 1.42
CA VAL A 320 -13.70 0.94 2.60
C VAL A 320 -15.06 1.51 2.21
N TRP A 321 -15.12 2.26 1.11
CA TRP A 321 -16.37 2.86 0.68
C TRP A 321 -17.41 1.79 0.34
N ALA A 322 -16.97 0.71 -0.31
CA ALA A 322 -17.90 -0.36 -0.64
C ALA A 322 -18.50 -0.97 0.61
N GLU A 323 -17.69 -1.15 1.66
CA GLU A 323 -18.20 -1.68 2.92
C GLU A 323 -19.24 -0.73 3.52
N LEU A 324 -18.99 0.58 3.45
CA LEU A 324 -19.95 1.54 3.99
C LEU A 324 -21.28 1.44 3.27
N GLU A 325 -21.26 1.29 1.95
CA GLU A 325 -22.51 1.15 1.21
C GLU A 325 -23.27 -0.09 1.64
N GLY A 326 -22.57 -1.21 1.83
CA GLY A 326 -23.24 -2.42 2.30
C GLY A 326 -23.82 -2.24 3.69
N LEU A 327 -23.08 -1.57 4.58
CA LEU A 327 -23.59 -1.34 5.94
C LEU A 327 -24.83 -0.46 5.90
N SER A 328 -24.84 0.56 5.04
CA SER A 328 -26.00 1.44 4.97
C SER A 328 -27.26 0.69 4.58
N LEU A 329 -27.16 -0.17 3.57
CA LEU A 329 -28.33 -0.95 3.16
C LEU A 329 -28.76 -1.92 4.25
N LEU A 330 -27.82 -2.44 5.04
CA LEU A 330 -28.17 -3.36 6.11
C LEU A 330 -29.05 -2.68 7.15
N LEU A 331 -28.73 -1.43 7.51
CA LEU A 331 -29.48 -0.71 8.52
C LEU A 331 -30.82 -0.19 8.01
N CYS A 332 -31.08 -0.28 6.70
CA CYS A 332 -32.34 0.19 6.12
C CYS A 332 -33.42 -0.89 6.14
N HIS A 333 -33.24 -1.95 6.93
CA HIS A 333 -34.20 -3.01 7.17
C HIS A 333 -34.32 -3.99 6.01
N LYS A 334 -33.66 -3.75 4.88
CA LYS A 334 -33.72 -4.69 3.77
C LYS A 334 -32.72 -5.82 4.03
N PRO A 335 -33.14 -7.09 3.98
CA PRO A 335 -32.21 -8.18 4.32
C PRO A 335 -30.99 -8.19 3.41
N LEU A 336 -29.84 -8.52 3.99
CA LEU A 336 -28.58 -8.66 3.28
C LEU A 336 -28.01 -10.04 3.57
N ALA A 337 -27.58 -10.72 2.51
CA ALA A 337 -27.07 -12.08 2.65
C ALA A 337 -25.71 -12.07 3.33
N ASP A 338 -25.25 -13.27 3.69
CA ASP A 338 -23.95 -13.45 4.32
C ASP A 338 -22.85 -13.38 3.27
N VAL A 339 -21.64 -13.78 3.64
CA VAL A 339 -20.42 -13.73 2.82
C VAL A 339 -19.97 -12.27 2.67
N PHE A 340 -20.91 -11.36 2.42
CA PHE A 340 -20.58 -9.94 2.49
C PHE A 340 -20.32 -9.50 3.92
N ILE A 341 -21.13 -9.99 4.86
CA ILE A 341 -20.90 -9.78 6.27
C ILE A 341 -19.83 -10.75 6.75
N ASP A 342 -19.09 -10.33 7.79
CA ASP A 342 -18.05 -11.16 8.43
C ASP A 342 -17.13 -11.80 7.38
N GLY A 343 -16.86 -11.09 6.30
CA GLY A 343 -15.98 -11.60 5.26
C GLY A 343 -16.54 -12.80 4.53
N SER B 2 2.98 18.36 -41.92
CA SER B 2 2.07 19.22 -42.67
C SER B 2 0.62 18.88 -42.36
N TYR B 3 -0.30 19.52 -43.08
CA TYR B 3 -1.74 19.32 -42.94
C TYR B 3 -2.26 19.73 -41.57
N GLN B 4 -1.46 20.41 -40.76
CA GLN B 4 -1.89 20.85 -39.44
C GLN B 4 -2.40 19.67 -38.62
N VAL B 5 -3.18 19.95 -37.58
CA VAL B 5 -3.82 18.92 -36.77
C VAL B 5 -5.31 19.23 -36.70
N LEU B 6 -6.11 18.18 -36.54
CA LEU B 6 -7.56 18.36 -36.53
C LEU B 6 -7.99 19.25 -35.37
N ALA B 7 -7.38 19.07 -34.19
CA ALA B 7 -7.76 19.89 -33.05
C ALA B 7 -7.41 21.36 -33.28
N ARG B 8 -6.16 21.63 -33.69
CA ARG B 8 -5.75 23.02 -33.89
C ARG B 8 -6.45 23.63 -35.09
N LYS B 9 -6.59 22.87 -36.18
CA LYS B 9 -7.14 23.43 -37.41
C LYS B 9 -8.60 23.83 -37.23
N TRP B 10 -9.41 22.93 -36.67
CA TRP B 10 -10.85 23.13 -36.59
C TRP B 10 -11.27 23.76 -35.26
N ARG B 11 -10.64 24.88 -34.92
CA ARG B 11 -11.07 25.63 -33.75
C ARG B 11 -12.42 26.31 -34.03
N PRO B 12 -13.36 26.28 -33.09
CA PRO B 12 -14.60 27.03 -33.29
C PRO B 12 -14.32 28.52 -33.44
N GLN B 13 -15.08 29.16 -34.33
CA GLN B 13 -14.92 30.59 -34.59
C GLN B 13 -16.22 31.37 -34.46
N THR B 14 -17.33 30.72 -34.15
CA THR B 14 -18.61 31.41 -34.00
C THR B 14 -19.47 30.60 -33.05
N PHE B 15 -20.46 31.27 -32.46
CA PHE B 15 -21.37 30.60 -31.52
C PHE B 15 -22.14 29.47 -32.19
N ALA B 16 -22.31 29.52 -33.51
CA ALA B 16 -23.00 28.45 -34.21
C ALA B 16 -22.15 27.19 -34.34
N ASP B 17 -20.82 27.36 -34.44
CA ASP B 17 -19.94 26.21 -34.61
C ASP B 17 -19.80 25.38 -33.33
N VAL B 18 -20.13 25.95 -32.17
CA VAL B 18 -19.98 25.23 -30.92
C VAL B 18 -21.05 24.14 -30.84
N VAL B 19 -20.62 22.93 -30.54
CA VAL B 19 -21.52 21.77 -30.48
C VAL B 19 -22.14 21.70 -29.09
N GLY B 20 -23.46 21.68 -29.04
CA GLY B 20 -24.13 21.59 -27.76
C GLY B 20 -23.89 22.82 -26.91
N GLN B 21 -23.86 22.61 -25.60
CA GLN B 21 -23.66 23.70 -24.63
C GLN B 21 -24.71 24.79 -24.81
N GLU B 22 -25.96 24.37 -25.00
CA GLU B 22 -27.04 25.33 -25.22
C GLU B 22 -27.25 26.20 -23.99
N HIS B 23 -27.19 25.61 -22.79
CA HIS B 23 -27.47 26.36 -21.58
C HIS B 23 -26.39 27.39 -21.25
N VAL B 24 -25.25 27.36 -21.94
CA VAL B 24 -24.20 28.36 -21.75
C VAL B 24 -24.28 29.45 -22.83
N LEU B 25 -24.36 29.05 -24.09
CA LEU B 25 -24.41 30.03 -25.17
C LEU B 25 -25.69 30.87 -25.10
N THR B 26 -26.82 30.24 -24.77
CA THR B 26 -28.07 31.00 -24.70
C THR B 26 -28.00 32.09 -23.64
N ALA B 27 -27.44 31.77 -22.47
CA ALA B 27 -27.32 32.77 -21.42
C ALA B 27 -26.40 33.91 -21.84
N LEU B 28 -25.26 33.59 -22.47
CA LEU B 28 -24.33 34.62 -22.91
C LEU B 28 -24.98 35.52 -23.96
N ALA B 29 -25.70 34.94 -24.91
CA ALA B 29 -26.31 35.75 -25.97
C ALA B 29 -27.32 36.73 -25.39
N ASN B 30 -28.15 36.27 -24.46
CA ASN B 30 -29.13 37.16 -23.83
C ASN B 30 -28.43 38.27 -23.06
N GLY B 31 -27.37 37.94 -22.31
CA GLY B 31 -26.70 38.94 -21.51
C GLY B 31 -26.08 40.04 -22.34
N LEU B 32 -25.38 39.67 -23.41
CA LEU B 32 -24.75 40.67 -24.27
C LEU B 32 -25.80 41.53 -24.96
N SER B 33 -26.88 40.92 -25.44
CA SER B 33 -27.91 41.68 -26.13
C SER B 33 -28.59 42.67 -25.20
N LEU B 34 -28.90 42.25 -23.97
CA LEU B 34 -29.58 43.11 -23.02
C LEU B 34 -28.64 44.05 -22.28
N GLY B 35 -27.33 43.86 -22.39
CA GLY B 35 -26.37 44.71 -21.73
C GLY B 35 -26.06 44.34 -20.30
N ARG B 36 -26.75 43.33 -19.74
CA ARG B 36 -26.49 42.88 -18.38
C ARG B 36 -25.28 41.96 -18.41
N ILE B 37 -24.11 42.52 -18.07
CA ILE B 37 -22.84 41.80 -18.14
C ILE B 37 -22.19 41.84 -16.77
N HIS B 38 -21.75 40.68 -16.29
CA HIS B 38 -21.04 40.61 -15.02
C HIS B 38 -19.56 40.95 -15.23
N HIS B 39 -18.80 40.93 -14.14
CA HIS B 39 -17.38 41.24 -14.18
C HIS B 39 -16.49 40.00 -14.17
N ALA B 40 -16.98 38.88 -13.63
CA ALA B 40 -16.21 37.65 -13.53
C ALA B 40 -17.03 36.48 -14.04
N TYR B 41 -16.42 35.69 -14.93
CA TYR B 41 -17.04 34.48 -15.47
C TYR B 41 -16.13 33.29 -15.19
N LEU B 42 -16.73 32.18 -14.74
CA LEU B 42 -16.02 30.95 -14.45
C LEU B 42 -16.59 29.83 -15.32
N PHE B 43 -15.70 29.08 -15.96
CA PHE B 43 -16.08 27.95 -16.81
C PHE B 43 -15.51 26.67 -16.21
N SER B 44 -16.37 25.68 -16.00
CA SER B 44 -15.98 24.40 -15.44
C SER B 44 -16.59 23.27 -16.26
N GLY B 45 -15.86 22.16 -16.33
CA GLY B 45 -16.32 21.00 -17.07
C GLY B 45 -15.20 20.01 -17.27
N THR B 46 -15.54 18.93 -17.96
CA THR B 46 -14.57 17.88 -18.24
C THR B 46 -13.52 18.35 -19.23
N ARG B 47 -12.43 17.60 -19.31
CA ARG B 47 -11.33 17.97 -20.19
C ARG B 47 -11.76 17.94 -21.64
N GLY B 48 -11.26 18.89 -22.42
CA GLY B 48 -11.54 18.93 -23.85
C GLY B 48 -13.02 19.05 -24.16
N VAL B 49 -13.74 19.87 -23.40
CA VAL B 49 -15.17 20.06 -23.62
C VAL B 49 -15.49 21.41 -24.24
N GLY B 50 -14.52 22.32 -24.35
CA GLY B 50 -14.71 23.58 -25.04
C GLY B 50 -14.72 24.78 -24.13
N LYS B 51 -14.05 24.69 -22.98
CA LYS B 51 -14.02 25.81 -22.05
C LYS B 51 -13.22 26.97 -22.62
N THR B 52 -12.01 26.70 -23.13
CA THR B 52 -11.18 27.77 -23.68
C THR B 52 -11.79 28.34 -24.95
N SER B 53 -12.36 27.48 -25.81
CA SER B 53 -12.92 27.96 -27.06
C SER B 53 -14.06 28.95 -26.83
N ILE B 54 -14.96 28.64 -25.89
CA ILE B 54 -16.05 29.55 -25.61
C ILE B 54 -15.54 30.86 -25.03
N ALA B 55 -14.51 30.79 -24.18
CA ALA B 55 -13.98 32.00 -23.56
C ALA B 55 -13.46 32.97 -24.61
N ARG B 56 -12.71 32.46 -25.60
CA ARG B 56 -12.18 33.34 -26.64
C ARG B 56 -13.30 33.94 -27.47
N LEU B 57 -14.34 33.17 -27.77
CA LEU B 57 -15.47 33.71 -28.53
C LEU B 57 -16.16 34.83 -27.76
N LEU B 58 -16.36 34.64 -26.45
CA LEU B 58 -16.97 35.69 -25.64
C LEU B 58 -16.11 36.95 -25.62
N ALA B 59 -14.79 36.77 -25.50
CA ALA B 59 -13.89 37.93 -25.52
C ALA B 59 -13.96 38.66 -26.84
N LYS B 60 -14.00 37.92 -27.95
CA LYS B 60 -14.05 38.57 -29.26
C LYS B 60 -15.35 39.34 -29.44
N GLY B 61 -16.46 38.80 -28.95
CA GLY B 61 -17.73 39.50 -29.09
C GLY B 61 -17.77 40.81 -28.35
N LEU B 62 -17.24 40.84 -27.12
CA LEU B 62 -17.25 42.07 -26.34
C LEU B 62 -16.39 43.14 -27.00
N ASN B 63 -15.25 42.75 -27.55
CA ASN B 63 -14.26 43.68 -28.07
C ASN B 63 -14.44 43.97 -29.56
N CYS B 64 -15.51 43.46 -30.18
CA CYS B 64 -15.70 43.63 -31.60
C CYS B 64 -15.95 45.09 -31.95
N GLU B 65 -15.60 45.46 -33.19
CA GLU B 65 -15.77 46.84 -33.64
C GLU B 65 -17.24 47.23 -33.65
N THR B 66 -18.12 46.34 -34.09
CA THR B 66 -19.53 46.69 -34.21
C THR B 66 -20.12 47.05 -32.86
N GLY B 67 -19.80 46.29 -31.82
CA GLY B 67 -20.31 46.55 -30.49
C GLY B 67 -20.42 45.25 -29.71
N ILE B 68 -21.24 45.31 -28.66
CA ILE B 68 -21.49 44.13 -27.83
C ILE B 68 -22.59 43.31 -28.49
N THR B 69 -22.20 42.41 -29.39
CA THR B 69 -23.13 41.61 -30.17
C THR B 69 -22.90 40.13 -29.88
N ALA B 70 -23.99 39.38 -29.76
CA ALA B 70 -23.87 37.96 -29.48
C ALA B 70 -23.21 37.21 -30.62
N THR B 71 -23.33 37.73 -31.86
CA THR B 71 -22.74 37.11 -33.03
C THR B 71 -21.64 38.01 -33.58
N PRO B 72 -20.37 37.75 -33.27
CA PRO B 72 -19.31 38.60 -33.82
C PRO B 72 -19.25 38.53 -35.34
N CYS B 73 -18.88 39.65 -35.96
CA CYS B 73 -18.78 39.69 -37.41
C CYS B 73 -17.71 38.73 -37.91
N GLY B 74 -16.56 38.70 -37.23
CA GLY B 74 -15.48 37.83 -37.64
C GLY B 74 -14.65 38.33 -38.80
N VAL B 75 -14.85 39.58 -39.22
CA VAL B 75 -14.14 40.14 -40.36
C VAL B 75 -13.38 41.41 -40.03
N CYS B 76 -13.77 42.15 -38.99
CA CYS B 76 -13.07 43.39 -38.66
C CYS B 76 -11.67 43.08 -38.14
N ASP B 77 -10.86 44.14 -38.01
CA ASP B 77 -9.47 43.96 -37.60
C ASP B 77 -9.38 43.33 -36.22
N ASN B 78 -10.25 43.74 -35.29
CA ASN B 78 -10.19 43.19 -33.94
C ASN B 78 -10.45 41.69 -33.94
N CYS B 79 -11.44 41.24 -34.72
CA CYS B 79 -11.79 39.82 -34.71
C CYS B 79 -10.63 38.96 -35.21
N ARG B 80 -10.01 39.35 -36.33
CA ARG B 80 -8.93 38.55 -36.89
C ARG B 80 -7.72 38.52 -35.95
N GLU B 81 -7.39 39.66 -35.35
CA GLU B 81 -6.23 39.69 -34.44
C GLU B 81 -6.46 38.79 -33.24
N ILE B 82 -7.67 38.80 -32.68
CA ILE B 82 -7.96 37.93 -31.53
C ILE B 82 -7.82 36.47 -31.93
N GLU B 83 -8.33 36.10 -33.10
CA GLU B 83 -8.21 34.71 -33.55
C GLU B 83 -6.75 34.33 -33.74
N GLN B 84 -5.95 35.23 -34.32
CA GLN B 84 -4.52 34.96 -34.49
C GLN B 84 -3.75 35.02 -33.18
N GLY B 85 -4.34 35.58 -32.13
CA GLY B 85 -3.67 35.61 -30.83
C GLY B 85 -2.63 36.70 -30.68
N ARG B 86 -2.76 37.79 -31.43
CA ARG B 86 -1.83 38.91 -31.36
C ARG B 86 -2.59 40.22 -31.16
N PHE B 87 -3.55 40.21 -30.23
CA PHE B 87 -4.36 41.38 -29.93
C PHE B 87 -3.92 41.95 -28.59
N VAL B 88 -3.62 43.25 -28.57
CA VAL B 88 -2.99 43.86 -27.40
C VAL B 88 -3.96 43.90 -26.22
N ASP B 89 -5.22 44.27 -26.46
CA ASP B 89 -6.16 44.43 -25.36
C ASP B 89 -6.61 43.11 -24.76
N LEU B 90 -6.32 41.97 -25.39
CA LEU B 90 -6.64 40.66 -24.85
C LEU B 90 -5.38 40.07 -24.24
N ILE B 91 -5.42 39.82 -22.94
CA ILE B 91 -4.28 39.27 -22.19
C ILE B 91 -4.65 37.86 -21.76
N GLU B 92 -3.93 36.88 -22.29
CA GLU B 92 -4.11 35.48 -21.95
C GLU B 92 -2.96 35.04 -21.05
N ILE B 93 -3.30 34.47 -19.89
CA ILE B 93 -2.33 34.10 -18.87
C ILE B 93 -2.48 32.62 -18.57
N ASP B 94 -1.36 31.91 -18.59
CA ASP B 94 -1.32 30.49 -18.23
C ASP B 94 -0.98 30.41 -16.74
N ALA B 95 -2.02 30.30 -15.91
CA ALA B 95 -1.81 30.26 -14.47
C ALA B 95 -0.97 29.06 -14.04
N ALA B 96 -1.02 27.98 -14.82
CA ALA B 96 -0.25 26.79 -14.48
C ALA B 96 1.25 27.08 -14.49
N SER B 97 1.71 27.82 -15.50
CA SER B 97 3.13 28.15 -15.63
C SER B 97 3.53 29.37 -14.83
N ARG B 98 2.57 30.14 -14.31
CA ARG B 98 2.84 31.34 -13.50
C ARG B 98 2.01 31.22 -12.23
N THR B 99 2.57 30.58 -11.22
CA THR B 99 1.88 30.35 -9.95
C THR B 99 2.32 31.30 -8.84
N LYS B 100 3.58 31.70 -8.83
CA LYS B 100 4.08 32.55 -7.76
C LYS B 100 3.43 33.93 -7.81
N VAL B 101 3.23 34.51 -6.62
CA VAL B 101 2.58 35.82 -6.53
C VAL B 101 3.46 36.93 -7.09
N GLU B 102 4.76 36.68 -7.27
CA GLU B 102 5.64 37.71 -7.80
C GLU B 102 5.21 38.13 -9.20
N ASP B 103 4.87 37.15 -10.05
CA ASP B 103 4.41 37.47 -11.39
C ASP B 103 2.99 38.01 -11.40
N THR B 104 2.15 37.58 -10.45
CA THR B 104 0.76 38.03 -10.42
C THR B 104 0.69 39.53 -10.18
N ARG B 105 1.51 40.06 -9.27
CA ARG B 105 1.46 41.48 -8.96
C ARG B 105 1.75 42.33 -10.19
N ASP B 106 2.75 41.94 -10.97
CA ASP B 106 3.07 42.69 -12.19
C ASP B 106 1.89 42.69 -13.15
N LEU B 107 1.20 41.56 -13.28
CA LEU B 107 0.04 41.48 -14.16
C LEU B 107 -1.07 42.42 -13.69
N LEU B 108 -1.32 42.45 -12.38
CA LEU B 108 -2.45 43.22 -11.86
C LEU B 108 -2.14 44.69 -11.67
N ASP B 109 -0.88 45.11 -11.81
CA ASP B 109 -0.56 46.53 -11.67
C ASP B 109 -1.20 47.36 -12.77
N ASN B 110 -1.24 46.85 -13.99
CA ASN B 110 -1.70 47.60 -15.14
C ASN B 110 -3.20 47.46 -15.40
N VAL B 111 -3.97 47.10 -14.38
CA VAL B 111 -5.42 46.99 -14.56
C VAL B 111 -6.07 48.37 -14.60
N GLN B 112 -5.47 49.36 -13.94
CA GLN B 112 -6.07 50.69 -13.89
C GLN B 112 -6.07 51.37 -15.25
N TYR B 113 -5.04 51.13 -16.06
CA TYR B 113 -4.93 51.80 -17.35
C TYR B 113 -6.08 51.39 -18.27
N ALA B 114 -6.60 52.36 -19.02
CA ALA B 114 -7.70 52.10 -19.92
C ALA B 114 -7.24 51.27 -21.12
N PRO B 115 -8.14 50.52 -21.75
CA PRO B 115 -7.75 49.74 -22.93
C PRO B 115 -7.25 50.63 -24.05
N ALA B 116 -6.25 50.14 -24.78
CA ALA B 116 -5.63 50.94 -25.84
C ALA B 116 -6.53 51.03 -27.07
N ARG B 117 -7.15 49.92 -27.47
CA ARG B 117 -7.91 49.88 -28.71
C ARG B 117 -9.22 49.11 -28.59
N GLY B 118 -9.73 48.90 -27.38
CA GLY B 118 -10.92 48.09 -27.20
C GLY B 118 -11.85 48.71 -26.17
N ARG B 119 -13.11 48.27 -26.24
CA ARG B 119 -14.10 48.73 -25.27
C ARG B 119 -13.76 48.24 -23.86
N PHE B 120 -13.28 47.01 -23.75
CA PHE B 120 -12.91 46.41 -22.48
C PHE B 120 -11.55 45.74 -22.61
N LYS B 121 -10.84 45.66 -21.48
CA LYS B 121 -9.60 44.90 -21.39
C LYS B 121 -9.92 43.59 -20.68
N VAL B 122 -9.86 42.49 -21.43
CA VAL B 122 -10.28 41.17 -20.93
C VAL B 122 -9.04 40.38 -20.54
N TYR B 123 -9.04 39.85 -19.32
CA TYR B 123 -7.98 38.99 -18.84
C TYR B 123 -8.48 37.55 -18.82
N LEU B 124 -7.80 36.68 -19.56
CA LEU B 124 -8.15 35.26 -19.67
C LEU B 124 -7.13 34.46 -18.88
N ILE B 125 -7.61 33.71 -17.90
CA ILE B 125 -6.76 32.92 -17.01
C ILE B 125 -7.09 31.45 -17.23
N ASP B 126 -6.09 30.69 -17.67
CA ASP B 126 -6.24 29.26 -17.92
C ASP B 126 -5.60 28.47 -16.79
N GLU B 127 -6.29 27.42 -16.33
CA GLU B 127 -5.82 26.59 -15.24
C GLU B 127 -5.59 27.42 -13.98
N VAL B 128 -6.60 28.23 -13.65
CA VAL B 128 -6.48 29.16 -12.52
C VAL B 128 -6.36 28.42 -11.20
N HIS B 129 -6.67 27.13 -11.16
CA HIS B 129 -6.60 26.37 -9.92
C HIS B 129 -5.17 26.05 -9.49
N MET B 130 -4.16 26.53 -10.21
CA MET B 130 -2.76 26.30 -9.87
C MET B 130 -2.08 27.56 -9.36
N LEU B 131 -2.82 28.41 -8.66
CA LEU B 131 -2.30 29.65 -8.10
C LEU B 131 -2.07 29.49 -6.60
N SER B 132 -0.95 30.02 -6.12
CA SER B 132 -0.60 29.89 -4.72
C SER B 132 -1.59 30.67 -3.85
N ARG B 133 -1.42 30.52 -2.53
CA ARG B 133 -2.31 31.20 -1.59
C ARG B 133 -2.21 32.71 -1.72
N HIS B 134 -0.98 33.23 -1.85
CA HIS B 134 -0.82 34.68 -1.99
C HIS B 134 -1.41 35.16 -3.31
N SER B 135 -1.29 34.38 -4.38
CA SER B 135 -1.84 34.79 -5.66
C SER B 135 -3.36 34.94 -5.59
N PHE B 136 -4.04 34.03 -4.90
CA PHE B 136 -5.48 34.18 -4.72
C PHE B 136 -5.82 35.45 -3.96
N ASN B 137 -5.04 35.76 -2.91
CA ASN B 137 -5.28 36.99 -2.16
C ASN B 137 -5.11 38.22 -3.05
N ALA B 138 -4.06 38.25 -3.86
CA ALA B 138 -3.87 39.37 -4.77
C ALA B 138 -4.99 39.45 -5.79
N LEU B 139 -5.38 38.29 -6.34
CA LEU B 139 -6.49 38.27 -7.30
C LEU B 139 -7.80 38.71 -6.64
N LEU B 140 -8.04 38.26 -5.42
CA LEU B 140 -9.26 38.64 -4.72
C LEU B 140 -9.26 40.14 -4.44
N LYS B 141 -8.11 40.70 -4.08
CA LYS B 141 -8.04 42.13 -3.76
C LYS B 141 -8.45 42.98 -4.97
N THR B 142 -7.90 42.67 -6.15
CA THR B 142 -8.24 43.43 -7.34
C THR B 142 -9.62 43.10 -7.88
N LEU B 143 -10.16 41.93 -7.55
CA LEU B 143 -11.48 41.54 -8.04
C LEU B 143 -12.62 42.09 -7.19
N GLU B 144 -12.34 42.49 -5.94
CA GLU B 144 -13.40 43.03 -5.08
C GLU B 144 -13.95 44.34 -5.64
N GLU B 145 -13.07 45.21 -6.14
CA GLU B 145 -13.45 46.52 -6.67
C GLU B 145 -12.81 46.68 -8.04
N PRO B 146 -13.35 46.03 -9.07
CA PRO B 146 -12.75 46.09 -10.39
C PRO B 146 -13.19 47.35 -11.14
N PRO B 147 -12.33 47.91 -11.98
CA PRO B 147 -12.78 49.01 -12.84
C PRO B 147 -13.86 48.54 -13.81
N GLU B 148 -14.69 49.49 -14.25
CA GLU B 148 -15.80 49.17 -15.14
C GLU B 148 -15.33 48.80 -16.55
N HIS B 149 -14.06 49.02 -16.88
CA HIS B 149 -13.56 48.81 -18.23
C HIS B 149 -12.69 47.57 -18.35
N VAL B 150 -12.81 46.62 -17.41
CA VAL B 150 -12.07 45.36 -17.47
C VAL B 150 -13.00 44.21 -17.15
N LYS B 151 -12.66 43.04 -17.65
CA LYS B 151 -13.41 41.81 -17.39
C LYS B 151 -12.42 40.67 -17.13
N PHE B 152 -12.87 39.69 -16.36
CA PHE B 152 -12.06 38.54 -16.00
C PHE B 152 -12.78 37.27 -16.39
N LEU B 153 -12.11 36.41 -17.17
CA LEU B 153 -12.66 35.13 -17.60
C LEU B 153 -11.79 34.03 -17.00
N LEU B 154 -12.42 33.11 -16.27
CA LEU B 154 -11.72 32.05 -15.56
C LEU B 154 -12.14 30.70 -16.13
N ALA B 155 -11.16 29.86 -16.43
CA ALA B 155 -11.41 28.51 -16.95
C ALA B 155 -10.58 27.51 -16.14
N THR B 156 -11.22 26.47 -15.64
CA THR B 156 -10.54 25.44 -14.87
C THR B 156 -11.41 24.19 -14.83
N THR B 157 -10.76 23.07 -14.55
CA THR B 157 -11.44 21.79 -14.37
C THR B 157 -11.55 21.37 -12.92
N ASP B 158 -11.02 22.17 -11.98
CA ASP B 158 -11.02 21.86 -10.56
C ASP B 158 -11.53 23.07 -9.79
N PRO B 159 -12.84 23.35 -9.87
CA PRO B 159 -13.39 24.49 -9.12
C PRO B 159 -13.30 24.33 -7.61
N GLN B 160 -13.12 23.10 -7.11
CA GLN B 160 -13.07 22.88 -5.68
C GLN B 160 -11.87 23.59 -5.06
N LYS B 161 -10.72 23.55 -5.73
CA LYS B 161 -9.50 24.13 -5.16
C LYS B 161 -9.60 25.64 -4.97
N LEU B 162 -10.49 26.31 -5.70
CA LEU B 162 -10.58 27.76 -5.59
C LEU B 162 -11.14 28.14 -4.22
N PRO B 163 -10.68 29.25 -3.63
CA PRO B 163 -11.28 29.70 -2.36
C PRO B 163 -12.75 30.05 -2.55
N VAL B 164 -13.52 29.87 -1.47
CA VAL B 164 -14.95 30.18 -1.52
C VAL B 164 -15.17 31.66 -1.78
N THR B 165 -14.25 32.51 -1.34
CA THR B 165 -14.41 33.95 -1.53
C THR B 165 -14.44 34.31 -3.01
N ILE B 166 -13.54 33.72 -3.80
CA ILE B 166 -13.52 34.01 -5.23
C ILE B 166 -14.75 33.44 -5.92
N LEU B 167 -15.19 32.25 -5.51
CA LEU B 167 -16.34 31.62 -6.14
C LEU B 167 -17.59 32.48 -5.96
N SER B 168 -17.78 33.05 -4.77
CA SER B 168 -18.97 33.84 -4.49
C SER B 168 -19.02 35.15 -5.26
N ARG B 169 -17.91 35.57 -5.87
CA ARG B 169 -17.83 36.84 -6.61
C ARG B 169 -17.66 36.61 -8.11
N CYS B 170 -18.31 35.59 -8.64
CA CYS B 170 -18.26 35.32 -10.07
C CYS B 170 -19.39 34.37 -10.44
N LEU B 171 -19.86 34.49 -11.68
CA LEU B 171 -20.89 33.61 -12.20
C LEU B 171 -20.23 32.43 -12.89
N GLN B 172 -20.60 31.22 -12.49
CA GLN B 172 -19.98 29.99 -12.96
C GLN B 172 -20.94 29.25 -13.87
N PHE B 173 -20.43 28.80 -15.03
CA PHE B 173 -21.16 27.95 -15.96
C PHE B 173 -20.50 26.57 -15.98
N HIS B 174 -21.28 25.54 -15.71
CA HIS B 174 -20.78 24.16 -15.66
C HIS B 174 -21.12 23.48 -16.97
N LEU B 175 -20.13 23.31 -17.83
CA LEU B 175 -20.33 22.63 -19.10
C LEU B 175 -20.60 21.15 -18.87
N LYS B 176 -21.53 20.60 -19.63
CA LYS B 176 -21.97 19.22 -19.49
C LYS B 176 -21.20 18.31 -20.45
N ALA B 177 -21.22 17.02 -20.14
CA ALA B 177 -20.60 16.04 -21.02
C ALA B 177 -21.25 16.11 -22.40
N LEU B 178 -20.44 15.97 -23.45
CA LEU B 178 -20.88 16.26 -24.81
C LEU B 178 -21.54 15.03 -25.46
N ASP B 179 -22.50 14.43 -24.75
CA ASP B 179 -23.35 13.38 -25.29
C ASP B 179 -22.55 12.31 -26.03
N VAL B 180 -23.20 11.59 -26.95
CA VAL B 180 -22.52 10.60 -27.78
C VAL B 180 -22.81 10.91 -29.24
N GLU B 181 -24.09 11.07 -29.58
CA GLU B 181 -24.45 11.36 -30.96
C GLU B 181 -23.88 12.69 -31.43
N GLN B 182 -23.80 13.68 -30.53
CA GLN B 182 -23.25 14.98 -30.90
C GLN B 182 -21.81 14.85 -31.37
N ILE B 183 -21.02 14.01 -30.68
CA ILE B 183 -19.64 13.79 -31.11
C ILE B 183 -19.62 13.16 -32.49
N ARG B 184 -20.49 12.18 -32.73
CA ARG B 184 -20.51 11.51 -34.03
C ARG B 184 -20.84 12.49 -35.14
N HIS B 185 -21.81 13.38 -34.93
CA HIS B 185 -22.20 14.33 -35.96
C HIS B 185 -21.05 15.25 -36.33
N GLN B 186 -20.31 15.73 -35.33
CA GLN B 186 -19.18 16.61 -35.60
C GLN B 186 -18.10 15.88 -36.39
N LEU B 187 -17.81 14.63 -36.03
CA LEU B 187 -16.80 13.86 -36.76
C LEU B 187 -17.19 13.68 -38.22
N GLU B 188 -18.46 13.38 -38.47
CA GLU B 188 -18.93 13.25 -39.85
C GLU B 188 -18.77 14.56 -40.60
N HIS B 189 -19.10 15.68 -39.96
CA HIS B 189 -18.96 16.97 -40.62
C HIS B 189 -17.50 17.26 -40.96
N ILE B 190 -16.59 16.98 -40.02
CA ILE B 190 -15.18 17.29 -40.24
C ILE B 190 -14.60 16.41 -41.35
N LEU B 191 -14.94 15.12 -41.34
CA LEU B 191 -14.30 14.19 -42.28
C LEU B 191 -14.67 14.50 -43.72
N ASN B 192 -15.97 14.65 -44.01
CA ASN B 192 -16.37 14.93 -45.38
C ASN B 192 -15.85 16.28 -45.85
N GLU B 193 -15.76 17.26 -44.94
CA GLU B 193 -15.15 18.54 -45.29
C GLU B 193 -13.66 18.39 -45.56
N GLU B 194 -13.02 17.37 -45.00
CA GLU B 194 -11.61 17.10 -45.22
C GLU B 194 -11.37 16.12 -46.37
N HIS B 195 -12.43 15.63 -47.02
CA HIS B 195 -12.31 14.68 -48.12
C HIS B 195 -11.63 13.39 -47.65
N ILE B 196 -12.25 12.76 -46.66
CA ILE B 196 -11.76 11.51 -46.08
C ILE B 196 -12.90 10.50 -46.08
N ALA B 197 -12.64 9.31 -46.60
CA ALA B 197 -13.64 8.26 -46.62
C ALA B 197 -13.89 7.73 -45.21
N HIS B 198 -15.13 7.34 -44.96
CA HIS B 198 -15.52 6.84 -43.65
C HIS B 198 -16.75 5.96 -43.81
N GLU B 199 -17.05 5.22 -42.75
CA GLU B 199 -18.20 4.33 -42.70
C GLU B 199 -18.99 4.57 -41.42
N PRO B 200 -20.30 4.28 -41.43
CA PRO B 200 -21.09 4.54 -40.21
C PRO B 200 -20.58 3.82 -38.98
N ARG B 201 -20.11 2.57 -39.13
CA ARG B 201 -19.62 1.83 -37.98
C ARG B 201 -18.38 2.48 -37.38
N ALA B 202 -17.48 2.97 -38.22
CA ALA B 202 -16.24 3.56 -37.72
C ALA B 202 -16.52 4.76 -36.84
N LEU B 203 -17.44 5.63 -37.26
CA LEU B 203 -17.74 6.83 -36.48
C LEU B 203 -18.35 6.47 -35.13
N GLN B 204 -19.27 5.50 -35.12
CA GLN B 204 -19.93 5.13 -33.86
C GLN B 204 -18.92 4.59 -32.85
N LEU B 205 -18.00 3.74 -33.30
CA LEU B 205 -17.00 3.20 -32.39
C LEU B 205 -16.12 4.30 -31.81
N LEU B 206 -15.69 5.25 -32.65
CA LEU B 206 -14.88 6.35 -32.15
C LEU B 206 -15.65 7.21 -31.16
N ALA B 207 -16.93 7.46 -31.45
CA ALA B 207 -17.72 8.32 -30.57
C ALA B 207 -17.82 7.72 -29.17
N ARG B 208 -18.09 6.42 -29.07
CA ARG B 208 -18.18 5.79 -27.76
C ARG B 208 -16.83 5.81 -27.04
N ALA B 209 -15.74 5.58 -27.79
CA ALA B 209 -14.42 5.60 -27.17
C ALA B 209 -14.05 6.98 -26.65
N ALA B 210 -14.64 8.04 -27.23
CA ALA B 210 -14.33 9.40 -26.78
C ALA B 210 -14.74 9.60 -25.33
N GLU B 211 -15.91 9.09 -24.95
CA GLU B 211 -16.41 9.18 -23.58
C GLU B 211 -16.65 10.63 -23.17
N GLY B 212 -17.36 11.36 -24.03
CA GLY B 212 -17.82 12.70 -23.72
C GLY B 212 -16.84 13.82 -24.00
N SER B 213 -15.63 13.51 -24.42
CA SER B 213 -14.61 14.52 -24.71
C SER B 213 -14.41 14.58 -26.23
N LEU B 214 -14.65 15.76 -26.81
CA LEU B 214 -14.51 15.90 -28.25
C LEU B 214 -13.05 15.94 -28.68
N ARG B 215 -12.16 16.46 -27.83
CA ARG B 215 -10.74 16.47 -28.18
C ARG B 215 -10.21 15.05 -28.31
N ASP B 216 -10.67 14.14 -27.46
CA ASP B 216 -10.24 12.74 -27.56
C ASP B 216 -10.66 12.14 -28.90
N ALA B 217 -11.88 12.45 -29.35
CA ALA B 217 -12.35 11.91 -30.62
C ALA B 217 -11.46 12.35 -31.78
N LEU B 218 -11.06 13.63 -31.79
CA LEU B 218 -10.18 14.10 -32.84
C LEU B 218 -8.83 13.41 -32.78
N SER B 219 -8.29 13.23 -31.58
CA SER B 219 -7.02 12.54 -31.45
C SER B 219 -7.11 11.10 -31.93
N LEU B 220 -8.19 10.40 -31.56
CA LEU B 220 -8.39 9.05 -32.05
C LEU B 220 -8.62 9.04 -33.56
N THR B 221 -9.39 10.00 -34.07
CA THR B 221 -9.65 10.06 -35.50
C THR B 221 -8.36 10.26 -36.28
N ASP B 222 -7.48 11.14 -35.80
CA ASP B 222 -6.21 11.35 -36.47
C ASP B 222 -5.38 10.06 -36.45
N GLN B 223 -5.36 9.37 -35.32
CA GLN B 223 -4.63 8.11 -35.24
C GLN B 223 -5.21 7.07 -36.19
N ALA B 224 -6.53 6.99 -36.27
CA ALA B 224 -7.17 6.01 -37.14
C ALA B 224 -6.82 6.27 -38.60
N ILE B 225 -6.79 7.54 -39.01
CA ILE B 225 -6.47 7.86 -40.40
C ILE B 225 -5.06 7.39 -40.74
N ALA B 226 -4.10 7.62 -39.84
CA ALA B 226 -2.74 7.17 -40.09
C ALA B 226 -2.68 5.64 -40.18
N SER B 227 -3.38 4.95 -39.28
CA SER B 227 -3.38 3.49 -39.32
C SER B 227 -4.04 2.97 -40.60
N GLY B 228 -5.11 3.62 -41.04
CA GLY B 228 -5.82 3.21 -42.23
C GLY B 228 -5.22 3.67 -43.53
N ASP B 229 -4.09 4.39 -43.48
CA ASP B 229 -3.40 4.85 -44.69
C ASP B 229 -4.30 5.79 -45.49
N GLY B 230 -4.75 6.86 -44.84
CA GLY B 230 -5.55 7.87 -45.49
C GLY B 230 -7.04 7.58 -45.56
N GLN B 231 -7.50 6.51 -44.91
CA GLN B 231 -8.91 6.16 -44.91
C GLN B 231 -9.32 5.71 -43.51
N VAL B 232 -10.61 5.86 -43.21
CA VAL B 232 -11.17 5.45 -41.93
C VAL B 232 -12.13 4.29 -42.18
N SER B 233 -11.62 3.07 -42.05
CA SER B 233 -12.41 1.87 -42.27
C SER B 233 -12.74 1.21 -40.93
N THR B 234 -13.89 0.54 -40.89
CA THR B 234 -14.32 -0.12 -39.66
C THR B 234 -13.32 -1.18 -39.22
N GLN B 235 -12.65 -1.84 -40.17
CA GLN B 235 -11.66 -2.84 -39.82
C GLN B 235 -10.48 -2.20 -39.11
N ALA B 236 -9.94 -1.11 -39.66
CA ALA B 236 -8.79 -0.46 -39.05
C ALA B 236 -9.16 0.12 -37.69
N VAL B 237 -10.32 0.76 -37.58
CA VAL B 237 -10.72 1.37 -36.32
C VAL B 237 -10.91 0.31 -35.25
N SER B 238 -11.57 -0.80 -35.60
CA SER B 238 -11.83 -1.85 -34.61
C SER B 238 -10.52 -2.43 -34.08
N ALA B 239 -9.54 -2.66 -34.97
CA ALA B 239 -8.26 -3.18 -34.52
C ALA B 239 -7.57 -2.20 -33.58
N MET B 240 -7.61 -0.90 -33.91
CA MET B 240 -6.93 0.09 -33.08
C MET B 240 -7.53 0.14 -31.68
N LEU B 241 -8.87 0.13 -31.58
CA LEU B 241 -9.50 0.19 -30.27
C LEU B 241 -9.18 -1.06 -29.44
N GLY B 242 -9.12 -2.23 -30.10
CA GLY B 242 -8.79 -3.44 -29.37
C GLY B 242 -7.42 -3.36 -28.71
N THR B 243 -6.46 -2.72 -29.38
CA THR B 243 -5.13 -2.56 -28.80
C THR B 243 -5.14 -1.68 -27.57
N LEU B 244 -6.13 -0.80 -27.42
CA LEU B 244 -6.19 0.15 -26.32
C LEU B 244 -7.25 -0.22 -25.29
N ASP B 245 -7.88 -1.38 -25.40
CA ASP B 245 -8.92 -1.77 -24.45
C ASP B 245 -8.32 -2.02 -23.07
N ASP B 246 -9.07 -1.61 -22.04
CA ASP B 246 -8.66 -1.84 -20.66
C ASP B 246 -9.82 -2.30 -19.79
N ASP B 247 -10.89 -2.82 -20.39
CA ASP B 247 -12.08 -3.28 -19.68
C ASP B 247 -12.08 -4.79 -19.51
N GLN B 248 -10.90 -5.37 -19.27
CA GLN B 248 -10.79 -6.83 -19.19
C GLN B 248 -11.64 -7.37 -18.04
N ALA B 249 -11.63 -6.69 -16.89
CA ALA B 249 -12.28 -7.22 -15.70
C ALA B 249 -13.78 -7.42 -15.94
N LEU B 250 -14.43 -6.43 -16.54
CA LEU B 250 -15.86 -6.58 -16.84
C LEU B 250 -16.10 -7.68 -17.85
N SER B 251 -15.20 -7.81 -18.84
CA SER B 251 -15.35 -8.86 -19.83
C SER B 251 -15.23 -10.24 -19.18
N LEU B 252 -14.32 -10.39 -18.23
CA LEU B 252 -14.17 -11.69 -17.55
C LEU B 252 -15.45 -12.08 -16.83
N VAL B 253 -16.10 -11.13 -16.16
CA VAL B 253 -17.33 -11.45 -15.43
C VAL B 253 -18.40 -11.92 -16.40
N GLU B 254 -18.56 -11.24 -17.53
CA GLU B 254 -19.55 -11.65 -18.51
C GLU B 254 -19.25 -13.03 -19.05
N ALA B 255 -17.99 -13.31 -19.39
CA ALA B 255 -17.62 -14.64 -19.86
C ALA B 255 -17.79 -15.67 -18.75
N MET B 256 -17.46 -15.30 -17.52
CA MET B 256 -17.61 -16.24 -16.40
C MET B 256 -19.05 -16.67 -16.23
N VAL B 257 -19.99 -15.72 -16.32
CA VAL B 257 -21.40 -16.05 -16.14
C VAL B 257 -21.90 -16.91 -17.29
N GLU B 258 -21.50 -16.57 -18.53
CA GLU B 258 -21.94 -17.31 -19.70
C GLU B 258 -21.29 -18.68 -19.82
N ALA B 259 -20.28 -18.97 -19.02
CA ALA B 259 -19.60 -20.27 -19.04
C ALA B 259 -19.01 -20.54 -20.43
N ASN B 260 -18.07 -19.68 -20.83
CA ASN B 260 -17.37 -19.81 -22.10
C ASN B 260 -15.88 -19.94 -21.80
N GLY B 261 -15.38 -21.16 -21.76
CA GLY B 261 -13.97 -21.37 -21.46
C GLY B 261 -13.05 -20.73 -22.48
N GLU B 262 -13.40 -20.84 -23.76
CA GLU B 262 -12.57 -20.24 -24.80
C GLU B 262 -12.51 -18.73 -24.67
N ARG B 263 -13.65 -18.10 -24.39
CA ARG B 263 -13.69 -16.65 -24.26
C ARG B 263 -12.83 -16.19 -23.08
N VAL B 264 -12.90 -16.90 -21.96
CA VAL B 264 -12.13 -16.50 -20.78
C VAL B 264 -10.64 -16.58 -21.08
N MET B 265 -10.20 -17.66 -21.72
CA MET B 265 -8.78 -17.83 -22.01
C MET B 265 -8.28 -16.76 -22.98
N ALA B 266 -9.11 -16.41 -23.98
CA ALA B 266 -8.71 -15.37 -24.91
C ALA B 266 -8.54 -14.04 -24.19
N LEU B 267 -9.42 -13.72 -23.26
CA LEU B 267 -9.30 -12.49 -22.49
C LEU B 267 -8.01 -12.50 -21.66
N ILE B 268 -7.69 -13.64 -21.06
CA ILE B 268 -6.47 -13.73 -20.25
C ILE B 268 -5.24 -13.53 -21.13
N ASN B 269 -5.24 -14.14 -22.32
CA ASN B 269 -4.07 -14.05 -23.19
C ASN B 269 -3.80 -12.61 -23.60
N GLU B 270 -4.85 -11.89 -24.02
CA GLU B 270 -4.67 -10.49 -24.40
C GLU B 270 -4.30 -9.64 -23.19
N ALA B 271 -4.88 -9.94 -22.03
CA ALA B 271 -4.52 -9.21 -20.81
C ALA B 271 -3.05 -9.39 -20.48
N ALA B 272 -2.54 -10.62 -20.64
CA ALA B 272 -1.13 -10.86 -20.38
C ALA B 272 -0.24 -10.08 -21.34
N ALA B 273 -0.66 -9.97 -22.60
CA ALA B 273 0.12 -9.21 -23.57
C ALA B 273 0.24 -7.75 -23.17
N ARG B 274 -0.84 -7.17 -22.63
CA ARG B 274 -0.78 -5.79 -22.15
C ARG B 274 0.21 -5.65 -21.01
N GLY B 275 0.22 -6.62 -20.08
CA GLY B 275 1.11 -6.57 -18.94
C GLY B 275 0.40 -6.11 -17.68
N ILE B 276 -0.82 -6.58 -17.48
CA ILE B 276 -1.62 -6.20 -16.33
C ILE B 276 -1.12 -6.92 -15.09
N GLU B 277 -1.28 -6.27 -13.94
CA GLU B 277 -0.97 -6.90 -12.66
C GLU B 277 -2.13 -7.81 -12.26
N TRP B 278 -1.85 -9.11 -12.10
CA TRP B 278 -2.92 -10.06 -11.84
C TRP B 278 -3.56 -9.85 -10.47
N GLU B 279 -2.79 -9.36 -9.50
CA GLU B 279 -3.37 -9.03 -8.20
C GLU B 279 -4.42 -7.93 -8.35
N ALA B 280 -4.12 -6.91 -9.15
CA ALA B 280 -5.08 -5.84 -9.38
C ALA B 280 -6.33 -6.35 -10.08
N LEU B 281 -6.16 -7.29 -11.02
CA LEU B 281 -7.30 -7.78 -11.78
C LEU B 281 -8.33 -8.45 -10.88
N LEU B 282 -7.87 -9.26 -9.92
CA LEU B 282 -8.81 -9.90 -9.01
C LEU B 282 -9.54 -8.88 -8.14
N VAL B 283 -8.82 -7.85 -7.68
CA VAL B 283 -9.43 -6.85 -6.80
C VAL B 283 -10.56 -6.13 -7.52
N GLU B 284 -10.31 -5.68 -8.75
CA GLU B 284 -11.34 -4.95 -9.47
C GLU B 284 -12.51 -5.84 -9.85
N MET B 285 -12.24 -7.11 -10.17
CA MET B 285 -13.32 -8.05 -10.42
C MET B 285 -14.17 -8.24 -9.17
N LEU B 286 -13.54 -8.32 -8.00
CA LEU B 286 -14.29 -8.41 -6.76
C LEU B 286 -15.17 -7.19 -6.57
N GLY B 287 -14.64 -6.00 -6.89
CA GLY B 287 -15.46 -4.79 -6.78
C GLY B 287 -16.67 -4.83 -7.69
N LEU B 288 -16.50 -5.29 -8.92
CA LEU B 288 -17.62 -5.39 -9.84
C LEU B 288 -18.66 -6.37 -9.33
N LEU B 289 -18.22 -7.53 -8.83
CA LEU B 289 -19.16 -8.49 -8.26
C LEU B 289 -19.87 -7.92 -7.04
N HIS B 290 -19.13 -7.22 -6.17
CA HIS B 290 -19.75 -6.61 -5.01
C HIS B 290 -20.74 -5.52 -5.42
N ARG B 291 -20.38 -4.71 -6.42
CA ARG B 291 -21.27 -3.66 -6.88
C ARG B 291 -22.56 -4.25 -7.45
N ILE B 292 -22.45 -5.31 -8.25
CA ILE B 292 -23.64 -5.91 -8.85
C ILE B 292 -24.58 -6.42 -7.78
N ALA B 293 -24.03 -7.02 -6.71
CA ALA B 293 -24.88 -7.54 -5.64
C ALA B 293 -25.68 -6.42 -4.99
N MET B 294 -25.05 -5.27 -4.74
CA MET B 294 -25.75 -4.17 -4.11
C MET B 294 -26.83 -3.61 -5.03
N VAL B 295 -26.58 -3.58 -6.34
CA VAL B 295 -27.57 -3.08 -7.28
C VAL B 295 -28.83 -3.94 -7.20
N GLN B 296 -28.67 -5.24 -7.02
CA GLN B 296 -29.83 -6.12 -6.85
C GLN B 296 -30.60 -5.75 -5.59
N LEU B 297 -29.89 -5.44 -4.50
CA LEU B 297 -30.56 -5.05 -3.26
C LEU B 297 -31.35 -3.77 -3.44
N SER B 298 -30.76 -2.78 -4.15
CA SER B 298 -31.42 -1.50 -4.35
C SER B 298 -31.01 -0.96 -5.72
N PRO B 299 -31.96 -0.48 -6.55
CA PRO B 299 -31.57 0.04 -7.87
C PRO B 299 -30.69 1.27 -7.80
N ALA B 300 -30.69 1.99 -6.69
CA ALA B 300 -29.92 3.23 -6.56
C ALA B 300 -28.49 3.01 -6.10
N ALA B 301 -28.09 1.75 -5.86
CA ALA B 301 -26.74 1.49 -5.37
C ALA B 301 -25.66 1.89 -6.37
N LEU B 302 -26.01 2.01 -7.65
CA LEU B 302 -25.06 2.37 -8.69
C LEU B 302 -25.15 3.88 -8.93
N GLY B 303 -24.02 4.57 -8.78
CA GLY B 303 -23.96 6.01 -8.95
C GLY B 303 -23.56 6.41 -10.36
N ASN B 304 -23.29 7.70 -10.50
CA ASN B 304 -22.87 8.25 -11.80
C ASN B 304 -21.39 8.05 -12.09
N ASP B 305 -20.62 7.54 -11.12
CA ASP B 305 -19.19 7.34 -11.33
C ASP B 305 -18.90 6.30 -12.40
N MET B 306 -19.81 5.36 -12.64
CA MET B 306 -19.63 4.28 -13.60
C MET B 306 -20.73 4.33 -14.66
N ALA B 307 -21.04 5.53 -15.16
CA ALA B 307 -22.06 5.66 -16.18
C ALA B 307 -21.63 5.07 -17.51
N ALA B 308 -20.32 4.92 -17.74
CA ALA B 308 -19.84 4.41 -19.02
C ALA B 308 -20.26 2.96 -19.23
N ILE B 309 -20.41 2.19 -18.15
CA ILE B 309 -20.74 0.77 -18.24
C ILE B 309 -22.00 0.49 -17.43
N GLU B 310 -22.86 1.49 -17.28
CA GLU B 310 -24.08 1.31 -16.50
C GLU B 310 -24.99 0.26 -17.12
N LEU B 311 -25.14 0.29 -18.46
CA LEU B 311 -26.05 -0.63 -19.12
C LEU B 311 -25.61 -2.08 -18.92
N ARG B 312 -24.32 -2.35 -19.09
CA ARG B 312 -23.83 -3.71 -18.91
C ARG B 312 -24.02 -4.19 -17.48
N MET B 313 -23.74 -3.33 -16.51
CA MET B 313 -23.93 -3.71 -15.11
C MET B 313 -25.40 -3.99 -14.80
N ARG B 314 -26.30 -3.18 -15.35
CA ARG B 314 -27.73 -3.38 -15.09
C ARG B 314 -28.21 -4.72 -15.64
N GLU B 315 -27.74 -5.10 -16.82
CA GLU B 315 -28.18 -6.35 -17.42
C GLU B 315 -27.79 -7.55 -16.56
N LEU B 316 -26.57 -7.54 -16.02
CA LEU B 316 -26.12 -8.65 -15.19
C LEU B 316 -27.00 -8.81 -13.96
N ALA B 317 -27.39 -7.70 -13.33
CA ALA B 317 -28.18 -7.78 -12.11
C ALA B 317 -29.54 -8.42 -12.37
N ARG B 318 -30.19 -8.05 -13.47
CA ARG B 318 -31.52 -8.59 -13.76
C ARG B 318 -31.47 -10.09 -14.00
N THR B 319 -30.49 -10.55 -14.77
CA THR B 319 -30.47 -11.94 -15.22
C THR B 319 -29.92 -12.86 -14.14
N ILE B 320 -28.76 -12.54 -13.59
CA ILE B 320 -28.08 -13.45 -12.66
C ILE B 320 -28.87 -13.50 -11.36
N PRO B 321 -29.24 -14.69 -10.86
CA PRO B 321 -29.88 -14.75 -9.56
C PRO B 321 -28.94 -14.31 -8.47
N PRO B 322 -29.45 -13.82 -7.34
CA PRO B 322 -28.55 -13.37 -6.26
C PRO B 322 -27.60 -14.45 -5.76
N THR B 323 -28.05 -15.72 -5.73
CA THR B 323 -27.21 -16.77 -5.18
C THR B 323 -25.95 -16.95 -6.02
N ASP B 324 -26.07 -16.88 -7.34
CA ASP B 324 -24.90 -17.06 -8.21
C ASP B 324 -23.85 -15.99 -7.96
N ILE B 325 -24.28 -14.74 -7.76
CA ILE B 325 -23.32 -13.67 -7.47
C ILE B 325 -22.58 -13.95 -6.17
N GLN B 326 -23.31 -14.39 -5.15
CA GLN B 326 -22.67 -14.71 -3.88
C GLN B 326 -21.64 -15.82 -4.03
N LEU B 327 -21.98 -16.87 -4.79
CA LEU B 327 -21.04 -17.96 -4.98
C LEU B 327 -19.79 -17.50 -5.72
N TYR B 328 -19.97 -16.70 -6.77
CA TYR B 328 -18.81 -16.21 -7.52
C TYR B 328 -17.94 -15.31 -6.66
N TYR B 329 -18.56 -14.43 -5.87
CA TYR B 329 -17.80 -13.55 -5.00
C TYR B 329 -17.01 -14.33 -3.96
N GLN B 330 -17.64 -15.35 -3.36
CA GLN B 330 -16.94 -16.15 -2.36
C GLN B 330 -15.77 -16.91 -2.96
N THR B 331 -15.94 -17.45 -4.17
CA THR B 331 -14.86 -18.19 -4.80
C THR B 331 -13.65 -17.30 -5.06
N LEU B 332 -13.90 -16.07 -5.53
CA LEU B 332 -12.79 -15.16 -5.80
C LEU B 332 -12.06 -14.76 -4.52
N LEU B 333 -12.78 -14.63 -3.41
CA LEU B 333 -12.13 -14.31 -2.14
C LEU B 333 -11.13 -15.40 -1.76
N ILE B 334 -11.52 -16.66 -1.91
CA ILE B 334 -10.61 -17.77 -1.62
C ILE B 334 -9.42 -17.73 -2.57
N GLY B 335 -9.67 -17.43 -3.84
CA GLY B 335 -8.59 -17.38 -4.81
C GLY B 335 -7.56 -16.33 -4.48
N ARG B 336 -8.01 -15.14 -4.04
CA ARG B 336 -7.08 -14.08 -3.69
C ARG B 336 -6.17 -14.49 -2.53
N LYS B 337 -6.74 -15.16 -1.52
CA LYS B 337 -5.95 -15.57 -0.37
C LYS B 337 -4.85 -16.55 -0.78
N GLU B 338 -5.15 -17.48 -1.69
CA GLU B 338 -4.21 -18.51 -2.10
C GLU B 338 -3.31 -18.07 -3.24
N LEU B 339 -3.50 -16.88 -3.80
CA LEU B 339 -2.69 -16.44 -4.93
C LEU B 339 -1.20 -16.41 -4.62
N PRO B 340 -0.74 -15.90 -3.46
CA PRO B 340 0.71 -15.81 -3.24
C PRO B 340 1.42 -17.15 -3.31
N TYR B 341 0.76 -18.24 -2.91
CA TYR B 341 1.39 -19.55 -2.87
C TYR B 341 1.19 -20.35 -4.14
N ALA B 342 0.52 -19.80 -5.14
CA ALA B 342 0.36 -20.49 -6.41
C ALA B 342 1.70 -20.56 -7.13
N PRO B 343 1.87 -21.52 -8.05
CA PRO B 343 3.15 -21.61 -8.77
C PRO B 343 3.49 -20.35 -9.53
N ASP B 344 2.49 -19.65 -10.07
CA ASP B 344 2.71 -18.38 -10.75
C ASP B 344 1.44 -17.56 -10.64
N ARG B 345 1.59 -16.23 -10.72
CA ARG B 345 0.43 -15.35 -10.63
C ARG B 345 -0.52 -15.59 -11.79
N ARG B 346 0.02 -15.78 -12.99
CA ARG B 346 -0.82 -16.08 -14.15
C ARG B 346 -1.60 -17.38 -13.92
N MET B 347 -0.92 -18.41 -13.43
CA MET B 347 -1.59 -19.68 -13.18
C MET B 347 -2.62 -19.56 -12.08
N GLY B 348 -2.33 -18.74 -11.05
CA GLY B 348 -3.28 -18.58 -9.96
C GLY B 348 -4.61 -18.02 -10.42
N VAL B 349 -4.57 -16.99 -11.27
CA VAL B 349 -5.82 -16.40 -11.77
C VAL B 349 -6.57 -17.42 -12.62
N GLU B 350 -5.87 -18.13 -13.50
CA GLU B 350 -6.52 -19.11 -14.37
C GLU B 350 -7.20 -20.18 -13.55
N MET B 351 -6.52 -20.71 -12.54
CA MET B 351 -7.12 -21.75 -11.71
C MET B 351 -8.36 -21.24 -10.99
N THR B 352 -8.29 -20.02 -10.44
CA THR B 352 -9.44 -19.46 -9.74
C THR B 352 -10.62 -19.26 -10.67
N LEU B 353 -10.36 -18.78 -11.89
CA LEU B 353 -11.43 -18.62 -12.86
C LEU B 353 -12.03 -19.97 -13.24
N LEU B 354 -11.19 -21.00 -13.38
CA LEU B 354 -11.70 -22.34 -13.66
C LEU B 354 -12.66 -22.80 -12.56
N ARG B 355 -12.29 -22.58 -11.30
CA ARG B 355 -13.19 -22.92 -10.21
C ARG B 355 -14.45 -22.06 -10.22
N ALA B 356 -14.40 -20.88 -10.84
CA ALA B 356 -15.61 -20.07 -10.99
C ALA B 356 -16.54 -20.64 -12.05
N LEU B 357 -15.98 -21.07 -13.19
CA LEU B 357 -16.80 -21.65 -14.25
C LEU B 357 -17.47 -22.93 -13.78
N ALA B 358 -16.67 -23.94 -13.45
CA ALA B 358 -17.15 -25.21 -12.93
C ALA B 358 -16.69 -25.38 -11.49
N PHE B 359 -17.20 -26.44 -10.86
CA PHE B 359 -16.87 -26.74 -9.46
C PHE B 359 -17.47 -25.70 -8.51
N HIS B 360 -17.88 -26.14 -7.32
CA HIS B 360 -18.29 -25.24 -6.27
C HIS B 360 -17.81 -25.80 -4.94
N PRO B 361 -17.50 -24.94 -3.96
CA PRO B 361 -16.98 -25.45 -2.69
C PRO B 361 -18.04 -26.21 -1.92
N ARG B 362 -17.56 -27.17 -1.10
CA ARG B 362 -18.41 -27.96 -0.23
C ARG B 362 -18.19 -27.46 1.20
N MET B 363 -19.15 -26.71 1.71
CA MET B 363 -19.02 -26.08 3.02
C MET B 363 -19.31 -27.08 4.13
N PRO B 364 -18.86 -26.77 5.36
CA PRO B 364 -19.14 -27.69 6.48
C PRO B 364 -20.63 -27.86 6.71
N LEU B 365 -20.99 -29.05 7.18
CA LEU B 365 -22.38 -29.38 7.49
C LEU B 365 -23.26 -29.20 6.26
N TYR C 3 32.54 -8.50 -26.13
CA TYR C 3 33.10 -7.61 -25.12
C TYR C 3 32.02 -6.67 -24.59
N GLN C 4 31.44 -5.89 -25.48
CA GLN C 4 30.37 -4.97 -25.10
C GLN C 4 29.10 -5.75 -24.77
N VAL C 5 28.25 -5.13 -23.95
CA VAL C 5 26.99 -5.78 -23.58
C VAL C 5 26.13 -5.96 -24.82
N LEU C 6 25.48 -7.12 -24.91
CA LEU C 6 24.66 -7.42 -26.08
C LEU C 6 23.52 -6.42 -26.23
N ALA C 7 22.86 -6.08 -25.13
CA ALA C 7 21.75 -5.13 -25.20
C ALA C 7 22.22 -3.77 -25.68
N ARG C 8 23.36 -3.31 -25.16
CA ARG C 8 23.87 -2.00 -25.57
C ARG C 8 24.47 -2.06 -26.97
N LYS C 9 25.19 -3.13 -27.28
CA LYS C 9 25.84 -3.24 -28.60
C LYS C 9 24.81 -3.41 -29.70
N TRP C 10 23.82 -4.29 -29.50
CA TRP C 10 22.81 -4.60 -30.50
C TRP C 10 21.57 -3.75 -30.23
N ARG C 11 21.39 -2.70 -31.01
CA ARG C 11 20.20 -1.87 -30.95
C ARG C 11 19.60 -1.70 -32.34
N PRO C 12 18.28 -1.48 -32.45
CA PRO C 12 17.70 -1.23 -33.78
C PRO C 12 18.08 0.13 -34.32
N GLN C 13 18.88 0.15 -35.39
CA GLN C 13 19.23 1.37 -36.11
C GLN C 13 18.35 1.60 -37.32
N THR C 14 17.36 0.74 -37.56
CA THR C 14 16.45 0.90 -38.67
C THR C 14 15.12 0.27 -38.30
N PHE C 15 14.04 0.71 -38.96
CA PHE C 15 12.72 0.18 -38.66
C PHE C 15 12.62 -1.31 -38.96
N ALA C 16 13.48 -1.84 -39.84
CA ALA C 16 13.42 -3.25 -40.18
C ALA C 16 14.07 -4.14 -39.12
N ASP C 17 14.84 -3.57 -38.21
CA ASP C 17 15.57 -4.35 -37.22
C ASP C 17 14.78 -4.60 -35.94
N VAL C 18 13.60 -4.01 -35.79
CA VAL C 18 12.81 -4.19 -34.59
C VAL C 18 12.02 -5.49 -34.69
N VAL C 19 11.88 -6.19 -33.57
CA VAL C 19 11.18 -7.46 -33.51
C VAL C 19 9.77 -7.21 -32.99
N GLY C 20 8.77 -7.53 -33.80
CA GLY C 20 7.40 -7.32 -33.41
C GLY C 20 7.01 -5.84 -33.48
N GLN C 21 5.93 -5.52 -32.78
CA GLN C 21 5.39 -4.16 -32.75
C GLN C 21 5.09 -3.67 -34.17
N GLU C 22 4.55 -4.56 -35.00
CA GLU C 22 4.27 -4.21 -36.39
C GLU C 22 3.22 -3.12 -36.49
N HIS C 23 2.19 -3.18 -35.65
CA HIS C 23 1.10 -2.21 -35.75
C HIS C 23 1.60 -0.79 -35.51
N VAL C 24 2.48 -0.61 -34.52
CA VAL C 24 3.02 0.72 -34.25
C VAL C 24 3.86 1.20 -35.42
N LEU C 25 4.72 0.33 -35.96
CA LEU C 25 5.56 0.74 -37.09
C LEU C 25 4.72 1.09 -38.31
N THR C 26 3.64 0.35 -38.54
CA THR C 26 2.79 0.64 -39.69
C THR C 26 2.18 2.03 -39.58
N ALA C 27 1.72 2.40 -38.39
CA ALA C 27 1.15 3.74 -38.21
C ALA C 27 2.20 4.81 -38.42
N LEU C 28 3.40 4.64 -37.86
CA LEU C 28 4.44 5.63 -38.03
C LEU C 28 4.86 5.75 -39.48
N ALA C 29 5.02 4.63 -40.18
CA ALA C 29 5.43 4.67 -41.58
C ALA C 29 4.39 5.38 -42.43
N ASN C 30 3.10 5.09 -42.19
CA ASN C 30 2.05 5.75 -42.95
C ASN C 30 2.04 7.25 -42.70
N GLY C 31 2.20 7.66 -41.43
CA GLY C 31 2.14 9.08 -41.12
C GLY C 31 3.24 9.87 -41.80
N LEU C 32 4.48 9.37 -41.72
CA LEU C 32 5.59 10.08 -42.35
C LEU C 32 5.43 10.13 -43.87
N SER C 33 4.99 9.04 -44.48
CA SER C 33 4.82 9.02 -45.93
C SER C 33 3.72 9.99 -46.36
N LEU C 34 2.56 9.94 -45.70
CA LEU C 34 1.48 10.85 -46.04
C LEU C 34 1.82 12.29 -45.67
N GLY C 35 2.53 12.48 -44.56
CA GLY C 35 2.87 13.80 -44.07
C GLY C 35 1.99 14.29 -42.93
N ARG C 36 1.07 13.46 -42.45
CA ARG C 36 0.20 13.84 -41.33
C ARG C 36 0.95 13.56 -40.03
N ILE C 37 1.84 14.47 -39.69
CA ILE C 37 2.70 14.33 -38.52
C ILE C 37 2.08 15.09 -37.37
N HIS C 38 1.90 14.41 -36.24
CA HIS C 38 1.34 15.02 -35.04
C HIS C 38 2.46 15.80 -34.33
N HIS C 39 2.17 16.27 -33.12
CA HIS C 39 3.15 17.00 -32.32
C HIS C 39 3.29 16.46 -30.91
N ALA C 40 2.72 15.29 -30.61
CA ALA C 40 2.83 14.71 -29.27
C ALA C 40 2.56 13.22 -29.37
N TYR C 41 3.59 12.40 -29.12
CA TYR C 41 3.48 10.95 -29.17
C TYR C 41 3.75 10.38 -27.78
N LEU C 42 2.97 9.37 -27.40
CA LEU C 42 3.10 8.71 -26.11
C LEU C 42 3.26 7.21 -26.36
N PHE C 43 4.34 6.64 -25.83
CA PHE C 43 4.63 5.22 -25.95
C PHE C 43 4.46 4.55 -24.59
N SER C 44 3.75 3.42 -24.57
CA SER C 44 3.47 2.69 -23.35
C SER C 44 3.71 1.21 -23.57
N GLY C 45 4.00 0.50 -22.49
CA GLY C 45 4.23 -0.92 -22.55
C GLY C 45 5.02 -1.40 -21.33
N THR C 46 5.37 -2.67 -21.36
CA THR C 46 6.15 -3.28 -20.30
C THR C 46 7.63 -2.95 -20.50
N ARG C 47 8.49 -3.59 -19.72
CA ARG C 47 9.92 -3.32 -19.79
C ARG C 47 10.54 -4.03 -20.99
N GLY C 48 11.60 -3.43 -21.52
CA GLY C 48 12.36 -4.06 -22.58
C GLY C 48 11.56 -4.34 -23.84
N VAL C 49 10.51 -3.57 -24.09
CA VAL C 49 9.70 -3.77 -25.29
C VAL C 49 10.20 -2.95 -26.47
N GLY C 50 10.92 -1.87 -26.23
CA GLY C 50 11.51 -1.07 -27.30
C GLY C 50 10.93 0.32 -27.41
N LYS C 51 10.43 0.86 -26.31
CA LYS C 51 9.86 2.21 -26.35
C LYS C 51 10.93 3.23 -26.71
N THR C 52 12.06 3.22 -26.00
CA THR C 52 13.13 4.17 -26.28
C THR C 52 13.72 3.93 -27.66
N SER C 53 13.90 2.66 -28.04
CA SER C 53 14.48 2.36 -29.34
C SER C 53 13.60 2.87 -30.48
N ILE C 54 12.28 2.67 -30.37
CA ILE C 54 11.38 3.16 -31.41
C ILE C 54 11.39 4.68 -31.46
N ALA C 55 11.33 5.33 -30.30
CA ALA C 55 11.31 6.79 -30.27
C ALA C 55 12.58 7.37 -30.87
N ARG C 56 13.73 6.78 -30.55
CA ARG C 56 14.98 7.29 -31.10
C ARG C 56 15.02 7.15 -32.61
N LEU C 57 14.47 6.04 -33.13
CA LEU C 57 14.40 5.87 -34.58
C LEU C 57 13.53 6.94 -35.22
N LEU C 58 12.40 7.28 -34.58
CA LEU C 58 11.51 8.29 -35.14
C LEU C 58 12.22 9.64 -35.25
N ALA C 59 13.02 9.99 -34.24
CA ALA C 59 13.77 11.23 -34.30
C ALA C 59 14.74 11.25 -35.47
N LYS C 60 15.34 10.09 -35.78
CA LYS C 60 16.27 10.02 -36.90
C LYS C 60 15.57 10.33 -38.22
N GLY C 61 14.36 9.80 -38.41
CA GLY C 61 13.66 10.04 -39.66
C GLY C 61 13.28 11.49 -39.87
N LEU C 62 12.81 12.16 -38.82
CA LEU C 62 12.35 13.53 -38.96
C LEU C 62 13.49 14.46 -39.37
N ASN C 63 14.67 14.28 -38.78
CA ASN C 63 15.79 15.20 -38.97
C ASN C 63 16.82 14.67 -39.96
N CYS C 64 16.47 13.65 -40.74
CA CYS C 64 17.42 13.10 -41.70
C CYS C 64 17.71 14.11 -42.81
N GLU C 65 18.94 14.06 -43.32
CA GLU C 65 19.34 15.01 -44.35
C GLU C 65 18.52 14.85 -45.62
N THR C 66 18.23 13.62 -46.02
CA THR C 66 17.48 13.40 -47.24
C THR C 66 16.09 14.03 -47.17
N GLY C 67 15.42 13.87 -46.04
CA GLY C 67 14.10 14.44 -45.86
C GLY C 67 13.31 13.61 -44.86
N ILE C 68 12.05 13.98 -44.69
CA ILE C 68 11.16 13.26 -43.79
C ILE C 68 10.79 11.93 -44.45
N THR C 69 11.42 10.85 -44.00
CA THR C 69 11.22 9.54 -44.58
C THR C 69 11.06 8.51 -43.47
N ALA C 70 10.34 7.43 -43.78
CA ALA C 70 10.15 6.33 -42.85
C ALA C 70 11.30 5.33 -42.87
N THR C 71 12.28 5.52 -43.74
CA THR C 71 13.44 4.64 -43.84
C THR C 71 14.70 5.49 -43.79
N PRO C 72 15.15 5.86 -42.58
CA PRO C 72 16.35 6.69 -42.48
C PRO C 72 17.55 6.02 -43.13
N CYS C 73 18.38 6.84 -43.79
CA CYS C 73 19.55 6.30 -44.47
C CYS C 73 20.52 5.67 -43.50
N GLY C 74 20.75 6.32 -42.35
CA GLY C 74 21.71 5.81 -41.38
C GLY C 74 23.15 6.14 -41.67
N VAL C 75 23.42 6.95 -42.69
CA VAL C 75 24.79 7.28 -43.06
C VAL C 75 25.07 8.79 -43.04
N CYS C 76 24.06 9.64 -43.10
CA CYS C 76 24.30 11.07 -43.10
C CYS C 76 24.73 11.54 -41.70
N ASP C 77 25.15 12.80 -41.62
CA ASP C 77 25.68 13.32 -40.37
C ASP C 77 24.63 13.29 -39.27
N ASN C 78 23.39 13.69 -39.59
CA ASN C 78 22.34 13.71 -38.57
C ASN C 78 22.07 12.31 -38.03
N CYS C 79 22.04 11.31 -38.90
CA CYS C 79 21.73 9.95 -38.46
C CYS C 79 22.81 9.44 -37.50
N ARG C 80 24.08 9.56 -37.87
CA ARG C 80 25.14 9.00 -37.04
C ARG C 80 25.22 9.70 -35.69
N GLU C 81 25.05 11.02 -35.67
CA GLU C 81 25.11 11.74 -34.39
C GLU C 81 24.00 11.32 -33.45
N ILE C 82 22.80 11.10 -33.98
CA ILE C 82 21.70 10.64 -33.14
C ILE C 82 22.01 9.26 -32.56
N GLU C 83 22.67 8.41 -33.35
CA GLU C 83 23.07 7.10 -32.83
C GLU C 83 24.04 7.26 -31.68
N GLN C 84 25.00 8.17 -31.79
CA GLN C 84 25.95 8.42 -30.71
C GLN C 84 25.32 9.20 -29.55
N GLY C 85 24.11 9.72 -29.72
CA GLY C 85 23.44 10.41 -28.64
C GLY C 85 23.98 11.79 -28.34
N ARG C 86 24.62 12.43 -29.31
CA ARG C 86 25.20 13.77 -29.14
C ARG C 86 24.75 14.69 -30.26
N PHE C 87 23.45 14.67 -30.54
CA PHE C 87 22.85 15.54 -31.56
C PHE C 87 22.27 16.77 -30.89
N VAL C 88 22.60 17.95 -31.42
CA VAL C 88 22.25 19.20 -30.74
C VAL C 88 20.74 19.38 -30.66
N ASP C 89 20.03 19.09 -31.75
CA ASP C 89 18.59 19.32 -31.80
C ASP C 89 17.78 18.19 -31.18
N LEU C 90 18.41 17.10 -30.76
CA LEU C 90 17.73 16.02 -30.06
C LEU C 90 17.97 16.22 -28.56
N ILE C 91 16.96 16.70 -27.86
CA ILE C 91 17.03 16.98 -26.43
C ILE C 91 16.34 15.84 -25.70
N GLU C 92 17.10 15.08 -24.93
CA GLU C 92 16.59 13.97 -24.14
C GLU C 92 16.58 14.36 -22.67
N ILE C 93 15.42 14.25 -22.03
CA ILE C 93 15.22 14.69 -20.65
C ILE C 93 14.90 13.47 -19.80
N ASP C 94 15.64 13.31 -18.71
CA ASP C 94 15.40 12.23 -17.75
C ASP C 94 14.41 12.75 -16.71
N ALA C 95 13.13 12.46 -16.92
CA ALA C 95 12.10 12.97 -16.01
C ALA C 95 12.28 12.42 -14.60
N ALA C 96 12.88 11.24 -14.46
CA ALA C 96 13.10 10.68 -13.13
C ALA C 96 14.06 11.56 -12.33
N SER C 97 15.11 12.06 -12.96
CA SER C 97 16.08 12.92 -12.30
C SER C 97 15.73 14.40 -12.38
N ARG C 98 14.70 14.77 -13.14
CA ARG C 98 14.25 16.16 -13.27
C ARG C 98 12.75 16.17 -13.05
N THR C 99 12.34 16.27 -11.79
CA THR C 99 10.93 16.21 -11.41
C THR C 99 10.37 17.53 -10.92
N LYS C 100 11.21 18.42 -10.41
CA LYS C 100 10.73 19.67 -9.84
C LYS C 100 10.20 20.59 -10.93
N VAL C 101 9.17 21.37 -10.57
CA VAL C 101 8.53 22.27 -11.54
C VAL C 101 9.51 23.32 -12.01
N GLU C 102 10.52 23.67 -11.19
CA GLU C 102 11.50 24.66 -11.60
C GLU C 102 12.25 24.20 -12.84
N ASP C 103 12.62 22.91 -12.89
CA ASP C 103 13.26 22.37 -14.08
C ASP C 103 12.33 22.43 -15.29
N THR C 104 11.05 22.12 -15.08
CA THR C 104 10.09 22.14 -16.18
C THR C 104 9.95 23.53 -16.76
N ARG C 105 9.84 24.55 -15.91
CA ARG C 105 9.71 25.92 -16.42
C ARG C 105 10.95 26.35 -17.19
N ASP C 106 12.13 25.86 -16.78
CA ASP C 106 13.33 26.14 -17.55
C ASP C 106 13.24 25.56 -18.95
N LEU C 107 12.66 24.36 -19.08
CA LEU C 107 12.50 23.73 -20.38
C LEU C 107 11.60 24.58 -21.29
N LEU C 108 10.50 25.09 -20.74
CA LEU C 108 9.54 25.84 -21.56
C LEU C 108 10.08 27.18 -22.03
N ASP C 109 11.18 27.66 -21.44
CA ASP C 109 11.77 28.92 -21.86
C ASP C 109 12.72 28.76 -23.05
N ASN C 110 12.93 27.54 -23.52
CA ASN C 110 13.84 27.28 -24.63
C ASN C 110 13.12 26.80 -25.89
N VAL C 111 11.85 26.44 -25.80
CA VAL C 111 11.14 25.93 -26.97
C VAL C 111 11.00 27.01 -28.04
N GLN C 112 10.95 28.28 -27.63
CA GLN C 112 10.72 29.36 -28.59
C GLN C 112 11.85 29.44 -29.61
N TYR C 113 13.09 29.25 -29.17
CA TYR C 113 14.23 29.42 -30.05
C TYR C 113 14.21 28.35 -31.16
N ALA C 114 14.64 28.75 -32.35
CA ALA C 114 14.61 27.86 -33.50
C ALA C 114 15.67 26.78 -33.38
N PRO C 115 15.46 25.64 -34.05
CA PRO C 115 16.46 24.58 -34.01
C PRO C 115 17.77 25.00 -34.67
N ALA C 116 18.87 24.41 -34.19
CA ALA C 116 20.19 24.79 -34.66
C ALA C 116 20.40 24.38 -36.12
N ARG C 117 20.31 23.08 -36.40
CA ARG C 117 20.58 22.57 -37.74
C ARG C 117 19.47 21.63 -38.22
N GLY C 118 18.84 20.91 -37.29
CA GLY C 118 17.82 19.97 -37.67
C GLY C 118 16.53 20.64 -38.11
N ARG C 119 15.70 19.87 -38.84
CA ARG C 119 14.41 20.39 -39.28
C ARG C 119 13.50 20.67 -38.09
N PHE C 120 13.52 19.80 -37.09
CA PHE C 120 12.67 19.92 -35.91
C PHE C 120 13.52 19.81 -34.65
N LYS C 121 13.03 20.40 -33.57
CA LYS C 121 13.62 20.26 -32.25
C LYS C 121 12.76 19.29 -31.47
N VAL C 122 13.26 18.06 -31.31
CA VAL C 122 12.49 16.96 -30.71
C VAL C 122 12.88 16.83 -29.25
N TYR C 123 11.89 16.88 -28.36
CA TYR C 123 12.09 16.67 -26.94
C TYR C 123 11.63 15.26 -26.58
N LEU C 124 12.56 14.42 -26.13
CA LEU C 124 12.27 13.05 -25.73
C LEU C 124 12.35 12.99 -24.21
N ILE C 125 11.21 12.71 -23.58
CA ILE C 125 11.09 12.66 -22.13
C ILE C 125 10.88 11.20 -21.72
N ASP C 126 11.82 10.67 -20.95
CA ASP C 126 11.76 9.29 -20.49
C ASP C 126 11.28 9.23 -19.05
N GLU C 127 10.49 8.20 -18.74
CA GLU C 127 9.92 8.03 -17.40
C GLU C 127 9.10 9.25 -17.01
N VAL C 128 8.29 9.75 -17.95
CA VAL C 128 7.56 10.99 -17.74
C VAL C 128 6.55 10.87 -16.61
N HIS C 129 6.19 9.65 -16.21
CA HIS C 129 5.24 9.48 -15.12
C HIS C 129 5.80 9.91 -13.76
N MET C 130 7.10 10.16 -13.67
CA MET C 130 7.70 10.63 -12.43
C MET C 130 7.57 12.14 -12.22
N LEU C 131 7.14 12.88 -13.23
CA LEU C 131 7.02 14.32 -13.10
C LEU C 131 5.98 14.68 -12.03
N SER C 132 6.26 15.76 -11.31
CA SER C 132 5.36 16.21 -10.26
C SER C 132 4.06 16.74 -10.87
N ARG C 133 3.05 16.89 -10.01
CA ARG C 133 1.74 17.34 -10.48
C ARG C 133 1.84 18.72 -11.11
N HIS C 134 2.60 19.63 -10.49
CA HIS C 134 2.76 20.97 -11.05
C HIS C 134 3.50 20.92 -12.39
N SER C 135 4.42 19.97 -12.55
CA SER C 135 5.14 19.85 -13.81
C SER C 135 4.20 19.49 -14.96
N PHE C 136 3.23 18.60 -14.70
CA PHE C 136 2.30 18.23 -15.75
C PHE C 136 1.49 19.42 -16.24
N ASN C 137 1.01 20.24 -15.32
CA ASN C 137 0.19 21.38 -15.70
C ASN C 137 1.02 22.43 -16.44
N ALA C 138 2.31 22.56 -16.10
CA ALA C 138 3.17 23.48 -16.83
C ALA C 138 3.28 23.08 -18.29
N LEU C 139 3.44 21.78 -18.57
CA LEU C 139 3.49 21.29 -19.94
C LEU C 139 2.12 21.31 -20.61
N LEU C 140 1.05 21.41 -19.83
CA LEU C 140 -0.30 21.19 -20.36
C LEU C 140 -0.64 22.22 -21.43
N LYS C 141 -0.35 23.49 -21.18
CA LYS C 141 -0.76 24.53 -22.11
C LYS C 141 0.09 24.53 -23.37
N THR C 142 1.40 24.40 -23.22
CA THR C 142 2.29 24.45 -24.39
C THR C 142 2.16 23.19 -25.24
N LEU C 143 1.87 22.05 -24.62
CA LEU C 143 1.76 20.81 -25.38
C LEU C 143 0.59 20.85 -26.35
N GLU C 144 -0.46 21.60 -26.03
CA GLU C 144 -1.63 21.66 -26.90
C GLU C 144 -1.32 22.41 -28.19
N GLU C 145 -0.58 23.50 -28.11
CA GLU C 145 -0.29 24.37 -29.26
C GLU C 145 1.19 24.70 -29.29
N PRO C 146 2.05 23.73 -29.63
CA PRO C 146 3.48 24.03 -29.72
C PRO C 146 3.80 24.81 -30.98
N PRO C 147 4.96 25.48 -31.03
CA PRO C 147 5.40 26.09 -32.29
C PRO C 147 5.52 25.04 -33.39
N GLU C 148 5.73 25.53 -34.61
CA GLU C 148 5.76 24.65 -35.77
C GLU C 148 6.98 23.74 -35.80
N HIS C 149 8.05 24.07 -35.08
CA HIS C 149 9.32 23.37 -35.19
C HIS C 149 9.70 22.65 -33.89
N VAL C 150 8.71 22.08 -33.20
CA VAL C 150 8.96 21.30 -31.99
C VAL C 150 8.03 20.09 -31.97
N LYS C 151 8.58 18.95 -31.57
CA LYS C 151 7.82 17.72 -31.38
C LYS C 151 8.14 17.13 -30.02
N PHE C 152 7.15 16.54 -29.38
CA PHE C 152 7.29 15.96 -28.05
C PHE C 152 7.09 14.45 -28.12
N LEU C 153 8.06 13.70 -27.62
CA LEU C 153 7.99 12.25 -27.55
C LEU C 153 8.06 11.83 -26.09
N LEU C 154 7.06 11.05 -25.66
CA LEU C 154 6.93 10.63 -24.26
C LEU C 154 6.92 9.12 -24.18
N ALA C 155 7.64 8.59 -23.18
CA ALA C 155 7.70 7.15 -22.92
C ALA C 155 7.44 6.92 -21.44
N THR C 156 6.53 5.99 -21.15
CA THR C 156 6.17 5.70 -19.76
C THR C 156 5.79 4.23 -19.63
N THR C 157 6.25 3.60 -18.55
CA THR C 157 5.88 2.23 -18.27
C THR C 157 4.47 2.12 -17.71
N ASP C 158 4.03 3.12 -16.95
CA ASP C 158 2.71 3.12 -16.29
C ASP C 158 1.98 4.41 -16.65
N PRO C 159 1.30 4.45 -17.80
CA PRO C 159 0.60 5.68 -18.19
C PRO C 159 -0.59 6.03 -17.29
N GLN C 160 -1.05 5.12 -16.45
CA GLN C 160 -2.18 5.41 -15.57
C GLN C 160 -1.89 6.56 -14.62
N LYS C 161 -0.62 6.84 -14.32
CA LYS C 161 -0.28 7.91 -13.40
C LYS C 161 -0.46 9.29 -14.02
N LEU C 162 -0.43 9.40 -15.34
CA LEU C 162 -0.52 10.69 -15.97
C LEU C 162 -1.93 11.27 -15.82
N PRO C 163 -2.07 12.59 -15.80
CA PRO C 163 -3.41 13.18 -15.75
C PRO C 163 -4.20 12.88 -17.01
N VAL C 164 -5.53 12.88 -16.87
CA VAL C 164 -6.40 12.62 -18.02
C VAL C 164 -6.20 13.67 -19.09
N THR C 165 -5.98 14.93 -18.67
CA THR C 165 -5.83 16.01 -19.64
C THR C 165 -4.62 15.80 -20.53
N ILE C 166 -3.51 15.32 -19.95
CA ILE C 166 -2.30 15.11 -20.74
C ILE C 166 -2.53 14.06 -21.81
N LEU C 167 -3.26 13.00 -21.48
CA LEU C 167 -3.47 11.91 -22.43
C LEU C 167 -4.21 12.40 -23.67
N SER C 168 -5.23 13.24 -23.49
CA SER C 168 -6.05 13.68 -24.61
C SER C 168 -5.28 14.55 -25.60
N ARG C 169 -4.12 15.08 -25.22
CA ARG C 169 -3.36 15.99 -26.06
C ARG C 169 -2.32 15.31 -26.93
N CYS C 170 -2.22 13.98 -26.89
CA CYS C 170 -1.18 13.27 -27.60
C CYS C 170 -1.71 11.96 -28.15
N LEU C 171 -1.06 11.48 -29.20
CA LEU C 171 -1.36 10.16 -29.76
C LEU C 171 -0.66 9.10 -28.92
N GLN C 172 -1.41 8.09 -28.49
CA GLN C 172 -0.93 7.08 -27.56
C GLN C 172 -0.82 5.74 -28.29
N PHE C 173 0.39 5.18 -28.30
CA PHE C 173 0.66 3.86 -28.85
C PHE C 173 1.07 2.93 -27.71
N HIS C 174 0.37 1.81 -27.58
CA HIS C 174 0.61 0.85 -26.52
C HIS C 174 1.30 -0.37 -27.12
N LEU C 175 2.55 -0.60 -26.73
CA LEU C 175 3.29 -1.75 -27.21
C LEU C 175 2.79 -3.02 -26.52
N LYS C 176 3.21 -4.17 -27.05
CA LYS C 176 2.83 -5.47 -26.54
C LYS C 176 4.07 -6.30 -26.22
N ALA C 177 3.92 -7.21 -25.27
CA ALA C 177 5.03 -8.07 -24.88
C ALA C 177 5.37 -9.02 -26.02
N LEU C 178 6.67 -9.21 -26.25
CA LEU C 178 7.11 -10.10 -27.32
C LEU C 178 6.75 -11.54 -27.00
N ASP C 179 6.52 -12.33 -28.05
CA ASP C 179 6.14 -13.72 -27.92
C ASP C 179 7.39 -14.60 -27.83
N VAL C 180 7.18 -15.86 -27.42
CA VAL C 180 8.30 -16.78 -27.25
C VAL C 180 9.01 -17.00 -28.58
N GLU C 181 8.26 -17.23 -29.65
CA GLU C 181 8.88 -17.48 -30.94
C GLU C 181 9.68 -16.27 -31.42
N GLN C 182 9.14 -15.06 -31.22
CA GLN C 182 9.85 -13.87 -31.64
C GLN C 182 11.17 -13.72 -30.88
N ILE C 183 11.15 -13.97 -29.56
CA ILE C 183 12.37 -13.86 -28.77
C ILE C 183 13.37 -14.92 -29.22
N ARG C 184 12.90 -16.15 -29.45
CA ARG C 184 13.80 -17.22 -29.86
C ARG C 184 14.51 -16.89 -31.17
N HIS C 185 13.76 -16.38 -32.15
CA HIS C 185 14.36 -16.07 -33.44
C HIS C 185 15.42 -14.99 -33.31
N GLN C 186 15.16 -13.96 -32.49
CA GLN C 186 16.14 -12.90 -32.30
C GLN C 186 17.41 -13.43 -31.67
N LEU C 187 17.28 -14.31 -30.68
CA LEU C 187 18.47 -14.87 -30.03
C LEU C 187 19.29 -15.68 -31.01
N GLU C 188 18.63 -16.46 -31.88
CA GLU C 188 19.36 -17.22 -32.89
C GLU C 188 20.14 -16.30 -33.81
N HIS C 189 19.53 -15.20 -34.24
CA HIS C 189 20.23 -14.27 -35.12
C HIS C 189 21.42 -13.63 -34.43
N ILE C 190 21.25 -13.22 -33.17
CA ILE C 190 22.33 -12.54 -32.46
C ILE C 190 23.50 -13.49 -32.22
N LEU C 191 23.20 -14.69 -31.72
CA LEU C 191 24.27 -15.65 -31.43
C LEU C 191 25.00 -16.05 -32.72
N ASN C 192 24.26 -16.25 -33.80
CA ASN C 192 24.89 -16.62 -35.07
C ASN C 192 25.82 -15.50 -35.55
N GLU C 193 25.38 -14.25 -35.43
CA GLU C 193 26.24 -13.14 -35.83
C GLU C 193 27.44 -12.98 -34.90
N GLU C 194 27.32 -13.45 -33.65
CA GLU C 194 28.40 -13.36 -32.69
C GLU C 194 29.34 -14.55 -32.74
N HIS C 195 29.08 -15.54 -33.58
CA HIS C 195 29.92 -16.72 -33.71
C HIS C 195 30.04 -17.46 -32.38
N ILE C 196 28.87 -17.80 -31.82
CA ILE C 196 28.78 -18.52 -30.55
C ILE C 196 27.88 -19.73 -30.76
N ALA C 197 28.36 -20.90 -30.37
CA ALA C 197 27.59 -22.12 -30.51
C ALA C 197 26.40 -22.12 -29.55
N HIS C 198 25.38 -22.89 -29.91
CA HIS C 198 24.17 -22.98 -29.11
C HIS C 198 23.42 -24.24 -29.49
N GLU C 199 22.39 -24.56 -28.72
CA GLU C 199 21.55 -25.72 -28.95
C GLU C 199 20.09 -25.32 -28.97
N PRO C 200 19.24 -26.05 -29.71
CA PRO C 200 17.83 -25.64 -29.80
C PRO C 200 17.12 -25.57 -28.46
N ARG C 201 17.41 -26.50 -27.55
CA ARG C 201 16.69 -26.53 -26.29
C ARG C 201 17.11 -25.39 -25.37
N ALA C 202 18.39 -25.02 -25.40
CA ALA C 202 18.86 -23.94 -24.54
C ALA C 202 18.15 -22.63 -24.87
N LEU C 203 17.99 -22.33 -26.16
CA LEU C 203 17.35 -21.07 -26.54
C LEU C 203 15.88 -21.05 -26.12
N GLN C 204 15.19 -22.19 -26.21
CA GLN C 204 13.80 -22.24 -25.79
C GLN C 204 13.66 -21.92 -24.31
N LEU C 205 14.56 -22.47 -23.48
CA LEU C 205 14.51 -22.19 -22.05
C LEU C 205 14.76 -20.71 -21.77
N LEU C 206 15.73 -20.10 -22.44
CA LEU C 206 16.00 -18.69 -22.25
C LEU C 206 14.81 -17.84 -22.66
N ALA C 207 14.20 -18.15 -23.81
CA ALA C 207 13.04 -17.39 -24.26
C ALA C 207 11.87 -17.53 -23.28
N ARG C 208 11.66 -18.74 -22.77
CA ARG C 208 10.57 -18.96 -21.83
C ARG C 208 10.80 -18.18 -20.53
N ALA C 209 12.05 -18.11 -20.08
CA ALA C 209 12.35 -17.39 -18.85
C ALA C 209 12.32 -15.87 -19.04
N ALA C 210 12.40 -15.40 -20.28
CA ALA C 210 12.38 -13.96 -20.52
C ALA C 210 11.05 -13.34 -20.07
N GLU C 211 9.95 -14.05 -20.32
CA GLU C 211 8.61 -13.61 -19.89
C GLU C 211 8.23 -12.28 -20.55
N GLY C 212 8.18 -12.30 -21.88
CA GLY C 212 7.66 -11.18 -22.63
C GLY C 212 8.55 -9.97 -22.68
N SER C 213 9.86 -10.14 -22.50
CA SER C 213 10.80 -9.03 -22.59
C SER C 213 12.02 -9.49 -23.37
N LEU C 214 12.65 -8.54 -24.07
CA LEU C 214 13.85 -8.82 -24.84
C LEU C 214 15.12 -8.44 -24.11
N ARG C 215 15.07 -7.40 -23.26
CA ARG C 215 16.24 -7.07 -22.45
C ARG C 215 16.57 -8.20 -21.47
N ASP C 216 15.53 -8.82 -20.90
CA ASP C 216 15.75 -9.94 -19.99
C ASP C 216 16.45 -11.09 -20.71
N ALA C 217 16.01 -11.42 -21.92
CA ALA C 217 16.63 -12.51 -22.66
C ALA C 217 18.10 -12.24 -22.94
N LEU C 218 18.43 -11.01 -23.34
CA LEU C 218 19.82 -10.67 -23.60
C LEU C 218 20.66 -10.73 -22.33
N SER C 219 20.10 -10.27 -21.21
CA SER C 219 20.82 -10.34 -19.94
C SER C 219 21.10 -11.78 -19.55
N LEU C 220 20.11 -12.66 -19.71
CA LEU C 220 20.31 -14.07 -19.42
C LEU C 220 21.34 -14.68 -20.37
N THR C 221 21.30 -14.28 -21.64
CA THR C 221 22.25 -14.81 -22.62
C THR C 221 23.68 -14.47 -22.23
N ASP C 222 23.92 -13.23 -21.79
CA ASP C 222 25.26 -12.86 -21.36
C ASP C 222 25.71 -13.70 -20.17
N GLN C 223 24.82 -13.93 -19.21
CA GLN C 223 25.15 -14.77 -18.07
C GLN C 223 25.43 -16.21 -18.52
N ALA C 224 24.62 -16.73 -19.45
CA ALA C 224 24.80 -18.10 -19.90
C ALA C 224 26.13 -18.28 -20.63
N ILE C 225 26.51 -17.28 -21.43
CA ILE C 225 27.78 -17.38 -22.17
C ILE C 225 28.95 -17.48 -21.20
N ALA C 226 28.94 -16.67 -20.14
CA ALA C 226 30.03 -16.71 -19.17
C ALA C 226 30.11 -18.07 -18.49
N SER C 227 28.97 -18.64 -18.10
CA SER C 227 28.98 -19.93 -17.43
C SER C 227 29.52 -21.03 -18.33
N GLY C 228 29.13 -21.02 -19.61
CA GLY C 228 29.52 -22.04 -20.54
C GLY C 228 30.84 -21.84 -21.24
N ASP C 229 31.59 -20.79 -20.88
CA ASP C 229 32.89 -20.51 -21.49
C ASP C 229 32.76 -20.34 -23.01
N GLY C 230 31.83 -19.47 -23.42
CA GLY C 230 31.63 -19.17 -24.82
C GLY C 230 30.67 -20.09 -25.55
N GLN C 231 30.05 -21.04 -24.86
CA GLN C 231 29.05 -21.92 -25.44
C GLN C 231 27.77 -21.85 -24.63
N VAL C 232 26.63 -21.92 -25.32
CA VAL C 232 25.33 -21.92 -24.67
C VAL C 232 24.73 -23.31 -24.80
N SER C 233 24.97 -24.16 -23.81
CA SER C 233 24.50 -25.54 -23.82
C SER C 233 23.26 -25.68 -22.96
N THR C 234 22.44 -26.68 -23.28
CA THR C 234 21.22 -26.92 -22.52
C THR C 234 21.55 -27.28 -21.07
N GLN C 235 22.63 -28.04 -20.86
CA GLN C 235 23.01 -28.40 -19.51
C GLN C 235 23.36 -27.17 -18.67
N ALA C 236 24.13 -26.24 -19.25
CA ALA C 236 24.52 -25.04 -18.51
C ALA C 236 23.30 -24.18 -18.19
N VAL C 237 22.41 -23.98 -19.17
CA VAL C 237 21.25 -23.14 -18.93
C VAL C 237 20.33 -23.77 -17.89
N SER C 238 20.11 -25.08 -17.98
CA SER C 238 19.21 -25.74 -17.02
C SER C 238 19.73 -25.60 -15.60
N ALA C 239 21.04 -25.78 -15.39
CA ALA C 239 21.61 -25.59 -14.07
C ALA C 239 21.47 -24.14 -13.61
N MET C 240 21.68 -23.19 -14.52
CA MET C 240 21.60 -21.78 -14.16
C MET C 240 20.21 -21.42 -13.66
N LEU C 241 19.18 -21.79 -14.43
CA LEU C 241 17.81 -21.49 -14.04
C LEU C 241 17.35 -22.30 -12.83
N GLY C 242 18.10 -23.31 -12.43
CA GLY C 242 17.72 -24.10 -11.27
C GLY C 242 16.40 -24.82 -11.46
N THR C 243 16.15 -25.35 -12.66
CA THR C 243 14.92 -26.05 -12.98
C THR C 243 15.26 -27.43 -13.52
N LEU C 244 14.60 -28.45 -12.98
CA LEU C 244 14.80 -29.81 -13.45
C LEU C 244 13.90 -30.07 -14.66
N ASP C 245 14.32 -31.03 -15.49
CA ASP C 245 13.56 -31.34 -16.70
C ASP C 245 12.17 -31.84 -16.32
N ASP C 246 11.19 -31.50 -17.17
CA ASP C 246 9.80 -31.85 -16.89
C ASP C 246 9.60 -33.36 -16.78
N ASP C 247 10.47 -34.16 -17.38
CA ASP C 247 10.29 -35.61 -17.34
C ASP C 247 10.38 -36.13 -15.91
N GLN C 248 11.35 -35.64 -15.13
CA GLN C 248 11.46 -36.07 -13.74
C GLN C 248 10.24 -35.64 -12.93
N ALA C 249 9.82 -34.38 -13.10
CA ALA C 249 8.66 -33.89 -12.36
C ALA C 249 7.40 -34.65 -12.76
N LEU C 250 7.21 -34.89 -14.06
CA LEU C 250 6.04 -35.64 -14.50
C LEU C 250 6.07 -37.06 -13.97
N SER C 251 7.24 -37.69 -13.96
CA SER C 251 7.35 -39.06 -13.45
C SER C 251 6.94 -39.12 -11.98
N LEU C 252 7.35 -38.12 -11.19
CA LEU C 252 6.98 -38.10 -9.78
C LEU C 252 5.46 -37.96 -9.62
N VAL C 253 4.84 -37.11 -10.45
CA VAL C 253 3.39 -36.96 -10.38
C VAL C 253 2.69 -38.26 -10.75
N GLU C 254 3.18 -38.94 -11.79
CA GLU C 254 2.58 -40.21 -12.21
C GLU C 254 2.65 -41.23 -11.08
N ALA C 255 3.78 -41.29 -10.38
CA ALA C 255 3.89 -42.20 -9.24
C ALA C 255 2.90 -41.83 -8.15
N MET C 256 2.72 -40.53 -7.89
CA MET C 256 1.84 -40.10 -6.82
C MET C 256 0.39 -40.51 -7.09
N VAL C 257 -0.08 -40.33 -8.32
CA VAL C 257 -1.48 -40.60 -8.62
C VAL C 257 -1.79 -42.08 -8.51
N GLU C 258 -0.83 -42.95 -8.81
CA GLU C 258 -1.02 -44.39 -8.75
C GLU C 258 -0.77 -44.97 -7.37
N ALA C 259 -0.50 -44.13 -6.37
CA ALA C 259 -0.30 -44.59 -4.99
C ALA C 259 0.88 -45.55 -4.90
N ASN C 260 1.94 -45.27 -5.65
CA ASN C 260 3.18 -46.06 -5.59
C ASN C 260 4.16 -45.30 -4.70
N GLY C 261 4.00 -45.48 -3.40
CA GLY C 261 4.81 -44.73 -2.45
C GLY C 261 6.29 -45.04 -2.56
N GLU C 262 6.63 -46.31 -2.81
CA GLU C 262 8.03 -46.70 -2.88
C GLU C 262 8.75 -45.96 -4.00
N ARG C 263 8.10 -45.85 -5.17
CA ARG C 263 8.69 -45.10 -6.26
C ARG C 263 8.84 -43.62 -5.90
N VAL C 264 7.84 -43.07 -5.19
CA VAL C 264 7.91 -41.67 -4.80
C VAL C 264 9.12 -41.42 -3.90
N MET C 265 9.34 -42.31 -2.93
CA MET C 265 10.50 -42.16 -2.05
C MET C 265 11.80 -42.25 -2.84
N ALA C 266 11.86 -43.17 -3.81
CA ALA C 266 13.07 -43.31 -4.61
C ALA C 266 13.37 -42.04 -5.39
N LEU C 267 12.34 -41.44 -5.98
CA LEU C 267 12.54 -40.20 -6.73
C LEU C 267 13.04 -39.09 -5.83
N ILE C 268 12.52 -39.01 -4.60
CA ILE C 268 12.97 -37.98 -3.66
C ILE C 268 14.45 -38.17 -3.35
N ASN C 269 14.86 -39.43 -3.13
CA ASN C 269 16.27 -39.70 -2.84
C ASN C 269 17.15 -39.27 -4.00
N GLU C 270 16.74 -39.59 -5.23
CA GLU C 270 17.49 -39.14 -6.40
C GLU C 270 17.49 -37.62 -6.49
N ALA C 271 16.36 -36.98 -6.19
CA ALA C 271 16.31 -35.52 -6.20
C ALA C 271 17.26 -34.94 -5.16
N ALA C 272 17.35 -35.57 -3.99
CA ALA C 272 18.29 -35.10 -2.97
C ALA C 272 19.72 -35.18 -3.47
N ALA C 273 20.07 -36.28 -4.14
CA ALA C 273 21.42 -36.41 -4.69
C ALA C 273 21.69 -35.35 -5.74
N ARG C 274 20.67 -35.00 -6.54
CA ARG C 274 20.85 -33.98 -7.57
C ARG C 274 21.24 -32.64 -6.97
N GLY C 275 20.65 -32.30 -5.83
CA GLY C 275 20.93 -31.02 -5.19
C GLY C 275 20.13 -29.88 -5.77
N ILE C 276 18.81 -29.98 -5.71
CA ILE C 276 17.89 -28.96 -6.19
C ILE C 276 17.01 -28.52 -5.04
N GLU C 277 16.69 -27.23 -5.00
CA GLU C 277 15.88 -26.69 -3.92
C GLU C 277 14.55 -27.39 -3.86
N TRP C 278 14.10 -27.70 -2.64
CA TRP C 278 12.85 -28.44 -2.48
C TRP C 278 11.63 -27.60 -2.80
N GLU C 279 11.77 -26.27 -2.76
CA GLU C 279 10.68 -25.41 -3.20
C GLU C 279 10.43 -25.58 -4.69
N ALA C 280 11.50 -25.80 -5.47
CA ALA C 280 11.35 -25.97 -6.91
C ALA C 280 10.50 -27.19 -7.24
N LEU C 281 10.71 -28.29 -6.51
CA LEU C 281 9.96 -29.52 -6.79
C LEU C 281 8.47 -29.30 -6.59
N LEU C 282 8.07 -28.64 -5.51
CA LEU C 282 6.66 -28.38 -5.29
C LEU C 282 6.08 -27.46 -6.36
N VAL C 283 6.85 -26.45 -6.76
CA VAL C 283 6.38 -25.52 -7.78
C VAL C 283 6.13 -26.25 -9.09
N GLU C 284 7.09 -27.08 -9.51
CA GLU C 284 6.94 -27.80 -10.77
C GLU C 284 5.80 -28.80 -10.71
N MET C 285 5.66 -29.52 -9.59
CA MET C 285 4.53 -30.44 -9.45
C MET C 285 3.21 -29.69 -9.49
N LEU C 286 3.13 -28.53 -8.84
CA LEU C 286 1.94 -27.71 -8.93
C LEU C 286 1.71 -27.24 -10.36
N GLY C 287 2.77 -26.85 -11.05
CA GLY C 287 2.62 -26.38 -12.42
C GLY C 287 2.06 -27.44 -13.35
N LEU C 288 2.56 -28.68 -13.23
CA LEU C 288 2.05 -29.75 -14.07
C LEU C 288 0.58 -30.05 -13.76
N LEU C 289 0.22 -30.09 -12.49
CA LEU C 289 -1.17 -30.35 -12.12
C LEU C 289 -2.09 -29.25 -12.66
N HIS C 290 -1.64 -28.00 -12.58
CA HIS C 290 -2.42 -26.91 -13.16
C HIS C 290 -2.56 -27.08 -14.66
N ARG C 291 -1.48 -27.45 -15.34
CA ARG C 291 -1.54 -27.64 -16.79
C ARG C 291 -2.52 -28.74 -17.17
N ILE C 292 -2.54 -29.82 -16.39
CA ILE C 292 -3.49 -30.91 -16.67
C ILE C 292 -4.92 -30.40 -16.58
N ALA C 293 -5.21 -29.58 -15.56
CA ALA C 293 -6.55 -29.03 -15.42
C ALA C 293 -6.91 -28.14 -16.61
N MET C 294 -5.97 -27.32 -17.06
CA MET C 294 -6.22 -26.45 -18.22
C MET C 294 -6.50 -27.29 -19.46
N VAL C 295 -5.72 -28.34 -19.69
CA VAL C 295 -5.95 -29.21 -20.83
C VAL C 295 -7.32 -29.88 -20.72
N GLN C 296 -7.66 -30.34 -19.51
CA GLN C 296 -8.98 -30.95 -19.30
C GLN C 296 -10.10 -29.97 -19.59
N LEU C 297 -9.85 -28.67 -19.38
CA LEU C 297 -10.85 -27.67 -19.71
C LEU C 297 -11.01 -27.52 -21.22
N SER C 298 -9.89 -27.44 -21.95
CA SER C 298 -9.92 -27.29 -23.40
C SER C 298 -8.69 -27.98 -23.98
N PRO C 299 -8.84 -28.73 -25.08
CA PRO C 299 -7.65 -29.40 -25.65
C PRO C 299 -6.55 -28.44 -26.08
N ALA C 300 -6.90 -27.20 -26.43
CA ALA C 300 -5.92 -26.25 -26.96
C ALA C 300 -5.12 -25.55 -25.88
N ALA C 301 -5.38 -25.84 -24.60
CA ALA C 301 -4.66 -25.15 -23.53
C ALA C 301 -3.17 -25.46 -23.58
N LEU C 302 -2.81 -26.71 -23.86
CA LEU C 302 -1.41 -27.09 -23.87
C LEU C 302 -0.65 -26.32 -24.95
N GLY C 303 0.53 -25.82 -24.59
CA GLY C 303 1.35 -25.07 -25.52
C GLY C 303 2.29 -25.95 -26.32
N ASN C 304 2.98 -25.32 -27.26
CA ASN C 304 3.92 -26.04 -28.13
C ASN C 304 5.23 -26.36 -27.42
N ASP C 305 5.58 -25.64 -26.36
CA ASP C 305 6.87 -25.86 -25.71
C ASP C 305 6.95 -27.26 -25.10
N MET C 306 5.87 -27.72 -24.50
CA MET C 306 5.84 -29.04 -23.83
C MET C 306 5.43 -30.13 -24.81
N ALA C 307 6.12 -30.20 -25.96
CA ALA C 307 5.80 -31.21 -26.96
C ALA C 307 6.33 -32.59 -26.59
N ALA C 308 7.47 -32.65 -25.88
CA ALA C 308 8.09 -33.93 -25.59
C ALA C 308 7.19 -34.80 -24.72
N ILE C 309 6.42 -34.21 -23.82
CA ILE C 309 5.56 -34.96 -22.91
C ILE C 309 4.10 -34.65 -23.20
N GLU C 310 3.79 -34.36 -24.46
CA GLU C 310 2.41 -34.03 -24.82
C GLU C 310 1.50 -35.23 -24.60
N LEU C 311 1.89 -36.40 -25.10
CA LEU C 311 1.03 -37.57 -24.99
C LEU C 311 0.93 -38.08 -23.56
N ARG C 312 1.99 -37.93 -22.76
CA ARG C 312 1.94 -38.38 -21.38
C ARG C 312 0.91 -37.59 -20.57
N MET C 313 0.84 -36.28 -20.79
CA MET C 313 -0.12 -35.47 -20.06
C MET C 313 -1.54 -35.67 -20.58
N ARG C 314 -1.69 -35.89 -21.89
CA ARG C 314 -3.02 -36.07 -22.46
C ARG C 314 -3.71 -37.29 -21.88
N GLU C 315 -2.98 -38.40 -21.74
CA GLU C 315 -3.58 -39.60 -21.16
C GLU C 315 -3.95 -39.39 -19.69
N LEU C 316 -3.12 -38.65 -18.95
CA LEU C 316 -3.44 -38.37 -17.55
C LEU C 316 -4.73 -37.58 -17.43
N ALA C 317 -4.94 -36.60 -18.31
CA ALA C 317 -6.17 -35.80 -18.25
C ALA C 317 -7.39 -36.67 -18.51
N ARG C 318 -7.29 -37.58 -19.48
CA ARG C 318 -8.43 -38.44 -19.79
C ARG C 318 -8.79 -39.33 -18.62
N THR C 319 -7.80 -39.87 -17.93
CA THR C 319 -8.05 -40.86 -16.88
C THR C 319 -8.47 -40.21 -15.57
N ILE C 320 -7.66 -39.28 -15.07
CA ILE C 320 -7.91 -38.71 -13.74
C ILE C 320 -9.17 -37.85 -13.80
N PRO C 321 -10.14 -38.05 -12.91
CA PRO C 321 -11.32 -37.18 -12.90
C PRO C 321 -10.95 -35.77 -12.48
N PRO C 322 -11.75 -34.77 -12.86
CA PRO C 322 -11.42 -33.38 -12.45
C PRO C 322 -11.33 -33.20 -10.94
N THR C 323 -12.20 -33.88 -10.19
CA THR C 323 -12.20 -33.68 -8.74
C THR C 323 -10.89 -34.12 -8.11
N ASP C 324 -10.33 -35.24 -8.57
CA ASP C 324 -9.07 -35.72 -8.02
C ASP C 324 -7.94 -34.73 -8.26
N ILE C 325 -7.93 -34.09 -9.44
CA ILE C 325 -6.89 -33.09 -9.72
C ILE C 325 -6.98 -31.95 -8.72
N GLN C 326 -8.20 -31.52 -8.39
CA GLN C 326 -8.36 -30.43 -7.42
C GLN C 326 -7.81 -30.83 -6.06
N LEU C 327 -8.09 -32.06 -5.62
CA LEU C 327 -7.62 -32.49 -4.30
C LEU C 327 -6.10 -32.52 -4.24
N TYR C 328 -5.45 -33.05 -5.27
CA TYR C 328 -3.99 -33.07 -5.30
C TYR C 328 -3.42 -31.66 -5.36
N TYR C 329 -4.01 -30.79 -6.19
CA TYR C 329 -3.50 -29.44 -6.33
C TYR C 329 -3.59 -28.67 -5.02
N GLN C 330 -4.74 -28.76 -4.34
CA GLN C 330 -4.92 -28.01 -3.10
C GLN C 330 -4.05 -28.57 -1.98
N THR C 331 -3.86 -29.89 -1.95
CA THR C 331 -3.05 -30.49 -0.90
C THR C 331 -1.62 -29.98 -0.95
N LEU C 332 -1.05 -29.86 -2.16
CA LEU C 332 0.31 -29.33 -2.29
C LEU C 332 0.38 -27.87 -1.91
N LEU C 333 -0.67 -27.09 -2.20
CA LEU C 333 -0.68 -25.68 -1.81
C LEU C 333 -0.58 -25.52 -0.30
N ILE C 334 -1.36 -26.31 0.46
CA ILE C 334 -1.29 -26.25 1.91
C ILE C 334 0.10 -26.66 2.39
N GLY C 335 0.67 -27.69 1.77
CA GLY C 335 2.02 -28.09 2.14
C GLY C 335 3.03 -26.98 1.90
N ARG C 336 2.86 -26.23 0.80
CA ARG C 336 3.77 -25.13 0.53
C ARG C 336 3.64 -24.02 1.56
N LYS C 337 2.42 -23.78 2.06
CA LYS C 337 2.24 -22.76 3.09
C LYS C 337 3.00 -23.11 4.36
N GLU C 338 2.94 -24.38 4.79
CA GLU C 338 3.54 -24.80 6.05
C GLU C 338 4.98 -25.26 5.90
N LEU C 339 5.53 -25.27 4.68
CA LEU C 339 6.91 -25.72 4.50
C LEU C 339 7.91 -24.93 5.32
N PRO C 340 7.85 -23.59 5.41
CA PRO C 340 8.86 -22.88 6.20
C PRO C 340 8.89 -23.28 7.67
N TYR C 341 7.74 -23.66 8.24
CA TYR C 341 7.65 -23.98 9.65
C TYR C 341 8.05 -25.41 9.98
N ALA C 342 8.30 -26.25 8.97
CA ALA C 342 8.72 -27.61 9.24
C ALA C 342 10.16 -27.63 9.75
N PRO C 343 10.55 -28.65 10.51
CA PRO C 343 11.95 -28.69 11.01
C PRO C 343 12.97 -28.69 9.89
N ASP C 344 12.68 -29.35 8.77
CA ASP C 344 13.63 -29.42 7.66
C ASP C 344 12.84 -29.45 6.36
N ARG C 345 13.49 -29.00 5.28
CA ARG C 345 12.83 -28.97 3.98
C ARG C 345 12.46 -30.37 3.51
N ARG C 346 13.37 -31.33 3.67
CA ARG C 346 13.05 -32.71 3.29
C ARG C 346 11.88 -33.23 4.09
N MET C 347 11.86 -32.96 5.40
CA MET C 347 10.76 -33.41 6.24
C MET C 347 9.44 -32.79 5.80
N GLY C 348 9.46 -31.50 5.47
CA GLY C 348 8.24 -30.84 5.04
C GLY C 348 7.69 -31.41 3.75
N VAL C 349 8.55 -31.59 2.75
CA VAL C 349 8.09 -32.11 1.46
C VAL C 349 7.66 -33.56 1.61
N GLU C 350 8.44 -34.38 2.30
CA GLU C 350 8.11 -35.79 2.44
C GLU C 350 6.78 -35.96 3.16
N MET C 351 6.55 -35.20 4.23
CA MET C 351 5.29 -35.32 4.96
C MET C 351 4.12 -34.88 4.09
N THR C 352 4.32 -33.86 3.25
CA THR C 352 3.26 -33.40 2.37
C THR C 352 2.82 -34.51 1.41
N LEU C 353 3.80 -35.20 0.81
CA LEU C 353 3.47 -36.29 -0.10
C LEU C 353 2.73 -37.41 0.63
N LEU C 354 3.20 -37.77 1.83
CA LEU C 354 2.52 -38.80 2.60
C LEU C 354 1.08 -38.40 2.92
N ARG C 355 0.82 -37.10 3.08
CA ARG C 355 -0.55 -36.67 3.29
C ARG C 355 -1.42 -36.99 2.10
N ALA C 356 -0.90 -36.77 0.88
CA ALA C 356 -1.67 -37.08 -0.32
C ALA C 356 -1.95 -38.57 -0.42
N LEU C 357 -0.94 -39.41 -0.14
CA LEU C 357 -1.14 -40.85 -0.20
C LEU C 357 -2.14 -41.31 0.85
N ALA C 358 -2.09 -40.72 2.04
CA ALA C 358 -3.02 -41.11 3.10
C ALA C 358 -4.46 -40.82 2.70
N PHE C 359 -4.71 -39.68 2.06
CA PHE C 359 -6.04 -39.28 1.61
C PHE C 359 -6.25 -39.53 0.12
N HIS C 360 -5.66 -40.59 -0.41
CA HIS C 360 -5.84 -40.91 -1.82
C HIS C 360 -7.31 -41.21 -2.10
N PRO C 361 -7.90 -40.68 -3.17
CA PRO C 361 -9.34 -40.88 -3.38
C PRO C 361 -9.75 -42.35 -3.48
N ARG C 362 -8.93 -43.19 -4.11
CA ARG C 362 -9.32 -44.56 -4.42
C ARG C 362 -8.47 -45.62 -3.71
N MET C 363 -7.20 -45.34 -3.40
CA MET C 363 -6.30 -46.30 -2.77
C MET C 363 -5.61 -45.65 -1.58
N PRO C 364 -6.31 -45.47 -0.47
CA PRO C 364 -5.67 -44.95 0.74
C PRO C 364 -4.71 -45.97 1.34
N LEU C 365 -3.82 -45.48 2.19
CA LEU C 365 -2.90 -46.36 2.89
C LEU C 365 -3.68 -47.29 3.81
N PRO C 366 -3.19 -48.51 4.05
CA PRO C 366 -3.95 -49.45 4.90
C PRO C 366 -4.07 -48.93 6.33
N GLU C 367 -5.30 -48.87 6.81
CA GLU C 367 -5.55 -48.39 8.17
C GLU C 367 -5.59 -49.56 9.14
N PRO C 368 -4.74 -49.59 10.16
CA PRO C 368 -4.78 -50.71 11.10
C PRO C 368 -6.01 -50.66 11.98
N GLU C 369 -6.35 -51.82 12.54
CA GLU C 369 -7.53 -51.94 13.40
C GLU C 369 -7.39 -51.05 14.64
N SER D 2 42.73 -4.78 20.11
CA SER D 2 42.12 -4.78 18.79
C SER D 2 41.38 -6.09 18.53
N TYR D 3 40.85 -6.68 19.59
CA TYR D 3 40.12 -7.93 19.45
C TYR D 3 38.87 -7.74 18.61
N GLN D 4 38.65 -8.67 17.68
CA GLN D 4 37.47 -8.68 16.82
C GLN D 4 36.91 -10.08 16.75
N VAL D 5 35.58 -10.18 16.68
CA VAL D 5 34.89 -11.46 16.73
C VAL D 5 35.23 -12.29 15.51
N LEU D 6 34.91 -13.59 15.56
CA LEU D 6 35.24 -14.48 14.45
C LEU D 6 34.53 -14.06 13.17
N ALA D 7 33.27 -13.65 13.28
CA ALA D 7 32.51 -13.26 12.09
C ALA D 7 33.16 -12.09 11.36
N ARG D 8 33.94 -11.26 12.06
CA ARG D 8 34.63 -10.12 11.47
C ARG D 8 36.08 -10.43 11.15
N LYS D 9 36.72 -11.33 11.89
CA LYS D 9 38.13 -11.63 11.67
C LYS D 9 38.34 -12.52 10.46
N TRP D 10 37.42 -13.45 10.21
CA TRP D 10 37.60 -14.49 9.20
C TRP D 10 36.85 -14.18 7.91
N ARG D 11 36.72 -12.91 7.55
CA ARG D 11 36.12 -12.56 6.27
C ARG D 11 37.02 -13.05 5.14
N PRO D 12 36.49 -13.67 4.09
CA PRO D 12 37.36 -14.15 3.01
C PRO D 12 38.12 -13.00 2.36
N GLN D 13 39.38 -13.29 2.00
CA GLN D 13 40.22 -12.35 1.27
C GLN D 13 40.63 -12.88 -0.10
N THR D 14 40.14 -14.05 -0.50
CA THR D 14 40.42 -14.60 -1.81
C THR D 14 39.27 -15.51 -2.20
N PHE D 15 39.13 -15.75 -3.50
CA PHE D 15 38.04 -16.60 -3.99
C PHE D 15 38.15 -18.01 -3.43
N ALA D 16 39.37 -18.54 -3.35
CA ALA D 16 39.56 -19.90 -2.86
C ALA D 16 39.16 -20.06 -1.39
N ASP D 17 39.06 -18.96 -0.64
CA ASP D 17 38.78 -19.02 0.79
C ASP D 17 37.30 -19.07 1.10
N VAL D 18 36.41 -18.95 0.10
CA VAL D 18 34.98 -19.00 0.38
C VAL D 18 34.53 -20.45 0.47
N VAL D 19 33.34 -20.64 1.06
CA VAL D 19 32.75 -21.96 1.25
C VAL D 19 31.53 -22.05 0.34
N GLY D 20 31.52 -23.07 -0.52
CA GLY D 20 30.39 -23.26 -1.40
C GLY D 20 30.30 -22.16 -2.46
N GLN D 21 29.09 -21.99 -2.98
CA GLN D 21 28.82 -21.00 -4.01
C GLN D 21 29.75 -21.21 -5.21
N GLU D 22 29.98 -22.47 -5.57
CA GLU D 22 30.91 -22.78 -6.65
C GLU D 22 30.41 -22.24 -7.98
N HIS D 23 29.10 -22.35 -8.23
CA HIS D 23 28.56 -21.88 -9.51
C HIS D 23 28.75 -20.38 -9.68
N VAL D 24 28.54 -19.61 -8.60
CA VAL D 24 28.72 -18.17 -8.68
C VAL D 24 30.18 -17.82 -8.98
N LEU D 25 31.11 -18.47 -8.25
CA LEU D 25 32.52 -18.19 -8.47
C LEU D 25 32.96 -18.59 -9.88
N THR D 26 32.48 -19.74 -10.36
CA THR D 26 32.87 -20.20 -11.69
C THR D 26 32.40 -19.22 -12.76
N ALA D 27 31.16 -18.73 -12.64
CA ALA D 27 30.66 -17.78 -13.63
C ALA D 27 31.48 -16.49 -13.61
N LEU D 28 31.78 -15.96 -12.43
CA LEU D 28 32.56 -14.73 -12.34
C LEU D 28 33.96 -14.93 -12.88
N ALA D 29 34.61 -16.05 -12.54
CA ALA D 29 35.97 -16.29 -13.01
C ALA D 29 36.02 -16.38 -14.53
N ASN D 30 35.03 -17.06 -15.14
CA ASN D 30 35.01 -17.17 -16.59
C ASN D 30 34.84 -15.81 -17.25
N GLY D 31 33.96 -14.97 -16.70
CA GLY D 31 33.70 -13.67 -17.32
C GLY D 31 34.94 -12.79 -17.34
N LEU D 32 35.65 -12.72 -16.21
CA LEU D 32 36.86 -11.91 -16.16
C LEU D 32 37.92 -12.42 -17.12
N SER D 33 38.09 -13.73 -17.20
CA SER D 33 39.09 -14.30 -18.10
C SER D 33 38.75 -14.03 -19.56
N LEU D 34 37.50 -14.32 -19.95
CA LEU D 34 37.08 -14.08 -21.32
C LEU D 34 37.08 -12.59 -21.64
N GLY D 35 36.64 -11.76 -20.70
CA GLY D 35 36.48 -10.33 -20.93
C GLY D 35 35.04 -9.88 -21.08
N ARG D 36 34.06 -10.76 -20.85
CA ARG D 36 32.65 -10.40 -20.98
C ARG D 36 32.18 -9.78 -19.66
N ILE D 37 32.70 -8.58 -19.40
CA ILE D 37 32.43 -7.86 -18.16
C ILE D 37 31.14 -7.07 -18.33
N HIS D 38 30.20 -7.25 -17.39
CA HIS D 38 28.92 -6.57 -17.43
C HIS D 38 28.97 -5.29 -16.60
N HIS D 39 27.91 -4.49 -16.72
CA HIS D 39 27.81 -3.22 -16.01
C HIS D 39 27.30 -3.41 -14.58
N ALA D 40 26.15 -4.05 -14.42
CA ALA D 40 25.48 -4.17 -13.13
C ALA D 40 25.40 -5.64 -12.74
N TYR D 41 25.74 -5.93 -11.48
CA TYR D 41 25.62 -7.27 -10.91
C TYR D 41 24.70 -7.20 -9.70
N LEU D 42 23.86 -8.22 -9.55
CA LEU D 42 22.92 -8.31 -8.43
C LEU D 42 23.14 -9.64 -7.72
N PHE D 43 23.40 -9.58 -6.41
CA PHE D 43 23.57 -10.76 -5.59
C PHE D 43 22.41 -10.86 -4.60
N SER D 44 21.76 -12.03 -4.56
CA SER D 44 20.62 -12.26 -3.70
C SER D 44 20.76 -13.61 -3.00
N GLY D 45 20.13 -13.72 -1.85
CA GLY D 45 20.17 -14.95 -1.09
C GLY D 45 19.74 -14.70 0.35
N THR D 46 19.86 -15.74 1.16
CA THR D 46 19.51 -15.66 2.57
C THR D 46 20.62 -14.94 3.34
N ARG D 47 20.31 -14.58 4.58
CA ARG D 47 21.26 -13.85 5.40
C ARG D 47 22.46 -14.73 5.75
N GLY D 48 23.65 -14.12 5.77
CA GLY D 48 24.85 -14.81 6.17
C GLY D 48 25.47 -15.70 5.11
N VAL D 49 24.97 -15.66 3.88
CA VAL D 49 25.53 -16.52 2.83
C VAL D 49 26.83 -15.98 2.27
N GLY D 50 27.04 -14.66 2.33
CA GLY D 50 28.28 -14.07 1.87
C GLY D 50 28.16 -13.23 0.62
N LYS D 51 27.02 -12.55 0.46
CA LYS D 51 26.85 -11.67 -0.70
C LYS D 51 27.86 -10.54 -0.68
N THR D 52 28.05 -9.91 0.48
CA THR D 52 29.00 -8.80 0.58
C THR D 52 30.43 -9.27 0.36
N SER D 53 30.77 -10.44 0.89
CA SER D 53 32.14 -10.93 0.78
C SER D 53 32.51 -11.16 -0.69
N ILE D 54 31.61 -11.79 -1.45
CA ILE D 54 31.89 -12.04 -2.86
C ILE D 54 31.98 -10.72 -3.63
N ALA D 55 31.05 -9.80 -3.37
CA ALA D 55 31.05 -8.52 -4.08
C ALA D 55 32.34 -7.76 -3.80
N ARG D 56 32.80 -7.74 -2.55
CA ARG D 56 34.03 -7.04 -2.23
C ARG D 56 35.23 -7.68 -2.92
N LEU D 57 35.25 -9.02 -2.99
CA LEU D 57 36.33 -9.70 -3.70
C LEU D 57 36.32 -9.35 -5.18
N LEU D 58 35.12 -9.25 -5.77
CA LEU D 58 35.03 -8.90 -7.19
C LEU D 58 35.62 -7.52 -7.46
N ALA D 59 35.37 -6.57 -6.55
CA ALA D 59 35.92 -5.23 -6.73
C ALA D 59 37.44 -5.27 -6.70
N LYS D 60 38.03 -6.10 -5.84
CA LYS D 60 39.48 -6.19 -5.77
C LYS D 60 40.07 -6.65 -7.09
N GLY D 61 39.45 -7.64 -7.73
CA GLY D 61 39.99 -8.14 -8.99
C GLY D 61 39.94 -7.10 -10.09
N LEU D 62 38.85 -6.34 -10.16
CA LEU D 62 38.69 -5.36 -11.24
C LEU D 62 39.76 -4.29 -11.17
N ASN D 63 40.09 -3.81 -9.97
CA ASN D 63 41.00 -2.70 -9.80
C ASN D 63 42.42 -3.12 -9.41
N CYS D 64 42.72 -4.41 -9.50
CA CYS D 64 44.04 -4.88 -9.10
C CYS D 64 45.12 -4.30 -10.02
N GLU D 65 46.29 -4.05 -9.43
CA GLU D 65 47.38 -3.43 -10.18
C GLU D 65 47.84 -4.31 -11.35
N THR D 66 47.96 -5.62 -11.11
CA THR D 66 48.50 -6.50 -12.13
C THR D 66 47.59 -6.54 -13.36
N GLY D 67 46.29 -6.63 -13.15
CA GLY D 67 45.35 -6.69 -14.25
C GLY D 67 44.01 -7.21 -13.78
N ILE D 68 43.08 -7.26 -14.72
CA ILE D 68 41.73 -7.76 -14.47
C ILE D 68 41.84 -9.29 -14.42
N THR D 69 41.89 -9.84 -13.20
CA THR D 69 42.05 -11.28 -13.01
C THR D 69 41.09 -11.76 -11.94
N ALA D 70 40.78 -13.05 -11.99
CA ALA D 70 39.90 -13.68 -11.03
C ALA D 70 40.62 -14.14 -9.77
N THR D 71 41.92 -13.90 -9.68
CA THR D 71 42.73 -14.29 -8.51
C THR D 71 43.50 -13.06 -8.05
N PRO D 72 42.87 -12.19 -7.25
CA PRO D 72 43.58 -11.00 -6.77
C PRO D 72 44.84 -11.37 -6.00
N CYS D 73 45.91 -10.60 -6.24
CA CYS D 73 47.19 -10.89 -5.59
C CYS D 73 47.09 -10.72 -4.09
N GLY D 74 46.43 -9.65 -3.63
CA GLY D 74 46.32 -9.38 -2.21
C GLY D 74 47.51 -8.70 -1.59
N VAL D 75 48.49 -8.27 -2.39
CA VAL D 75 49.71 -7.66 -1.87
C VAL D 75 49.87 -6.24 -2.42
N CYS D 76 49.29 -5.97 -3.58
CA CYS D 76 49.45 -4.64 -4.17
C CYS D 76 48.68 -3.60 -3.37
N ASP D 77 48.96 -2.33 -3.66
CA ASP D 77 48.41 -1.24 -2.87
C ASP D 77 46.88 -1.24 -2.92
N ASN D 78 46.31 -1.43 -4.11
CA ASN D 78 44.86 -1.38 -4.24
C ASN D 78 44.20 -2.51 -3.45
N CYS D 79 44.78 -3.70 -3.47
CA CYS D 79 44.18 -4.83 -2.77
C CYS D 79 44.11 -4.58 -1.28
N ARG D 80 45.22 -4.14 -0.68
CA ARG D 80 45.25 -3.97 0.77
C ARG D 80 44.28 -2.88 1.22
N GLU D 81 44.20 -1.78 0.48
CA GLU D 81 43.31 -0.69 0.88
C GLU D 81 41.85 -1.14 0.84
N ILE D 82 41.47 -1.92 -0.16
CA ILE D 82 40.10 -2.43 -0.23
C ILE D 82 39.81 -3.33 0.96
N GLU D 83 40.78 -4.15 1.36
CA GLU D 83 40.60 -4.98 2.54
C GLU D 83 40.38 -4.14 3.79
N GLN D 84 41.17 -3.07 3.93
CA GLN D 84 40.99 -2.17 5.08
C GLN D 84 39.68 -1.41 4.98
N GLY D 85 39.24 -1.08 3.78
CA GLY D 85 38.00 -0.36 3.58
C GLY D 85 38.13 1.13 3.44
N ARG D 86 39.23 1.62 2.85
CA ARG D 86 39.45 3.05 2.68
C ARG D 86 40.01 3.33 1.30
N PHE D 87 39.45 2.67 0.28
CA PHE D 87 39.88 2.85 -1.10
C PHE D 87 39.04 3.94 -1.75
N VAL D 88 39.71 4.90 -2.40
CA VAL D 88 39.03 6.08 -2.90
C VAL D 88 38.00 5.70 -3.97
N ASP D 89 38.38 4.82 -4.90
CA ASP D 89 37.49 4.51 -6.02
C ASP D 89 36.31 3.66 -5.56
N LEU D 90 36.53 2.75 -4.62
CA LEU D 90 35.45 1.88 -4.13
C LEU D 90 34.53 2.71 -3.24
N ILE D 91 33.38 3.10 -3.78
CA ILE D 91 32.39 3.87 -3.05
C ILE D 91 31.31 2.91 -2.56
N GLU D 92 31.14 2.83 -1.26
CA GLU D 92 30.14 1.96 -0.64
C GLU D 92 29.02 2.82 -0.06
N ILE D 93 27.78 2.49 -0.42
CA ILE D 93 26.61 3.25 -0.01
C ILE D 93 25.73 2.36 0.85
N ASP D 94 25.35 2.86 2.03
CA ASP D 94 24.43 2.15 2.92
C ASP D 94 23.02 2.59 2.54
N ALA D 95 22.39 1.82 1.64
CA ALA D 95 21.07 2.18 1.16
C ALA D 95 20.01 2.17 2.27
N ALA D 96 20.28 1.48 3.37
CA ALA D 96 19.31 1.44 4.47
C ALA D 96 19.19 2.80 5.14
N SER D 97 20.27 3.58 5.18
CA SER D 97 20.28 4.88 5.84
C SER D 97 20.24 6.04 4.85
N ARG D 98 20.26 5.76 3.54
CA ARG D 98 20.22 6.82 2.53
C ARG D 98 19.02 6.64 1.61
N THR D 99 17.86 6.36 2.20
CA THR D 99 16.64 6.18 1.42
C THR D 99 16.22 7.46 0.70
N LYS D 100 16.68 8.62 1.15
CA LYS D 100 16.25 9.88 0.57
C LYS D 100 16.64 9.97 -0.89
N VAL D 101 15.72 10.50 -1.71
CA VAL D 101 15.97 10.60 -3.14
C VAL D 101 17.08 11.61 -3.42
N GLU D 102 17.14 12.70 -2.65
CA GLU D 102 18.16 13.71 -2.89
C GLU D 102 19.56 13.13 -2.77
N ASP D 103 19.75 12.14 -1.89
CA ASP D 103 21.05 11.47 -1.81
C ASP D 103 21.37 10.75 -3.11
N THR D 104 20.38 10.08 -3.69
CA THR D 104 20.60 9.37 -4.95
C THR D 104 20.96 10.36 -6.06
N ARG D 105 20.25 11.48 -6.15
CA ARG D 105 20.52 12.44 -7.21
C ARG D 105 21.94 12.99 -7.12
N ASP D 106 22.41 13.25 -5.89
CA ASP D 106 23.79 13.69 -5.72
C ASP D 106 24.76 12.63 -6.21
N LEU D 107 24.44 11.35 -5.97
CA LEU D 107 25.31 10.27 -6.42
C LEU D 107 25.42 10.24 -7.94
N LEU D 108 24.29 10.44 -8.64
CA LEU D 108 24.31 10.39 -10.09
C LEU D 108 25.20 11.47 -10.68
N ASP D 109 25.14 12.68 -10.12
CA ASP D 109 25.99 13.75 -10.60
C ASP D 109 27.47 13.46 -10.36
N ASN D 110 27.79 12.59 -9.40
CA ASN D 110 29.17 12.27 -9.10
C ASN D 110 29.80 11.33 -10.12
N VAL D 111 29.00 10.45 -10.74
CA VAL D 111 29.55 9.43 -11.61
C VAL D 111 30.17 10.00 -12.87
N GLN D 112 29.89 11.27 -13.20
CA GLN D 112 30.41 11.85 -14.43
C GLN D 112 31.91 12.06 -14.38
N TYR D 113 32.53 12.03 -13.20
CA TYR D 113 33.94 12.30 -13.06
C TYR D 113 34.76 11.02 -13.22
N ALA D 114 35.98 11.18 -13.73
CA ALA D 114 36.86 10.05 -13.94
C ALA D 114 37.40 9.53 -12.61
N PRO D 115 37.79 8.26 -12.56
CA PRO D 115 38.36 7.73 -11.32
C PRO D 115 39.70 8.37 -11.00
N ALA D 116 40.01 8.40 -9.70
CA ALA D 116 41.26 9.05 -9.26
C ALA D 116 42.47 8.21 -9.64
N ARG D 117 42.57 7.00 -9.09
CA ARG D 117 43.74 6.15 -9.31
C ARG D 117 43.39 4.88 -10.07
N GLY D 118 42.38 4.14 -9.62
CA GLY D 118 42.02 2.90 -10.30
C GLY D 118 41.39 3.14 -11.65
N ARG D 119 41.36 2.08 -12.46
CA ARG D 119 40.79 2.14 -13.79
C ARG D 119 39.28 1.91 -13.80
N PHE D 120 38.68 1.66 -12.65
CA PHE D 120 37.23 1.53 -12.55
C PHE D 120 36.75 2.23 -11.28
N LYS D 121 35.48 2.61 -11.28
CA LYS D 121 34.85 3.29 -10.15
C LYS D 121 33.64 2.46 -9.74
N VAL D 122 33.85 1.56 -8.78
CA VAL D 122 32.81 0.63 -8.36
C VAL D 122 31.90 1.33 -7.35
N TYR D 123 30.59 1.16 -7.53
CA TYR D 123 29.58 1.71 -6.63
C TYR D 123 28.87 0.53 -5.98
N LEU D 124 29.40 0.08 -4.84
CA LEU D 124 28.83 -1.05 -4.13
C LEU D 124 27.67 -0.56 -3.26
N ILE D 125 26.46 -0.96 -3.62
CA ILE D 125 25.25 -0.58 -2.89
C ILE D 125 24.74 -1.82 -2.17
N ASP D 126 24.59 -1.73 -0.85
CA ASP D 126 24.13 -2.83 -0.02
C ASP D 126 22.80 -2.46 0.62
N GLU D 127 22.00 -3.48 0.93
CA GLU D 127 20.65 -3.29 1.47
C GLU D 127 19.82 -2.42 0.54
N VAL D 128 19.94 -2.67 -0.77
CA VAL D 128 19.28 -1.85 -1.78
C VAL D 128 17.81 -2.17 -1.93
N HIS D 129 17.26 -3.07 -1.12
CA HIS D 129 15.88 -3.52 -1.27
C HIS D 129 14.87 -2.61 -0.60
N MET D 130 15.30 -1.45 -0.06
CA MET D 130 14.37 -0.56 0.61
C MET D 130 14.60 0.91 0.26
N LEU D 131 15.18 1.20 -0.90
CA LEU D 131 15.26 2.57 -1.37
C LEU D 131 13.87 3.08 -1.72
N SER D 132 13.70 4.40 -1.67
CA SER D 132 12.44 5.00 -2.04
C SER D 132 12.17 4.78 -3.53
N ARG D 133 10.89 4.74 -3.89
CA ARG D 133 10.52 4.51 -5.28
C ARG D 133 11.17 5.53 -6.21
N HIS D 134 11.27 6.78 -5.76
CA HIS D 134 11.93 7.80 -6.57
C HIS D 134 13.41 7.49 -6.74
N SER D 135 14.05 6.92 -5.71
CA SER D 135 15.47 6.59 -5.82
C SER D 135 15.70 5.51 -6.86
N PHE D 136 14.84 4.49 -6.90
CA PHE D 136 14.99 3.44 -7.90
C PHE D 136 14.86 3.99 -9.31
N ASN D 137 13.85 4.84 -9.54
CA ASN D 137 13.61 5.35 -10.88
C ASN D 137 14.75 6.25 -11.35
N ALA D 138 15.42 6.94 -10.44
CA ALA D 138 16.56 7.77 -10.82
C ALA D 138 17.70 6.92 -11.38
N LEU D 139 17.93 5.75 -10.79
CA LEU D 139 19.01 4.88 -11.24
C LEU D 139 18.76 4.28 -12.61
N LEU D 140 17.50 4.22 -13.06
CA LEU D 140 17.18 3.49 -14.28
C LEU D 140 17.98 4.01 -15.47
N LYS D 141 17.95 5.32 -15.69
CA LYS D 141 18.56 5.88 -16.89
C LYS D 141 20.07 5.66 -16.91
N THR D 142 20.74 5.95 -15.79
CA THR D 142 22.19 5.80 -15.75
C THR D 142 22.59 4.33 -15.69
N LEU D 143 21.80 3.49 -15.01
CA LEU D 143 22.13 2.08 -14.90
C LEU D 143 22.04 1.37 -16.25
N GLU D 144 21.13 1.83 -17.12
CA GLU D 144 20.99 1.21 -18.42
C GLU D 144 22.24 1.40 -19.27
N GLU D 145 22.78 2.61 -19.28
CA GLU D 145 23.95 2.96 -20.09
C GLU D 145 24.94 3.76 -19.25
N PRO D 146 25.63 3.11 -18.31
CA PRO D 146 26.63 3.81 -17.52
C PRO D 146 27.84 4.18 -18.36
N PRO D 147 28.61 5.20 -17.95
CA PRO D 147 29.86 5.50 -18.68
C PRO D 147 30.81 4.30 -18.73
N GLU D 148 31.89 4.45 -19.49
CA GLU D 148 32.80 3.32 -19.72
C GLU D 148 33.46 2.85 -18.44
N HIS D 149 33.79 3.78 -17.54
CA HIS D 149 34.64 3.51 -16.39
C HIS D 149 33.88 3.51 -15.07
N VAL D 150 32.67 2.96 -15.06
CA VAL D 150 31.88 2.82 -13.84
C VAL D 150 31.26 1.44 -13.81
N LYS D 151 31.22 0.84 -12.62
CA LYS D 151 30.59 -0.45 -12.41
C LYS D 151 29.67 -0.37 -11.20
N PHE D 152 28.59 -1.14 -11.23
CA PHE D 152 27.60 -1.16 -10.17
C PHE D 152 27.50 -2.58 -9.60
N LEU D 153 27.64 -2.71 -8.29
CA LEU D 153 27.48 -3.96 -7.58
C LEU D 153 26.37 -3.79 -6.56
N LEU D 154 25.38 -4.68 -6.60
CA LEU D 154 24.20 -4.61 -5.74
C LEU D 154 24.08 -5.89 -4.92
N ALA D 155 23.65 -5.72 -3.67
CA ALA D 155 23.42 -6.85 -2.78
C ALA D 155 22.09 -6.64 -2.06
N THR D 156 21.33 -7.72 -1.91
CA THR D 156 20.03 -7.64 -1.27
C THR D 156 19.65 -9.01 -0.71
N THR D 157 18.74 -8.99 0.25
CA THR D 157 18.22 -10.22 0.85
C THR D 157 16.80 -10.54 0.40
N ASP D 158 16.01 -9.54 0.03
CA ASP D 158 14.63 -9.72 -0.41
C ASP D 158 14.46 -9.01 -1.74
N PRO D 159 14.89 -9.62 -2.85
CA PRO D 159 14.76 -8.96 -4.16
C PRO D 159 13.32 -8.83 -4.64
N GLN D 160 12.35 -9.41 -3.93
CA GLN D 160 10.96 -9.28 -4.35
C GLN D 160 10.48 -7.84 -4.30
N LYS D 161 11.03 -7.03 -3.39
CA LYS D 161 10.59 -5.65 -3.25
C LYS D 161 11.10 -4.76 -4.38
N LEU D 162 12.16 -5.15 -5.07
CA LEU D 162 12.70 -4.30 -6.12
C LEU D 162 11.72 -4.21 -7.29
N PRO D 163 11.69 -3.08 -7.99
CA PRO D 163 10.83 -2.98 -9.18
C PRO D 163 11.34 -3.89 -10.28
N VAL D 164 10.42 -4.31 -11.15
CA VAL D 164 10.78 -5.22 -12.23
C VAL D 164 11.75 -4.55 -13.19
N THR D 165 11.64 -3.23 -13.36
CA THR D 165 12.48 -2.53 -14.32
C THR D 165 13.95 -2.61 -13.94
N ILE D 166 14.27 -2.44 -12.65
CA ILE D 166 15.67 -2.42 -12.24
C ILE D 166 16.29 -3.81 -12.38
N LEU D 167 15.52 -4.86 -12.14
CA LEU D 167 16.05 -6.22 -12.24
C LEU D 167 16.49 -6.54 -13.66
N SER D 168 15.73 -6.07 -14.65
CA SER D 168 16.01 -6.42 -16.04
C SER D 168 17.35 -5.87 -16.54
N ARG D 169 17.92 -4.88 -15.85
CA ARG D 169 19.13 -4.21 -16.31
C ARG D 169 20.41 -4.79 -15.72
N CYS D 170 20.32 -5.82 -14.87
CA CYS D 170 21.48 -6.34 -14.17
C CYS D 170 21.47 -7.86 -14.19
N LEU D 171 22.67 -8.45 -14.17
CA LEU D 171 22.81 -9.89 -14.05
C LEU D 171 22.52 -10.32 -12.62
N GLN D 172 21.73 -11.37 -12.47
CA GLN D 172 21.31 -11.86 -11.17
C GLN D 172 22.08 -13.13 -10.81
N PHE D 173 22.71 -13.13 -9.64
CA PHE D 173 23.37 -14.32 -9.10
C PHE D 173 22.65 -14.69 -7.79
N HIS D 174 21.96 -15.82 -7.81
CA HIS D 174 21.22 -16.30 -6.64
C HIS D 174 22.10 -17.27 -5.87
N LEU D 175 22.32 -16.99 -4.59
CA LEU D 175 23.16 -17.81 -3.74
C LEU D 175 22.30 -18.73 -2.88
N LYS D 176 22.75 -19.98 -2.74
CA LYS D 176 22.02 -20.99 -1.99
C LYS D 176 22.56 -21.10 -0.58
N ALA D 177 21.71 -21.53 0.34
CA ALA D 177 22.13 -21.73 1.72
C ALA D 177 23.16 -22.84 1.81
N LEU D 178 24.17 -22.62 2.65
CA LEU D 178 25.24 -23.59 2.80
C LEU D 178 24.74 -24.86 3.47
N ASP D 179 25.30 -25.99 3.04
CA ASP D 179 24.90 -27.28 3.57
C ASP D 179 25.44 -27.48 4.99
N VAL D 180 24.84 -28.42 5.71
CA VAL D 180 25.25 -28.70 7.08
C VAL D 180 26.71 -29.16 7.11
N GLU D 181 27.09 -30.04 6.18
CA GLU D 181 28.46 -30.52 6.14
C GLU D 181 29.43 -29.38 5.87
N GLN D 182 29.08 -28.48 4.95
CA GLN D 182 29.95 -27.35 4.66
C GLN D 182 30.12 -26.45 5.87
N ILE D 183 29.02 -26.19 6.60
CA ILE D 183 29.10 -25.37 7.81
C ILE D 183 29.99 -26.06 8.85
N ARG D 184 29.77 -27.36 9.05
CA ARG D 184 30.54 -28.08 10.06
C ARG D 184 32.03 -28.08 9.72
N HIS D 185 32.37 -28.29 8.45
CA HIS D 185 33.78 -28.28 8.06
C HIS D 185 34.40 -26.91 8.30
N GLN D 186 33.68 -25.84 7.99
CA GLN D 186 34.21 -24.50 8.18
C GLN D 186 34.44 -24.22 9.67
N LEU D 187 33.49 -24.60 10.52
CA LEU D 187 33.66 -24.37 11.95
C LEU D 187 34.87 -25.10 12.50
N GLU D 188 35.06 -26.35 12.09
CA GLU D 188 36.22 -27.11 12.57
C GLU D 188 37.51 -26.47 12.11
N HIS D 189 37.55 -25.99 10.86
CA HIS D 189 38.76 -25.34 10.37
C HIS D 189 39.08 -24.08 11.15
N ILE D 190 38.06 -23.26 11.44
CA ILE D 190 38.30 -22.01 12.15
C ILE D 190 38.79 -22.29 13.57
N LEU D 191 38.13 -23.20 14.27
CA LEU D 191 38.53 -23.52 15.64
C LEU D 191 39.94 -24.09 15.68
N ASN D 192 40.27 -24.97 14.73
CA ASN D 192 41.60 -25.55 14.68
C ASN D 192 42.67 -24.47 14.50
N GLU D 193 42.40 -23.49 13.62
CA GLU D 193 43.37 -22.42 13.41
C GLU D 193 43.52 -21.55 14.65
N GLU D 194 42.46 -21.39 15.44
CA GLU D 194 42.49 -20.58 16.64
C GLU D 194 42.97 -21.35 17.87
N HIS D 195 43.27 -22.64 17.73
CA HIS D 195 43.74 -23.46 18.85
C HIS D 195 42.72 -23.46 19.99
N ILE D 196 41.53 -23.97 19.67
CA ILE D 196 40.43 -24.05 20.63
C ILE D 196 39.91 -25.48 20.63
N ALA D 197 39.76 -26.05 21.82
CA ALA D 197 39.27 -27.42 21.95
C ALA D 197 37.82 -27.53 21.47
N HIS D 198 37.50 -28.66 20.86
CA HIS D 198 36.17 -28.90 20.34
C HIS D 198 35.94 -30.41 20.29
N GLU D 199 34.67 -30.79 20.14
CA GLU D 199 34.25 -32.18 20.10
C GLU D 199 33.42 -32.41 18.86
N PRO D 200 33.35 -33.66 18.37
CA PRO D 200 32.59 -33.91 17.14
C PRO D 200 31.10 -33.56 17.25
N ARG D 201 30.43 -34.07 18.28
CA ARG D 201 28.99 -33.85 18.38
C ARG D 201 28.66 -32.38 18.60
N ALA D 202 29.53 -31.64 19.28
CA ALA D 202 29.26 -30.23 19.52
C ALA D 202 29.14 -29.46 18.21
N LEU D 203 30.04 -29.72 17.26
CA LEU D 203 29.96 -29.04 15.97
C LEU D 203 28.69 -29.40 15.23
N GLN D 204 28.27 -30.67 15.31
CA GLN D 204 27.05 -31.09 14.62
C GLN D 204 25.84 -30.34 15.15
N LEU D 205 25.74 -30.16 16.47
CA LEU D 205 24.62 -29.44 17.03
C LEU D 205 24.61 -27.98 16.58
N LEU D 206 25.78 -27.33 16.58
CA LEU D 206 25.86 -25.94 16.15
C LEU D 206 25.49 -25.80 14.67
N ALA D 207 26.03 -26.69 13.83
CA ALA D 207 25.73 -26.61 12.41
C ALA D 207 24.24 -26.84 12.15
N ARG D 208 23.65 -27.80 12.86
CA ARG D 208 22.23 -28.08 12.67
C ARG D 208 21.38 -26.88 13.05
N ALA D 209 21.72 -26.20 14.14
CA ALA D 209 20.96 -25.05 14.59
C ALA D 209 21.22 -23.79 13.75
N ALA D 210 22.30 -23.77 12.96
CA ALA D 210 22.60 -22.61 12.14
C ALA D 210 21.53 -22.39 11.08
N GLU D 211 20.84 -23.45 10.66
CA GLU D 211 19.78 -23.36 9.65
C GLU D 211 20.31 -22.77 8.35
N GLY D 212 21.50 -23.19 7.95
CA GLY D 212 22.06 -22.82 6.66
C GLY D 212 22.71 -21.45 6.60
N SER D 213 22.81 -20.74 7.71
CA SER D 213 23.43 -19.42 7.76
C SER D 213 24.76 -19.53 8.49
N LEU D 214 25.84 -19.22 7.78
CA LEU D 214 27.16 -19.30 8.41
C LEU D 214 27.40 -18.15 9.37
N ARG D 215 26.75 -17.01 9.15
CA ARG D 215 26.84 -15.91 10.12
C ARG D 215 26.27 -16.35 11.46
N ASP D 216 25.13 -17.03 11.44
CA ASP D 216 24.51 -17.48 12.68
C ASP D 216 25.36 -18.54 13.38
N ALA D 217 26.01 -19.40 12.59
CA ALA D 217 26.84 -20.44 13.19
C ALA D 217 28.00 -19.83 13.98
N LEU D 218 28.66 -18.81 13.43
CA LEU D 218 29.75 -18.17 14.14
C LEU D 218 29.26 -17.43 15.37
N SER D 219 28.07 -16.82 15.29
CA SER D 219 27.52 -16.14 16.45
C SER D 219 27.27 -17.12 17.60
N LEU D 220 26.71 -18.29 17.29
CA LEU D 220 26.51 -19.30 18.32
C LEU D 220 27.84 -19.81 18.86
N THR D 221 28.84 -19.96 18.00
CA THR D 221 30.14 -20.44 18.44
C THR D 221 30.76 -19.50 19.46
N ASP D 222 30.68 -18.18 19.20
CA ASP D 222 31.21 -17.22 20.15
C ASP D 222 30.45 -17.28 21.47
N GLN D 223 29.13 -17.43 21.40
CA GLN D 223 28.33 -17.53 22.63
C GLN D 223 28.74 -18.74 23.45
N ALA D 224 28.94 -19.89 22.78
CA ALA D 224 29.36 -21.08 23.51
C ALA D 224 30.74 -20.91 24.10
N ILE D 225 31.68 -20.31 23.34
CA ILE D 225 33.03 -20.12 23.85
C ILE D 225 33.02 -19.20 25.06
N ALA D 226 32.27 -18.11 24.98
CA ALA D 226 32.23 -17.16 26.10
C ALA D 226 31.67 -17.82 27.36
N SER D 227 30.61 -18.59 27.23
CA SER D 227 29.99 -19.28 28.35
C SER D 227 30.53 -20.69 28.55
N GLY D 228 31.42 -21.16 27.67
CA GLY D 228 31.97 -22.50 27.78
C GLY D 228 33.34 -22.53 28.40
N ASP D 229 33.72 -21.47 29.10
CA ASP D 229 35.01 -21.37 29.77
C ASP D 229 36.16 -21.52 28.76
N GLY D 230 35.97 -20.96 27.56
CA GLY D 230 37.00 -20.99 26.55
C GLY D 230 37.10 -22.28 25.76
N GLN D 231 36.17 -23.21 25.96
CA GLN D 231 36.19 -24.47 25.22
C GLN D 231 34.76 -24.83 24.80
N VAL D 232 34.67 -25.62 23.74
CA VAL D 232 33.39 -26.08 23.20
C VAL D 232 33.25 -27.55 23.59
N SER D 233 32.17 -27.86 24.31
CA SER D 233 31.92 -29.22 24.77
C SER D 233 30.44 -29.54 24.54
N THR D 234 30.15 -30.84 24.41
CA THR D 234 28.78 -31.26 24.14
C THR D 234 27.85 -30.86 25.27
N GLN D 235 28.29 -30.99 26.53
CA GLN D 235 27.44 -30.60 27.65
C GLN D 235 27.21 -29.10 27.67
N ALA D 236 28.24 -28.31 27.30
CA ALA D 236 28.09 -26.86 27.28
C ALA D 236 27.11 -26.43 26.19
N VAL D 237 27.25 -26.99 24.99
CA VAL D 237 26.36 -26.63 23.89
C VAL D 237 24.94 -27.08 24.17
N SER D 238 24.79 -28.28 24.73
CA SER D 238 23.45 -28.79 25.04
C SER D 238 22.76 -27.89 26.07
N ALA D 239 23.50 -27.43 27.07
CA ALA D 239 22.93 -26.49 28.03
C ALA D 239 22.65 -25.14 27.38
N MET D 240 23.44 -24.76 26.38
CA MET D 240 23.23 -23.48 25.70
C MET D 240 21.85 -23.44 25.06
N LEU D 241 21.59 -24.35 24.13
CA LEU D 241 20.29 -24.50 23.49
C LEU D 241 19.60 -25.72 24.06
N GLY D 242 18.44 -25.54 24.67
CA GLY D 242 17.73 -26.61 25.33
C GLY D 242 17.47 -27.80 24.43
N THR D 243 18.11 -28.93 24.73
CA THR D 243 17.97 -30.15 23.95
C THR D 243 17.47 -31.26 24.86
N LEU D 244 16.42 -31.94 24.42
CA LEU D 244 15.90 -33.08 25.17
C LEU D 244 16.91 -34.22 25.13
N ASP D 245 16.98 -34.97 26.23
CA ASP D 245 18.11 -35.89 26.45
C ASP D 245 17.86 -37.27 25.84
N ASP D 246 16.88 -38.00 26.38
CA ASP D 246 16.65 -39.39 25.96
C ASP D 246 15.28 -39.61 25.36
N ASP D 247 14.20 -39.37 26.11
CA ASP D 247 12.85 -39.67 25.63
C ASP D 247 11.83 -38.66 26.12
N GLN D 248 12.24 -37.41 26.31
CA GLN D 248 11.30 -36.41 26.82
C GLN D 248 10.15 -36.20 25.86
N ALA D 249 10.42 -36.16 24.55
CA ALA D 249 9.37 -35.97 23.57
C ALA D 249 8.54 -37.24 23.38
N LEU D 250 9.18 -38.40 23.39
CA LEU D 250 8.46 -39.65 23.13
C LEU D 250 7.38 -39.90 24.17
N SER D 251 7.69 -39.67 25.45
CA SER D 251 6.70 -39.90 26.50
C SER D 251 5.52 -38.97 26.34
N LEU D 252 5.77 -37.71 25.98
CA LEU D 252 4.69 -36.74 25.86
C LEU D 252 3.73 -37.10 24.74
N VAL D 253 4.26 -37.50 23.58
CA VAL D 253 3.39 -37.81 22.44
C VAL D 253 2.56 -39.06 22.74
N GLU D 254 3.14 -40.04 23.42
CA GLU D 254 2.39 -41.25 23.75
C GLU D 254 1.18 -40.92 24.62
N ALA D 255 1.36 -40.06 25.61
CA ALA D 255 0.24 -39.64 26.44
C ALA D 255 -0.79 -38.87 25.61
N MET D 256 -0.31 -38.02 24.71
CA MET D 256 -1.23 -37.23 23.89
C MET D 256 -2.10 -38.12 23.00
N VAL D 257 -1.49 -39.15 22.39
CA VAL D 257 -2.24 -40.01 21.47
C VAL D 257 -3.36 -40.74 22.21
N GLU D 258 -3.07 -41.27 23.39
CA GLU D 258 -4.08 -41.98 24.17
C GLU D 258 -5.08 -41.03 24.83
N ALA D 259 -4.85 -39.72 24.76
CA ALA D 259 -5.78 -38.73 25.29
C ALA D 259 -5.95 -38.88 26.80
N ASN D 260 -4.81 -38.81 27.50
CA ASN D 260 -4.78 -38.86 28.96
C ASN D 260 -4.37 -37.47 29.45
N GLY D 261 -5.35 -36.72 29.96
CA GLY D 261 -5.08 -35.34 30.35
C GLY D 261 -4.11 -35.24 31.51
N GLU D 262 -4.25 -36.12 32.50
CA GLU D 262 -3.40 -36.04 33.69
C GLU D 262 -1.93 -36.22 33.33
N ARG D 263 -1.63 -37.22 32.49
CA ARG D 263 -0.23 -37.49 32.16
C ARG D 263 0.39 -36.34 31.40
N VAL D 264 -0.34 -35.75 30.45
CA VAL D 264 0.22 -34.68 29.64
C VAL D 264 0.53 -33.46 30.50
N MET D 265 -0.41 -33.08 31.36
CA MET D 265 -0.20 -31.91 32.21
C MET D 265 0.96 -32.14 33.18
N ALA D 266 1.04 -33.34 33.77
CA ALA D 266 2.14 -33.63 34.68
C ALA D 266 3.48 -33.54 33.97
N LEU D 267 3.57 -34.09 32.76
CA LEU D 267 4.82 -34.02 32.02
C LEU D 267 5.20 -32.58 31.70
N ILE D 268 4.23 -31.76 31.29
CA ILE D 268 4.51 -30.36 31.00
C ILE D 268 4.95 -29.65 32.28
N ASN D 269 4.28 -29.90 33.39
CA ASN D 269 4.64 -29.25 34.64
C ASN D 269 6.06 -29.63 35.07
N GLU D 270 6.40 -30.91 34.99
CA GLU D 270 7.76 -31.34 35.33
C GLU D 270 8.78 -30.73 34.38
N ALA D 271 8.47 -30.68 33.09
CA ALA D 271 9.38 -30.08 32.13
C ALA D 271 9.59 -28.60 32.41
N ALA D 272 8.52 -27.89 32.77
CA ALA D 272 8.65 -26.46 33.07
C ALA D 272 9.56 -26.23 34.27
N ALA D 273 9.41 -27.04 35.32
CA ALA D 273 10.25 -26.88 36.50
C ALA D 273 11.72 -27.09 36.17
N ARG D 274 12.03 -28.12 35.38
CA ARG D 274 13.42 -28.35 34.98
C ARG D 274 13.94 -27.21 34.13
N GLY D 275 13.14 -26.73 33.18
CA GLY D 275 13.52 -25.63 32.32
C GLY D 275 14.09 -26.09 31.00
N ILE D 276 13.30 -25.95 29.94
CA ILE D 276 13.70 -26.36 28.59
C ILE D 276 13.18 -25.34 27.59
N GLU D 277 13.67 -25.46 26.36
CA GLU D 277 13.20 -24.63 25.26
C GLU D 277 11.90 -25.21 24.71
N TRP D 278 10.81 -24.45 24.83
CA TRP D 278 9.52 -24.95 24.39
C TRP D 278 9.51 -25.20 22.88
N GLU D 279 10.16 -24.33 22.11
CA GLU D 279 10.22 -24.54 20.67
C GLU D 279 10.95 -25.83 20.34
N ALA D 280 12.03 -26.13 21.05
CA ALA D 280 12.75 -27.37 20.82
C ALA D 280 11.87 -28.58 21.09
N LEU D 281 11.02 -28.49 22.11
CA LEU D 281 10.13 -29.60 22.43
C LEU D 281 9.20 -29.90 21.25
N LEU D 282 8.62 -28.86 20.66
CA LEU D 282 7.72 -29.07 19.52
C LEU D 282 8.46 -29.65 18.32
N VAL D 283 9.68 -29.18 18.07
CA VAL D 283 10.44 -29.67 16.92
C VAL D 283 10.68 -31.16 17.03
N GLU D 284 11.09 -31.62 18.22
CA GLU D 284 11.32 -33.05 18.41
C GLU D 284 10.03 -33.84 18.27
N MET D 285 8.93 -33.33 18.82
CA MET D 285 7.65 -34.01 18.67
C MET D 285 7.26 -34.13 17.21
N LEU D 286 7.49 -33.08 16.43
CA LEU D 286 7.22 -33.17 14.99
C LEU D 286 8.10 -34.23 14.34
N GLY D 287 9.37 -34.29 14.73
CA GLY D 287 10.26 -35.28 14.13
C GLY D 287 9.80 -36.71 14.36
N LEU D 288 9.36 -37.01 15.59
CA LEU D 288 8.88 -38.35 15.88
C LEU D 288 7.66 -38.70 15.04
N LEU D 289 6.73 -37.76 14.90
CA LEU D 289 5.53 -38.03 14.09
C LEU D 289 5.89 -38.30 12.65
N HIS D 290 6.84 -37.53 12.09
CA HIS D 290 7.28 -37.79 10.73
C HIS D 290 7.93 -39.16 10.60
N ARG D 291 8.75 -39.55 11.59
CA ARG D 291 9.37 -40.86 11.55
C ARG D 291 8.32 -41.98 11.63
N ILE D 292 7.31 -41.80 12.48
CA ILE D 292 6.26 -42.81 12.60
C ILE D 292 5.51 -42.96 11.28
N ALA D 293 5.24 -41.83 10.61
CA ALA D 293 4.56 -41.90 9.33
C ALA D 293 5.39 -42.66 8.29
N MET D 294 6.71 -42.43 8.29
CA MET D 294 7.58 -43.15 7.37
C MET D 294 7.54 -44.66 7.64
N VAL D 295 7.52 -45.05 8.91
CA VAL D 295 7.49 -46.47 9.25
C VAL D 295 6.25 -47.13 8.67
N GLN D 296 5.11 -46.45 8.74
CA GLN D 296 3.89 -47.01 8.17
C GLN D 296 4.03 -47.20 6.66
N LEU D 297 4.68 -46.25 5.98
CA LEU D 297 4.92 -46.41 4.55
C LEU D 297 5.81 -47.60 4.26
N SER D 298 6.88 -47.77 5.05
CA SER D 298 7.81 -48.87 4.87
C SER D 298 8.46 -49.18 6.21
N PRO D 299 8.43 -50.43 6.68
CA PRO D 299 9.06 -50.73 7.97
C PRO D 299 10.56 -50.45 8.01
N ALA D 300 11.23 -50.45 6.86
CA ALA D 300 12.67 -50.25 6.81
C ALA D 300 13.07 -48.78 6.85
N ALA D 301 12.10 -47.86 6.86
CA ALA D 301 12.45 -46.44 6.87
C ALA D 301 13.17 -46.04 8.15
N LEU D 302 12.76 -46.61 9.28
CA LEU D 302 13.36 -46.26 10.56
C LEU D 302 14.86 -46.58 10.56
N GLY D 303 15.67 -45.64 11.01
CA GLY D 303 17.10 -45.85 11.06
C GLY D 303 17.51 -46.71 12.24
N ASN D 304 18.71 -47.29 12.11
CA ASN D 304 19.24 -48.16 13.16
C ASN D 304 19.78 -47.38 14.35
N ASP D 305 20.08 -46.09 14.18
CA ASP D 305 20.64 -45.31 15.28
C ASP D 305 19.66 -45.20 16.44
N MET D 306 18.38 -44.99 16.13
CA MET D 306 17.35 -44.85 17.17
C MET D 306 16.77 -46.20 17.57
N ALA D 307 17.66 -47.12 17.98
CA ALA D 307 17.25 -48.45 18.38
C ALA D 307 16.82 -48.53 19.84
N ALA D 308 17.07 -47.48 20.63
CA ALA D 308 16.69 -47.52 22.03
C ALA D 308 15.17 -47.53 22.20
N ILE D 309 14.46 -46.82 21.33
CA ILE D 309 13.01 -46.69 21.43
C ILE D 309 12.36 -47.28 20.18
N GLU D 310 13.04 -48.24 19.54
CA GLU D 310 12.50 -48.83 18.32
C GLU D 310 11.18 -49.55 18.58
N LEU D 311 11.11 -50.31 19.67
CA LEU D 311 9.89 -51.06 19.95
C LEU D 311 8.71 -50.13 20.20
N ARG D 312 8.92 -49.06 20.97
CA ARG D 312 7.83 -48.15 21.30
C ARG D 312 7.30 -47.46 20.06
N MET D 313 8.19 -46.97 19.19
CA MET D 313 7.75 -46.25 18.00
C MET D 313 7.00 -47.18 17.05
N ARG D 314 7.50 -48.41 16.86
CA ARG D 314 6.82 -49.33 15.95
C ARG D 314 5.43 -49.68 16.46
N GLU D 315 5.26 -49.76 17.78
CA GLU D 315 3.93 -50.03 18.32
C GLU D 315 2.96 -48.91 17.98
N LEU D 316 3.42 -47.67 18.05
CA LEU D 316 2.55 -46.54 17.70
C LEU D 316 2.16 -46.60 16.22
N ALA D 317 3.11 -46.95 15.35
CA ALA D 317 2.82 -47.00 13.93
C ALA D 317 1.73 -48.00 13.61
N ARG D 318 1.77 -49.17 14.27
CA ARG D 318 0.77 -50.20 14.02
C ARG D 318 -0.59 -49.86 14.61
N THR D 319 -0.66 -48.92 15.56
CA THR D 319 -1.89 -48.65 16.28
C THR D 319 -2.65 -47.43 15.77
N ILE D 320 -1.96 -46.44 15.24
CA ILE D 320 -2.55 -45.14 14.89
C ILE D 320 -2.71 -45.09 13.38
N PRO D 321 -3.89 -44.78 12.85
CA PRO D 321 -4.03 -44.67 11.40
C PRO D 321 -3.19 -43.54 10.86
N PRO D 322 -2.77 -43.61 9.59
CA PRO D 322 -2.00 -42.50 9.01
C PRO D 322 -2.74 -41.17 9.04
N THR D 323 -4.07 -41.19 8.90
CA THR D 323 -4.82 -39.94 8.88
C THR D 323 -4.69 -39.19 10.21
N ASP D 324 -4.79 -39.91 11.33
CA ASP D 324 -4.69 -39.26 12.63
C ASP D 324 -3.30 -38.66 12.84
N ILE D 325 -2.26 -39.31 12.32
CA ILE D 325 -0.92 -38.76 12.45
C ILE D 325 -0.83 -37.40 11.76
N GLN D 326 -1.52 -37.25 10.62
CA GLN D 326 -1.51 -35.97 9.92
C GLN D 326 -2.15 -34.87 10.77
N LEU D 327 -3.26 -35.19 11.44
CA LEU D 327 -3.91 -34.19 12.29
C LEU D 327 -3.00 -33.72 13.41
N TYR D 328 -2.33 -34.66 14.08
CA TYR D 328 -1.40 -34.29 15.14
C TYR D 328 -0.24 -33.47 14.59
N TYR D 329 0.28 -33.86 13.42
CA TYR D 329 1.38 -33.10 12.81
C TYR D 329 0.92 -31.69 12.46
N GLN D 330 -0.28 -31.55 11.90
CA GLN D 330 -0.78 -30.23 11.54
C GLN D 330 -0.96 -29.36 12.78
N THR D 331 -1.53 -29.92 13.84
CA THR D 331 -1.81 -29.13 15.03
C THR D 331 -0.53 -28.58 15.65
N LEU D 332 0.52 -29.41 15.72
CA LEU D 332 1.77 -28.95 16.31
C LEU D 332 2.43 -27.86 15.46
N LEU D 333 2.27 -27.92 14.14
CA LEU D 333 2.79 -26.85 13.30
C LEU D 333 2.10 -25.52 13.60
N ILE D 334 0.78 -25.56 13.80
CA ILE D 334 0.05 -24.34 14.17
C ILE D 334 0.55 -23.82 15.51
N GLY D 335 0.77 -24.72 16.47
CA GLY D 335 1.27 -24.29 17.76
C GLY D 335 2.61 -23.58 17.65
N ARG D 336 3.53 -24.13 16.85
CA ARG D 336 4.81 -23.46 16.64
C ARG D 336 4.60 -22.12 15.93
N LYS D 337 3.66 -22.06 15.00
CA LYS D 337 3.38 -20.81 14.31
C LYS D 337 2.92 -19.73 15.28
N GLU D 338 2.02 -20.08 16.19
CA GLU D 338 1.42 -19.11 17.11
C GLU D 338 2.14 -19.01 18.44
N LEU D 339 3.22 -19.78 18.64
CA LEU D 339 3.91 -19.74 19.93
C LEU D 339 4.45 -18.37 20.26
N PRO D 340 5.15 -17.66 19.36
CA PRO D 340 5.69 -16.35 19.73
C PRO D 340 4.62 -15.33 20.09
N TYR D 341 3.39 -15.48 19.60
CA TYR D 341 2.34 -14.52 19.82
C TYR D 341 1.43 -14.87 20.99
N ALA D 342 1.71 -15.95 21.71
CA ALA D 342 0.91 -16.31 22.87
C ALA D 342 1.28 -15.43 24.06
N PRO D 343 0.37 -15.29 25.03
CA PRO D 343 0.73 -14.50 26.22
C PRO D 343 1.97 -15.01 26.93
N ASP D 344 2.14 -16.33 27.01
CA ASP D 344 3.31 -16.95 27.59
C ASP D 344 3.69 -18.16 26.75
N ARG D 345 5.00 -18.46 26.71
CA ARG D 345 5.45 -19.60 25.93
C ARG D 345 4.87 -20.89 26.47
N ARG D 346 4.84 -21.05 27.79
CA ARG D 346 4.22 -22.24 28.38
C ARG D 346 2.73 -22.26 28.08
N MET D 347 2.07 -21.10 28.18
CA MET D 347 0.63 -21.06 27.94
C MET D 347 0.29 -21.48 26.51
N GLY D 348 1.09 -21.05 25.54
CA GLY D 348 0.85 -21.44 24.17
C GLY D 348 0.95 -22.94 23.96
N VAL D 349 1.95 -23.56 24.59
CA VAL D 349 2.12 -25.01 24.46
C VAL D 349 0.91 -25.74 25.05
N GLU D 350 0.43 -25.30 26.21
CA GLU D 350 -0.72 -25.95 26.82
C GLU D 350 -1.95 -25.86 25.93
N MET D 351 -2.13 -24.72 25.26
CA MET D 351 -3.24 -24.60 24.30
C MET D 351 -3.08 -25.60 23.16
N THR D 352 -1.86 -25.76 22.64
CA THR D 352 -1.63 -26.68 21.54
C THR D 352 -1.95 -28.11 21.94
N LEU D 353 -1.45 -28.53 23.11
CA LEU D 353 -1.72 -29.90 23.56
C LEU D 353 -3.20 -30.11 23.84
N LEU D 354 -3.86 -29.13 24.44
CA LEU D 354 -5.27 -29.27 24.75
C LEU D 354 -6.10 -29.44 23.48
N ARG D 355 -5.75 -28.72 22.42
CA ARG D 355 -6.48 -28.87 21.16
C ARG D 355 -6.33 -30.28 20.61
N ALA D 356 -5.11 -30.83 20.68
CA ALA D 356 -4.87 -32.17 20.14
C ALA D 356 -5.63 -33.24 20.92
N LEU D 357 -5.82 -33.04 22.23
CA LEU D 357 -6.50 -34.05 23.04
C LEU D 357 -7.95 -34.23 22.63
N ALA D 358 -8.54 -33.27 21.92
CA ALA D 358 -9.94 -33.38 21.51
C ALA D 358 -10.13 -34.25 20.28
N PHE D 359 -9.06 -34.54 19.53
CA PHE D 359 -9.21 -35.34 18.32
C PHE D 359 -9.64 -36.78 18.65
N HIS D 360 -9.11 -37.34 19.73
CA HIS D 360 -9.42 -38.71 20.06
C HIS D 360 -10.91 -38.87 20.34
N PRO D 361 -11.59 -39.87 19.77
CA PRO D 361 -13.02 -40.04 20.07
C PRO D 361 -13.30 -40.22 21.56
N MET E 1 14.44 1.04 38.41
CA MET E 1 15.77 0.42 38.25
C MET E 1 16.29 -0.08 39.60
N ARG E 2 15.76 -1.21 40.05
CA ARG E 2 16.12 -1.81 41.33
C ARG E 2 17.00 -3.03 41.08
N TRP E 3 18.12 -3.10 41.79
CA TRP E 3 19.02 -4.24 41.66
C TRP E 3 18.52 -5.39 42.52
N TYR E 4 18.37 -6.57 41.90
CA TYR E 4 17.78 -7.72 42.56
C TYR E 4 18.86 -8.74 42.95
N PRO E 5 18.62 -9.56 43.98
CA PRO E 5 19.66 -10.50 44.41
C PRO E 5 20.07 -11.49 43.34
N TRP E 6 19.13 -11.96 42.51
CA TRP E 6 19.44 -13.02 41.56
C TRP E 6 20.28 -12.55 40.38
N LEU E 7 20.53 -11.25 40.25
CA LEU E 7 21.39 -10.75 39.20
C LEU E 7 22.87 -10.82 39.54
N ARG E 8 23.21 -11.27 40.75
CA ARG E 8 24.62 -11.36 41.14
C ARG E 8 25.42 -12.29 40.24
N PRO E 9 24.97 -13.53 39.95
CA PRO E 9 25.81 -14.44 39.16
C PRO E 9 25.99 -13.99 37.72
N ASP E 10 24.88 -13.59 37.07
CA ASP E 10 24.94 -13.22 35.66
C ASP E 10 25.84 -12.02 35.44
N PHE E 11 25.78 -11.03 36.33
CA PHE E 11 26.61 -9.84 36.16
C PHE E 11 28.09 -10.18 36.19
N GLU E 12 28.49 -11.08 37.08
CA GLU E 12 29.91 -11.40 37.21
C GLU E 12 30.45 -12.03 35.93
N LYS E 13 29.67 -12.91 35.31
CA LYS E 13 30.14 -13.57 34.09
C LYS E 13 30.38 -12.56 32.97
N LEU E 14 29.44 -11.63 32.78
CA LEU E 14 29.58 -10.68 31.69
C LEU E 14 30.77 -9.76 31.89
N VAL E 15 31.00 -9.31 33.14
CA VAL E 15 32.12 -8.41 33.40
C VAL E 15 33.44 -9.08 33.08
N ALA E 16 33.54 -10.39 33.34
CA ALA E 16 34.79 -11.10 33.10
C ALA E 16 35.18 -11.02 31.63
N SER E 17 34.22 -11.20 30.73
CA SER E 17 34.52 -11.12 29.30
C SER E 17 35.05 -9.74 28.92
N TYR E 18 34.36 -8.69 29.38
CA TYR E 18 34.83 -7.33 29.10
C TYR E 18 36.14 -7.05 29.82
N GLN E 19 36.27 -7.50 31.07
CA GLN E 19 37.49 -7.26 31.82
C GLN E 19 38.68 -7.94 31.16
N ALA E 20 38.45 -9.03 30.45
CA ALA E 20 39.51 -9.75 29.74
C ALA E 20 39.82 -9.13 28.38
N GLY E 21 39.08 -8.11 27.96
CA GLY E 21 39.32 -7.50 26.68
C GLY E 21 38.87 -8.33 25.49
N ARG E 22 37.92 -9.24 25.70
CA ARG E 22 37.41 -10.12 24.65
C ARG E 22 35.89 -10.13 24.66
N GLY E 23 35.29 -8.93 24.76
CA GLY E 23 33.85 -8.82 24.75
C GLY E 23 33.29 -8.67 23.35
N HIS E 24 31.97 -8.84 23.25
CA HIS E 24 31.26 -8.73 21.99
C HIS E 24 30.65 -7.33 21.87
N HIS E 25 30.91 -6.66 20.75
CA HIS E 25 30.42 -5.30 20.56
C HIS E 25 28.91 -5.19 20.57
N ALA E 26 28.18 -6.28 20.33
CA ALA E 26 26.73 -6.29 20.35
C ALA E 26 26.27 -7.40 21.29
N LEU E 27 25.41 -7.04 22.24
CA LEU E 27 24.87 -7.99 23.21
C LEU E 27 23.36 -7.86 23.25
N LEU E 28 22.66 -8.99 23.17
CA LEU E 28 21.21 -9.04 23.25
C LEU E 28 20.84 -9.82 24.51
N ILE E 29 20.13 -9.18 25.42
CA ILE E 29 19.72 -9.78 26.69
C ILE E 29 18.21 -9.88 26.70
N GLN E 30 17.70 -11.11 26.85
CA GLN E 30 16.27 -11.36 26.90
C GLN E 30 15.86 -11.71 28.33
N ALA E 31 14.77 -11.11 28.79
CA ALA E 31 14.26 -11.37 30.12
C ALA E 31 12.83 -10.86 30.21
N LEU E 32 12.04 -11.51 31.06
CA LEU E 32 10.67 -11.10 31.27
C LEU E 32 10.62 -9.76 31.98
N PRO E 33 9.50 -9.03 31.87
CA PRO E 33 9.38 -7.76 32.61
C PRO E 33 9.47 -8.00 34.11
N GLY E 34 10.10 -7.06 34.80
CA GLY E 34 10.32 -7.17 36.22
C GLY E 34 11.52 -7.99 36.62
N MET E 35 12.32 -8.44 35.67
CA MET E 35 13.52 -9.22 35.95
C MET E 35 14.76 -8.35 36.15
N GLY E 36 14.62 -7.03 36.09
CA GLY E 36 15.74 -6.14 36.30
C GLY E 36 16.82 -6.22 35.23
N ASP E 37 16.41 -6.40 33.96
CA ASP E 37 17.39 -6.41 32.89
C ASP E 37 18.01 -5.04 32.67
N ASP E 38 17.24 -3.97 32.88
CA ASP E 38 17.79 -2.62 32.74
C ASP E 38 18.90 -2.36 33.75
N ALA E 39 18.71 -2.82 34.99
CA ALA E 39 19.74 -2.62 36.00
C ALA E 39 21.04 -3.33 35.62
N LEU E 40 20.94 -4.54 35.09
CA LEU E 40 22.14 -5.25 34.64
C LEU E 40 22.85 -4.49 33.53
N ILE E 41 22.09 -3.97 32.56
CA ILE E 41 22.69 -3.18 31.50
C ILE E 41 23.27 -1.89 32.05
N TYR E 42 22.57 -1.25 32.99
CA TYR E 42 23.06 -0.01 33.56
C TYR E 42 24.39 -0.21 34.27
N ALA E 43 24.52 -1.31 35.03
CA ALA E 43 25.78 -1.58 35.71
C ALA E 43 26.91 -1.79 34.72
N LEU E 44 26.65 -2.55 33.66
CA LEU E 44 27.69 -2.79 32.65
C LEU E 44 28.11 -1.50 31.96
N SER E 45 27.14 -0.66 31.60
CA SER E 45 27.48 0.61 30.95
C SER E 45 28.30 1.50 31.87
N ARG E 46 27.94 1.55 33.15
CA ARG E 46 28.69 2.37 34.11
C ARG E 46 30.14 1.89 34.21
N TYR E 47 30.34 0.58 34.26
CA TYR E 47 31.70 0.04 34.34
C TYR E 47 32.50 0.41 33.10
N LEU E 48 31.90 0.29 31.92
CA LEU E 48 32.62 0.58 30.68
C LEU E 48 33.04 2.04 30.61
N LEU E 49 32.15 2.95 31.01
CA LEU E 49 32.45 4.38 30.90
C LEU E 49 33.46 4.85 31.94
N CYS E 50 33.65 4.10 33.02
CA CYS E 50 34.60 4.52 34.05
C CYS E 50 36.01 4.58 33.48
N GLN E 51 36.75 5.62 33.86
CA GLN E 51 38.10 5.81 33.37
C GLN E 51 39.16 5.12 34.21
N GLN E 52 38.87 4.87 35.50
CA GLN E 52 39.80 4.19 36.41
C GLN E 52 39.04 3.08 37.12
N PRO E 53 38.80 1.96 36.44
CA PRO E 53 38.01 0.89 37.05
C PRO E 53 38.67 0.34 38.30
N GLN E 54 37.84 -0.05 39.26
CA GLN E 54 38.27 -0.68 40.51
C GLN E 54 37.64 -2.07 40.54
N GLY E 55 38.34 -3.05 39.98
CA GLY E 55 37.76 -4.38 39.87
C GLY E 55 36.48 -4.35 39.05
N HIS E 56 35.48 -5.07 39.52
CA HIS E 56 34.19 -5.08 38.83
C HIS E 56 33.43 -3.78 39.06
N LYS E 57 33.46 -3.26 40.28
CA LYS E 57 32.74 -2.04 40.61
C LYS E 57 33.45 -0.82 40.05
N SER E 58 32.67 0.21 39.73
CA SER E 58 33.22 1.47 39.28
C SER E 58 33.75 2.27 40.47
N CYS E 59 34.77 3.09 40.20
CA CYS E 59 35.36 3.90 41.26
C CYS E 59 34.34 4.87 41.85
N GLY E 60 33.55 5.51 41.00
CA GLY E 60 32.55 6.46 41.46
C GLY E 60 33.07 7.84 41.74
N HIS E 61 34.34 8.12 41.45
CA HIS E 61 34.93 9.43 41.73
C HIS E 61 35.64 10.06 40.54
N CYS E 62 35.90 9.32 39.46
CA CYS E 62 36.54 9.89 38.30
C CYS E 62 35.55 10.79 37.55
N ARG E 63 36.06 11.50 36.53
CA ARG E 63 35.22 12.40 35.76
C ARG E 63 34.08 11.65 35.09
N GLY E 64 34.36 10.47 34.54
CA GLY E 64 33.32 9.71 33.88
C GLY E 64 32.17 9.35 34.82
N CYS E 65 32.51 8.88 36.03
CA CYS E 65 31.47 8.53 36.99
C CYS E 65 30.66 9.75 37.39
N GLN E 66 31.32 10.89 37.61
CA GLN E 66 30.60 12.10 38.00
C GLN E 66 29.61 12.53 36.93
N LEU E 67 30.05 12.53 35.67
CA LEU E 67 29.16 12.90 34.58
C LEU E 67 28.00 11.91 34.47
N MET E 68 28.29 10.62 34.61
CA MET E 68 27.23 9.61 34.52
C MET E 68 26.20 9.81 35.63
N GLN E 69 26.65 10.06 36.85
CA GLN E 69 25.72 10.30 37.95
C GLN E 69 24.88 11.54 37.71
N ALA E 70 25.50 12.60 37.16
CA ALA E 70 24.76 13.83 36.89
C ALA E 70 23.65 13.63 35.86
N GLY E 71 23.73 12.57 35.06
CA GLY E 71 22.73 12.29 34.05
C GLY E 71 23.08 12.76 32.65
N THR E 72 24.27 13.29 32.44
CA THR E 72 24.70 13.75 31.12
C THR E 72 26.14 13.30 30.90
N HIS E 73 26.36 12.54 29.82
CA HIS E 73 27.68 12.07 29.47
C HIS E 73 27.85 12.28 27.96
N PRO E 74 29.00 12.81 27.50
CA PRO E 74 29.15 13.02 26.04
C PRO E 74 29.02 11.75 25.23
N ASP E 75 29.45 10.61 25.75
CA ASP E 75 29.54 9.36 25.01
C ASP E 75 28.59 8.31 25.56
N TYR E 76 27.36 8.71 25.88
CA TYR E 76 26.33 7.80 26.34
C TYR E 76 25.04 8.13 25.60
N TYR E 77 24.60 7.23 24.73
CA TYR E 77 23.43 7.42 23.90
C TYR E 77 22.34 6.45 24.30
N THR E 78 21.10 6.91 24.27
CA THR E 78 19.93 6.10 24.61
C THR E 78 18.88 6.25 23.52
N LEU E 79 18.24 5.14 23.18
CA LEU E 79 17.17 5.11 22.17
C LEU E 79 15.91 4.57 22.83
N ALA E 80 14.92 5.43 23.01
CA ALA E 80 13.66 5.06 23.62
C ALA E 80 12.52 5.77 22.88
N PRO E 81 11.30 5.24 22.96
CA PRO E 81 10.17 5.92 22.33
C PRO E 81 9.87 7.25 23.01
N GLU E 82 9.25 8.15 22.24
CA GLU E 82 8.86 9.45 22.77
C GLU E 82 7.81 9.27 23.86
N LYS E 83 7.43 10.38 24.49
CA LYS E 83 6.49 10.32 25.60
C LYS E 83 5.14 9.79 25.14
N GLY E 84 4.65 10.28 24.00
CA GLY E 84 3.34 9.89 23.49
C GLY E 84 3.39 8.80 22.45
N LYS E 85 4.59 8.50 21.94
CA LYS E 85 4.76 7.51 20.88
C LYS E 85 5.11 6.16 21.48
N ASN E 86 4.52 5.11 20.91
CA ASN E 86 4.74 3.74 21.37
C ASN E 86 5.77 3.00 20.52
N THR E 87 6.43 3.68 19.59
CA THR E 87 7.39 3.06 18.70
C THR E 87 8.60 3.97 18.53
N LEU E 88 9.72 3.37 18.16
CA LEU E 88 10.97 4.10 17.92
C LEU E 88 11.14 4.28 16.41
N GLY E 89 11.27 5.53 15.98
CA GLY E 89 11.34 5.85 14.57
C GLY E 89 12.73 5.67 13.99
N VAL E 90 12.82 5.91 12.68
CA VAL E 90 14.09 5.79 11.98
C VAL E 90 14.95 7.04 12.08
N ASP E 91 14.33 8.21 12.30
CA ASP E 91 15.12 9.44 12.41
C ASP E 91 16.06 9.39 13.60
N ALA E 92 15.59 8.88 14.74
CA ALA E 92 16.43 8.78 15.92
C ALA E 92 17.62 7.86 15.67
N VAL E 93 17.39 6.72 15.01
CA VAL E 93 18.46 5.77 14.77
C VAL E 93 19.54 6.39 13.90
N ARG E 94 19.13 7.06 12.82
CA ARG E 94 20.11 7.70 11.95
C ARG E 94 20.83 8.84 12.66
N GLU E 95 20.17 9.49 13.60
CA GLU E 95 20.83 10.55 14.37
C GLU E 95 21.98 9.98 15.19
N VAL E 96 21.73 8.89 15.90
CA VAL E 96 22.77 8.28 16.73
C VAL E 96 23.87 7.69 15.86
N THR E 97 23.50 7.04 14.76
CA THR E 97 24.49 6.39 13.91
C THR E 97 25.49 7.40 13.36
N GLU E 98 25.02 8.56 12.93
CA GLU E 98 25.93 9.59 12.42
C GLU E 98 26.89 10.05 13.50
N LYS E 99 26.39 10.24 14.72
CA LYS E 99 27.25 10.72 15.81
C LYS E 99 28.30 9.70 16.20
N LEU E 100 27.99 8.40 16.08
CA LEU E 100 28.96 7.38 16.47
C LEU E 100 30.22 7.45 15.61
N ASN E 101 30.07 7.75 14.32
CA ASN E 101 31.21 7.74 13.42
C ASN E 101 32.26 8.79 13.80
N GLU E 102 31.87 9.85 14.52
CA GLU E 102 32.81 10.89 14.89
C GLU E 102 33.71 10.42 16.03
N HIS E 103 34.83 11.12 16.20
CA HIS E 103 35.78 10.77 17.25
C HIS E 103 35.15 10.98 18.62
N ALA E 104 35.54 10.13 19.56
CA ALA E 104 35.01 10.21 20.92
C ALA E 104 35.34 11.56 21.53
N ARG E 105 34.32 12.18 22.14
CA ARG E 105 34.52 13.51 22.74
C ARG E 105 35.39 13.42 23.99
N LEU E 106 35.13 12.43 24.84
CA LEU E 106 35.86 12.27 26.09
C LEU E 106 37.10 11.39 25.94
N GLY E 107 37.33 10.82 24.76
CA GLY E 107 38.49 9.98 24.54
C GLY E 107 38.35 8.56 25.01
N GLY E 108 37.19 8.17 25.54
CA GLY E 108 36.98 6.82 26.03
C GLY E 108 36.10 6.00 25.11
N ALA E 109 35.44 4.99 25.67
CA ALA E 109 34.56 4.13 24.89
C ALA E 109 33.19 4.79 24.71
N LYS E 110 32.42 4.26 23.78
CA LYS E 110 31.08 4.74 23.48
C LYS E 110 30.10 3.58 23.63
N VAL E 111 29.02 3.81 24.36
CA VAL E 111 28.02 2.79 24.65
C VAL E 111 26.66 3.28 24.21
N VAL E 112 25.91 2.41 23.54
CA VAL E 112 24.55 2.70 23.08
C VAL E 112 23.61 1.69 23.70
N TRP E 113 22.54 2.18 24.33
CA TRP E 113 21.55 1.33 24.97
C TRP E 113 20.22 1.48 24.26
N VAL E 114 19.62 0.36 23.87
CA VAL E 114 18.29 0.34 23.28
C VAL E 114 17.32 -0.15 24.35
N THR E 115 16.35 0.68 24.71
CA THR E 115 15.44 0.34 25.80
C THR E 115 14.64 -0.93 25.47
N ASP E 116 14.15 -1.04 24.24
CA ASP E 116 13.38 -2.21 23.83
C ASP E 116 13.46 -2.32 22.32
N ALA E 117 14.20 -3.31 21.82
CA ALA E 117 14.34 -3.49 20.38
C ALA E 117 13.06 -4.02 19.74
N ALA E 118 12.12 -4.54 20.54
CA ALA E 118 10.87 -5.03 19.99
C ALA E 118 9.99 -3.89 19.46
N LEU E 119 10.24 -2.66 19.88
CA LEU E 119 9.47 -1.51 19.43
C LEU E 119 10.06 -0.87 18.18
N LEU E 120 11.20 -1.33 17.70
CA LEU E 120 11.79 -0.78 16.48
C LEU E 120 10.88 -1.02 15.28
N THR E 121 10.78 -0.01 14.42
CA THR E 121 10.06 -0.15 13.17
C THR E 121 10.92 -0.89 12.14
N ASP E 122 10.28 -1.31 11.05
CA ASP E 122 11.02 -2.03 10.02
C ASP E 122 12.12 -1.15 9.42
N ALA E 123 11.80 0.11 9.13
CA ALA E 123 12.82 1.01 8.61
C ALA E 123 13.93 1.24 9.62
N ALA E 124 13.58 1.41 10.90
CA ALA E 124 14.58 1.65 11.93
C ALA E 124 15.54 0.47 12.07
N ALA E 125 15.00 -0.76 12.05
CA ALA E 125 15.85 -1.92 12.26
C ALA E 125 16.88 -2.07 11.15
N ASN E 126 16.46 -1.88 9.89
CA ASN E 126 17.40 -2.06 8.79
C ASN E 126 18.52 -1.03 8.83
N ALA E 127 18.20 0.22 9.17
CA ALA E 127 19.23 1.25 9.24
C ALA E 127 20.29 0.90 10.28
N LEU E 128 19.92 0.13 11.30
CA LEU E 128 20.85 -0.24 12.36
C LEU E 128 21.73 -1.44 11.99
N LEU E 129 21.40 -2.15 10.92
CA LEU E 129 22.14 -3.37 10.59
C LEU E 129 23.58 -3.07 10.20
N LYS E 130 23.78 -2.11 9.29
CA LYS E 130 25.12 -1.87 8.78
C LYS E 130 26.08 -1.42 9.86
N THR E 131 25.64 -0.47 10.71
CA THR E 131 26.51 0.01 11.77
C THR E 131 26.73 -1.05 12.84
N LEU E 132 25.68 -1.84 13.14
CA LEU E 132 25.81 -2.87 14.17
C LEU E 132 26.74 -3.99 13.73
N GLU E 133 26.79 -4.29 12.43
CA GLU E 133 27.62 -5.37 11.94
C GLU E 133 29.10 -5.06 12.12
N GLU E 134 29.52 -3.87 11.70
CA GLU E 134 30.93 -3.48 11.71
C GLU E 134 31.06 -2.10 12.34
N PRO E 135 30.83 -1.99 13.65
CA PRO E 135 30.92 -0.69 14.31
C PRO E 135 32.37 -0.24 14.41
N PRO E 136 32.61 1.06 14.63
CA PRO E 136 33.99 1.54 14.75
C PRO E 136 34.67 1.07 16.02
N ALA E 137 35.92 1.47 16.23
CA ALA E 137 36.67 1.01 17.38
C ALA E 137 36.04 1.53 18.67
N GLU E 138 36.00 0.67 19.69
CA GLU E 138 35.51 1.02 21.02
C GLU E 138 34.07 1.52 20.95
N THR E 139 33.18 0.63 20.50
CA THR E 139 31.75 0.90 20.48
C THR E 139 31.03 -0.35 20.96
N TRP E 140 30.11 -0.18 21.90
CA TRP E 140 29.40 -1.29 22.51
C TRP E 140 27.90 -1.03 22.45
N PHE E 141 27.14 -2.04 22.02
CA PHE E 141 25.69 -1.95 21.92
C PHE E 141 25.04 -2.90 22.92
N PHE E 142 23.97 -2.43 23.54
CA PHE E 142 23.18 -3.23 24.48
C PHE E 142 21.72 -3.17 24.07
N LEU E 143 21.08 -4.33 23.98
CA LEU E 143 19.68 -4.43 23.58
C LEU E 143 18.93 -5.30 24.57
N ALA E 144 17.65 -5.00 24.75
CA ALA E 144 16.77 -5.75 25.63
C ALA E 144 15.50 -6.11 24.88
N THR E 145 15.08 -7.36 24.98
CA THR E 145 13.89 -7.84 24.29
C THR E 145 13.14 -8.81 25.19
N ARG E 146 11.82 -8.88 24.99
CA ARG E 146 10.99 -9.84 25.70
C ARG E 146 10.86 -11.16 24.94
N GLU E 147 10.99 -11.12 23.61
CA GLU E 147 10.88 -12.31 22.78
C GLU E 147 11.73 -12.10 21.54
N PRO E 148 12.92 -12.72 21.49
CA PRO E 148 13.78 -12.52 20.30
C PRO E 148 13.16 -12.99 19.00
N GLU E 149 12.15 -13.85 19.05
CA GLU E 149 11.53 -14.35 17.82
C GLU E 149 10.93 -13.20 17.01
N ARG E 150 10.24 -12.27 17.67
CA ARG E 150 9.65 -11.15 16.95
C ARG E 150 10.70 -10.24 16.33
N LEU E 151 11.92 -10.25 16.85
CA LEU E 151 12.96 -9.38 16.32
C LEU E 151 13.33 -9.80 14.89
N LEU E 152 13.80 -8.83 14.13
CA LEU E 152 14.18 -9.09 12.74
C LEU E 152 15.27 -10.15 12.67
N ALA E 153 15.12 -11.08 11.72
CA ALA E 153 16.05 -12.20 11.64
C ALA E 153 17.48 -11.72 11.36
N THR E 154 17.64 -10.79 10.42
CA THR E 154 18.97 -10.28 10.11
C THR E 154 19.57 -9.57 11.31
N LEU E 155 18.77 -8.76 12.02
CA LEU E 155 19.27 -8.07 13.20
C LEU E 155 19.65 -9.04 14.30
N ARG E 156 18.83 -10.07 14.52
CA ARG E 156 19.09 -11.02 15.59
C ARG E 156 20.38 -11.80 15.36
N SER E 157 20.78 -11.96 14.10
CA SER E 157 22.02 -12.67 13.78
C SER E 157 23.26 -11.86 14.08
N ARG E 158 23.12 -10.56 14.40
CA ARG E 158 24.28 -9.72 14.66
C ARG E 158 24.74 -9.82 16.12
N CYS E 159 23.84 -10.08 17.04
CA CYS E 159 24.11 -9.96 18.47
C CYS E 159 24.31 -11.32 19.12
N ARG E 160 24.98 -11.30 20.26
CA ARG E 160 25.14 -12.47 21.11
C ARG E 160 23.98 -12.53 22.09
N LEU E 161 23.31 -13.67 22.14
CA LEU E 161 22.12 -13.83 22.98
C LEU E 161 22.52 -14.22 24.40
N HIS E 162 21.86 -13.62 25.38
CA HIS E 162 22.05 -13.95 26.78
C HIS E 162 20.68 -14.04 27.44
N TYR E 163 20.42 -15.13 28.15
CA TYR E 163 19.11 -15.42 28.73
C TYR E 163 19.20 -15.41 30.24
N LEU E 164 18.28 -14.68 30.88
CA LEU E 164 18.17 -14.65 32.33
C LEU E 164 17.01 -15.54 32.76
N ALA E 165 17.31 -16.59 33.51
CA ALA E 165 16.26 -17.51 33.92
C ALA E 165 15.58 -17.03 35.20
N PRO E 166 14.26 -17.12 35.33
CA PRO E 166 13.64 -16.75 36.60
C PRO E 166 14.08 -17.69 37.70
N PRO E 167 14.07 -17.23 38.95
CA PRO E 167 14.49 -18.09 40.05
C PRO E 167 13.46 -19.17 40.32
N PRO E 168 13.78 -20.17 41.14
CA PRO E 168 12.80 -21.21 41.45
C PRO E 168 11.60 -20.64 42.18
N GLU E 169 10.46 -21.32 42.02
CA GLU E 169 9.21 -20.81 42.56
C GLU E 169 9.27 -20.66 44.07
N GLN E 170 9.85 -21.64 44.77
CA GLN E 170 9.91 -21.58 46.22
C GLN E 170 10.73 -20.38 46.68
N TYR E 171 11.85 -20.11 46.01
CA TYR E 171 12.64 -18.93 46.34
C TYR E 171 11.85 -17.65 46.06
N ALA E 172 11.12 -17.61 44.95
CA ALA E 172 10.40 -16.40 44.57
C ALA E 172 9.29 -16.09 45.57
N VAL E 173 8.50 -17.09 45.95
CA VAL E 173 7.37 -16.84 46.85
C VAL E 173 7.87 -16.37 48.21
N THR E 174 8.99 -16.95 48.67
CA THR E 174 9.56 -16.49 49.94
C THR E 174 10.00 -15.04 49.85
N TRP E 175 10.60 -14.65 48.73
CA TRP E 175 11.04 -13.27 48.57
C TRP E 175 9.84 -12.32 48.58
N LEU E 176 8.76 -12.68 47.90
CA LEU E 176 7.57 -11.82 47.88
C LEU E 176 6.96 -11.70 49.26
N SER E 177 6.85 -12.81 50.00
CA SER E 177 6.25 -12.76 51.32
C SER E 177 7.00 -11.81 52.25
N ARG E 178 8.30 -11.64 52.03
CA ARG E 178 9.06 -10.68 52.80
C ARG E 178 8.82 -9.25 52.33
N GLU E 179 8.59 -9.05 51.03
CA GLU E 179 8.38 -7.70 50.52
C GLU E 179 7.02 -7.15 50.91
N VAL E 180 5.97 -7.97 50.80
CA VAL E 180 4.60 -7.54 51.06
C VAL E 180 3.97 -8.54 52.03
N THR E 181 2.70 -8.30 52.37
CA THR E 181 1.94 -9.12 53.31
C THR E 181 0.69 -9.64 52.61
N MET E 182 0.74 -10.88 52.15
CA MET E 182 -0.39 -11.52 51.51
C MET E 182 -0.36 -13.01 51.79
N SER E 183 -1.51 -13.65 51.64
CA SER E 183 -1.62 -15.08 51.89
C SER E 183 -0.86 -15.86 50.82
N GLN E 184 -0.57 -17.13 51.14
CA GLN E 184 0.20 -17.95 50.21
C GLN E 184 -0.52 -18.14 48.90
N ASP E 185 -1.84 -18.34 48.94
CA ASP E 185 -2.61 -18.50 47.70
C ASP E 185 -2.50 -17.26 46.83
N ALA E 186 -2.60 -16.07 47.43
CA ALA E 186 -2.48 -14.84 46.66
C ALA E 186 -1.08 -14.72 46.06
N LEU E 187 -0.06 -15.05 46.83
CA LEU E 187 1.31 -14.97 46.32
C LEU E 187 1.53 -15.92 45.15
N LEU E 188 1.03 -17.15 45.27
CA LEU E 188 1.20 -18.10 44.17
C LEU E 188 0.46 -17.64 42.92
N ALA E 189 -0.77 -17.14 43.07
CA ALA E 189 -1.52 -16.69 41.92
C ALA E 189 -0.82 -15.55 41.21
N ALA E 190 -0.32 -14.57 41.96
CA ALA E 190 0.36 -13.43 41.34
C ALA E 190 1.63 -13.87 40.63
N LEU E 191 2.40 -14.76 41.24
CA LEU E 191 3.64 -15.22 40.63
C LEU E 191 3.38 -15.98 39.33
N ARG E 192 2.38 -16.86 39.33
CA ARG E 192 2.07 -17.62 38.13
C ARG E 192 1.50 -16.72 37.04
N LEU E 193 0.68 -15.74 37.42
CA LEU E 193 0.13 -14.80 36.44
C LEU E 193 1.25 -14.04 35.74
N SER E 194 2.28 -13.67 36.47
CA SER E 194 3.43 -12.96 35.92
C SER E 194 4.45 -13.90 35.26
N ALA E 195 4.06 -15.15 34.97
CA ALA E 195 4.95 -16.12 34.33
C ALA E 195 6.19 -16.39 35.19
N GLY E 196 6.00 -16.41 36.50
CA GLY E 196 7.09 -16.75 37.40
C GLY E 196 8.21 -15.74 37.43
N SER E 197 7.93 -14.48 37.13
CA SER E 197 8.94 -13.44 37.16
C SER E 197 8.74 -12.58 38.39
N PRO E 198 9.58 -12.65 39.42
CA PRO E 198 9.41 -11.79 40.58
C PRO E 198 9.61 -10.32 40.23
N GLY E 199 8.98 -9.48 41.00
CA GLY E 199 8.95 -8.05 40.73
C GLY E 199 7.73 -7.65 39.93
N ALA E 200 7.44 -8.38 38.86
CA ALA E 200 6.18 -8.17 38.15
C ALA E 200 5.00 -8.50 39.05
N ALA E 201 5.09 -9.59 39.81
CA ALA E 201 4.04 -9.89 40.79
C ALA E 201 3.99 -8.82 41.87
N LEU E 202 5.14 -8.28 42.26
CA LEU E 202 5.16 -7.18 43.22
C LEU E 202 4.42 -5.97 42.68
N ALA E 203 4.53 -5.73 41.37
CA ALA E 203 3.85 -4.59 40.77
C ALA E 203 2.33 -4.71 40.91
N LEU E 204 1.80 -5.92 40.76
CA LEU E 204 0.36 -6.11 40.90
C LEU E 204 -0.12 -5.76 42.29
N PHE E 205 0.62 -6.20 43.32
CA PHE E 205 0.19 -5.96 44.69
C PHE E 205 0.36 -4.50 45.09
N GLN E 206 1.51 -3.90 44.77
CA GLN E 206 1.77 -2.54 45.22
C GLN E 206 0.78 -1.55 44.61
N GLY E 207 0.37 -1.76 43.38
CA GLY E 207 -0.60 -0.91 42.72
C GLY E 207 -2.03 -1.31 43.05
N ASP E 208 -2.96 -0.73 42.30
CA ASP E 208 -4.38 -1.02 42.45
C ASP E 208 -4.86 -2.11 41.49
N ASN E 209 -3.94 -2.79 40.81
CA ASN E 209 -4.34 -3.80 39.83
C ASN E 209 -5.09 -4.95 40.49
N TRP E 210 -4.73 -5.30 41.72
CA TRP E 210 -5.38 -6.43 42.38
C TRP E 210 -6.86 -6.18 42.59
N GLN E 211 -7.23 -4.95 42.93
CA GLN E 211 -8.65 -4.63 43.10
C GLN E 211 -9.39 -4.79 41.79
N ALA E 212 -8.77 -4.41 40.67
CA ALA E 212 -9.40 -4.58 39.37
C ALA E 212 -9.66 -6.05 39.08
N ARG E 213 -8.70 -6.92 39.43
CA ARG E 213 -8.89 -8.35 39.21
C ARG E 213 -10.07 -8.88 40.03
N GLU E 214 -10.19 -8.43 41.28
CA GLU E 214 -11.31 -8.88 42.10
C GLU E 214 -12.64 -8.45 41.50
N THR E 215 -12.71 -7.22 40.97
CA THR E 215 -13.94 -6.77 40.32
C THR E 215 -14.26 -7.64 39.11
N LEU E 216 -13.25 -7.98 38.31
CA LEU E 216 -13.48 -8.82 37.14
C LEU E 216 -14.00 -10.19 37.54
N CYS E 217 -13.42 -10.79 38.59
CA CYS E 217 -13.88 -12.10 39.03
C CYS E 217 -15.32 -12.04 39.52
N GLN E 218 -15.67 -11.01 40.29
CA GLN E 218 -17.05 -10.88 40.76
C GLN E 218 -18.01 -10.69 39.59
N ALA E 219 -17.63 -9.85 38.63
CA ALA E 219 -18.48 -9.66 37.45
C ALA E 219 -18.60 -10.95 36.65
N LEU E 220 -17.48 -11.66 36.46
CA LEU E 220 -17.51 -12.91 35.71
C LEU E 220 -18.32 -13.97 36.46
N ALA E 221 -18.31 -13.94 37.79
CA ALA E 221 -19.09 -14.90 38.55
C ALA E 221 -20.58 -14.74 38.29
N TYR E 222 -21.04 -13.49 38.17
CA TYR E 222 -22.45 -13.24 37.91
C TYR E 222 -22.83 -13.52 36.45
N SER E 223 -21.91 -13.31 35.52
CA SER E 223 -22.24 -13.46 34.11
C SER E 223 -22.43 -14.92 33.72
N VAL E 224 -21.62 -15.82 34.27
CA VAL E 224 -21.64 -17.21 33.83
C VAL E 224 -23.00 -17.86 34.05
N PRO E 225 -23.63 -17.76 35.23
CA PRO E 225 -24.96 -18.39 35.39
C PRO E 225 -26.01 -17.80 34.46
N SER E 226 -26.16 -16.48 34.47
CA SER E 226 -27.18 -15.86 33.62
C SER E 226 -26.77 -15.85 32.16
N GLY E 227 -25.47 -15.86 31.87
CA GLY E 227 -25.00 -15.83 30.50
C GLY E 227 -24.93 -14.46 29.88
N ASP E 228 -25.17 -13.40 30.65
CA ASP E 228 -25.13 -12.03 30.13
C ASP E 228 -23.68 -11.55 30.11
N TRP E 229 -22.91 -12.10 29.17
CA TRP E 229 -21.50 -11.76 29.05
C TRP E 229 -21.30 -10.29 28.65
N TYR E 230 -22.31 -9.64 28.10
CA TYR E 230 -22.16 -8.23 27.73
C TYR E 230 -21.92 -7.34 28.94
N SER E 231 -22.35 -7.77 30.14
CA SER E 231 -22.15 -6.95 31.33
C SER E 231 -20.68 -6.79 31.69
N LEU E 232 -19.79 -7.65 31.17
CA LEU E 232 -18.38 -7.58 31.50
C LEU E 232 -17.66 -6.43 30.80
N LEU E 233 -18.34 -5.69 29.92
CA LEU E 233 -17.68 -4.60 29.21
C LEU E 233 -17.16 -3.55 30.18
N ALA E 234 -17.91 -3.26 31.24
CA ALA E 234 -17.48 -2.24 32.20
C ALA E 234 -16.17 -2.63 32.86
N ALA E 235 -16.03 -3.89 33.26
CA ALA E 235 -14.83 -4.34 33.95
C ALA E 235 -13.64 -4.55 33.04
N LEU E 236 -13.85 -4.63 31.72
CA LEU E 236 -12.78 -4.87 30.76
C LEU E 236 -12.36 -3.63 29.99
N ASN E 237 -13.27 -2.68 29.77
CA ASN E 237 -12.97 -1.48 29.00
C ASN E 237 -12.07 -0.57 29.84
N HIS E 238 -10.77 -0.61 29.58
CA HIS E 238 -9.81 0.19 30.31
C HIS E 238 -8.54 0.28 29.50
N GLU E 239 -7.69 1.25 29.85
CA GLU E 239 -6.43 1.43 29.13
C GLU E 239 -5.53 0.20 29.26
N GLN E 240 -5.71 -0.59 30.32
CA GLN E 240 -4.94 -1.81 30.56
C GLN E 240 -5.70 -3.04 30.11
N ALA E 241 -6.48 -2.94 29.04
CA ALA E 241 -7.26 -4.08 28.57
C ALA E 241 -6.40 -5.30 28.25
N PRO E 242 -5.23 -5.18 27.61
CA PRO E 242 -4.44 -6.40 27.34
C PRO E 242 -4.11 -7.18 28.60
N ALA E 243 -3.81 -6.50 29.70
CA ALA E 243 -3.53 -7.19 30.95
C ALA E 243 -4.77 -7.93 31.46
N ARG E 244 -5.94 -7.29 31.39
CA ARG E 244 -7.15 -7.92 31.89
C ARG E 244 -7.60 -9.05 30.99
N LEU E 245 -7.40 -8.93 29.67
CA LEU E 245 -7.70 -10.05 28.78
C LEU E 245 -6.84 -11.25 29.11
N HIS E 246 -5.56 -11.01 29.46
CA HIS E 246 -4.69 -12.11 29.87
C HIS E 246 -5.23 -12.80 31.11
N TRP E 247 -5.74 -12.03 32.07
CA TRP E 247 -6.31 -12.62 33.28
C TRP E 247 -7.53 -13.47 32.94
N LEU E 248 -8.40 -12.98 32.06
CA LEU E 248 -9.58 -13.73 31.68
C LEU E 248 -9.19 -15.03 30.97
N ALA E 249 -8.19 -14.98 30.10
CA ALA E 249 -7.74 -16.18 29.41
C ALA E 249 -7.23 -17.21 30.40
N THR E 250 -6.52 -16.76 31.44
CA THR E 250 -6.00 -17.69 32.44
C THR E 250 -7.12 -18.41 33.16
N LEU E 251 -8.20 -17.71 33.48
CA LEU E 251 -9.34 -18.34 34.15
C LEU E 251 -9.95 -19.42 33.27
N LEU E 252 -10.10 -19.14 31.97
CA LEU E 252 -10.69 -20.13 31.07
C LEU E 252 -9.82 -21.38 30.99
N MET E 253 -8.51 -21.21 30.88
CA MET E 253 -7.62 -22.37 30.78
C MET E 253 -7.70 -23.23 32.03
N ASP E 254 -7.72 -22.59 33.21
CA ASP E 254 -7.77 -23.36 34.45
C ASP E 254 -9.05 -24.17 34.53
N ALA E 255 -10.18 -23.58 34.15
CA ALA E 255 -11.44 -24.33 34.14
C ALA E 255 -11.38 -25.49 33.16
N LEU E 256 -10.81 -25.27 31.98
CA LEU E 256 -10.68 -26.33 31.00
C LEU E 256 -9.76 -27.44 31.50
N LYS E 257 -8.64 -27.06 32.12
CA LYS E 257 -7.72 -28.06 32.67
C LYS E 257 -8.40 -28.86 33.79
N ARG E 258 -9.16 -28.18 34.64
CA ARG E 258 -9.87 -28.89 35.70
C ARG E 258 -10.87 -29.88 35.12
N HIS E 259 -11.49 -29.55 33.98
CA HIS E 259 -12.45 -30.46 33.38
C HIS E 259 -11.79 -31.77 32.98
N HIS E 260 -10.61 -31.70 32.36
CA HIS E 260 -9.87 -32.91 32.03
C HIS E 260 -9.34 -33.61 33.28
N GLY E 261 -9.07 -32.84 34.33
CA GLY E 261 -8.50 -33.39 35.55
C GLY E 261 -7.01 -33.13 35.66
N ALA E 262 -6.62 -32.18 36.50
CA ALA E 262 -5.23 -31.83 36.66
C ALA E 262 -5.02 -31.24 38.06
N ALA E 263 -3.77 -31.21 38.49
CA ALA E 263 -3.44 -30.73 39.83
C ALA E 263 -3.11 -29.24 39.84
N GLN E 264 -2.12 -28.82 39.05
CA GLN E 264 -1.70 -27.43 39.04
C GLN E 264 -2.69 -26.57 38.28
N VAL E 265 -3.11 -25.46 38.89
CA VAL E 265 -3.97 -24.47 38.26
C VAL E 265 -3.41 -23.09 38.57
N THR E 266 -3.40 -22.21 37.57
CA THR E 266 -2.82 -20.89 37.77
C THR E 266 -3.58 -20.10 38.83
N ASN E 267 -4.91 -20.16 38.80
CA ASN E 267 -5.75 -19.43 39.75
C ASN E 267 -6.07 -20.33 40.92
N VAL E 268 -5.21 -20.30 41.94
CA VAL E 268 -5.40 -21.14 43.12
C VAL E 268 -6.21 -20.46 44.22
N ASP E 269 -6.32 -19.13 44.19
CA ASP E 269 -6.98 -18.40 45.26
C ASP E 269 -8.50 -18.39 45.13
N VAL E 270 -9.03 -18.76 43.97
CA VAL E 270 -10.48 -18.69 43.72
C VAL E 270 -10.95 -20.02 43.14
N PRO E 271 -11.04 -21.10 43.93
CA PRO E 271 -11.53 -22.37 43.40
C PRO E 271 -12.99 -22.30 42.95
N GLY E 272 -13.77 -21.42 43.58
CA GLY E 272 -15.18 -21.37 43.28
C GLY E 272 -15.48 -20.93 41.85
N LEU E 273 -14.79 -19.89 41.38
CA LEU E 273 -15.06 -19.36 40.05
C LEU E 273 -14.76 -20.38 38.98
N VAL E 274 -13.61 -21.06 39.09
CA VAL E 274 -13.25 -22.04 38.08
C VAL E 274 -14.23 -23.21 38.09
N ALA E 275 -14.74 -23.58 39.26
CA ALA E 275 -15.72 -24.67 39.32
C ALA E 275 -16.98 -24.32 38.54
N GLU E 276 -17.46 -23.08 38.66
CA GLU E 276 -18.66 -22.67 37.94
C GLU E 276 -18.45 -22.70 36.44
N LEU E 277 -17.26 -22.29 35.99
CA LEU E 277 -16.98 -22.29 34.55
C LEU E 277 -17.06 -23.70 33.98
N ALA E 278 -16.48 -24.68 34.68
CA ALA E 278 -16.50 -26.05 34.18
C ALA E 278 -17.91 -26.61 34.12
N ASN E 279 -18.71 -26.33 35.14
CA ASN E 279 -20.05 -26.93 35.21
C ASN E 279 -20.96 -26.39 34.12
N HIS E 280 -20.93 -25.08 33.86
CA HIS E 280 -21.90 -24.44 32.97
C HIS E 280 -21.40 -24.32 31.54
N LEU E 281 -20.20 -24.78 31.22
CA LEU E 281 -19.67 -24.70 29.86
C LEU E 281 -19.03 -26.03 29.48
N SER E 282 -19.03 -26.31 28.18
CA SER E 282 -18.45 -27.52 27.63
C SER E 282 -17.02 -27.26 27.18
N PRO E 283 -16.19 -28.30 27.09
CA PRO E 283 -14.79 -28.08 26.67
C PRO E 283 -14.66 -27.42 25.31
N SER E 284 -15.53 -27.76 24.36
CA SER E 284 -15.44 -27.19 23.03
C SER E 284 -15.66 -25.68 23.06
N ARG E 285 -16.65 -25.22 23.82
CA ARG E 285 -16.92 -23.79 23.91
C ARG E 285 -15.74 -23.05 24.56
N LEU E 286 -15.17 -23.63 25.60
CA LEU E 286 -14.06 -22.97 26.30
C LEU E 286 -12.88 -22.76 25.37
N GLN E 287 -12.55 -23.77 24.54
CA GLN E 287 -11.46 -23.61 23.59
C GLN E 287 -11.75 -22.51 22.58
N ALA E 288 -12.98 -22.45 22.08
CA ALA E 288 -13.34 -21.41 21.11
C ALA E 288 -13.23 -20.03 21.74
N ILE E 289 -13.74 -19.85 22.96
CA ILE E 289 -13.65 -18.55 23.62
C ILE E 289 -12.19 -18.19 23.87
N LEU E 290 -11.39 -19.15 24.34
CA LEU E 290 -9.99 -18.88 24.63
C LEU E 290 -9.24 -18.46 23.38
N GLY E 291 -9.53 -19.09 22.24
CA GLY E 291 -8.80 -18.79 21.02
C GLY E 291 -8.96 -17.34 20.60
N ASP E 292 -10.20 -16.84 20.60
CA ASP E 292 -10.45 -15.48 20.15
C ASP E 292 -9.93 -14.45 21.15
N VAL E 293 -10.01 -14.75 22.46
CA VAL E 293 -9.53 -13.82 23.46
C VAL E 293 -8.03 -13.57 23.27
N CYS E 294 -7.27 -14.62 23.00
CA CYS E 294 -5.85 -14.44 22.69
C CYS E 294 -5.69 -13.67 21.37
N HIS E 295 -6.51 -13.98 20.37
CA HIS E 295 -6.38 -13.33 19.08
C HIS E 295 -6.69 -11.84 19.17
N ILE E 296 -7.79 -11.49 19.84
CA ILE E 296 -8.17 -10.08 19.95
C ILE E 296 -7.13 -9.32 20.76
N ARG E 297 -6.54 -9.97 21.77
CA ARG E 297 -5.50 -9.32 22.55
C ARG E 297 -4.31 -8.95 21.68
N GLU E 298 -3.91 -9.84 20.78
CA GLU E 298 -2.78 -9.54 19.90
C GLU E 298 -3.09 -8.37 18.98
N GLN E 299 -4.31 -8.31 18.44
CA GLN E 299 -4.69 -7.19 17.59
C GLN E 299 -4.65 -5.88 18.37
N LEU E 300 -5.15 -5.89 19.61
CA LEU E 300 -5.18 -4.66 20.40
C LEU E 300 -3.78 -4.14 20.66
N MET E 301 -2.84 -5.03 20.98
CA MET E 301 -1.46 -4.62 21.24
C MET E 301 -0.71 -4.30 19.95
N SER E 302 -1.00 -5.01 18.86
CA SER E 302 -0.22 -4.86 17.64
C SER E 302 -0.70 -3.69 16.81
N VAL E 303 -2.01 -3.65 16.51
CA VAL E 303 -2.54 -2.60 15.65
C VAL E 303 -2.48 -1.27 16.39
N THR E 304 -1.93 -0.25 15.72
CA THR E 304 -1.79 1.07 16.30
C THR E 304 -3.02 1.91 15.97
N GLY E 305 -3.54 2.61 16.97
CA GLY E 305 -4.70 3.46 16.79
C GLY E 305 -6.02 2.72 16.71
N ILE E 306 -6.03 1.41 16.99
CA ILE E 306 -7.26 0.64 16.91
C ILE E 306 -8.16 1.00 18.08
N ASN E 307 -9.44 1.25 17.79
CA ASN E 307 -10.39 1.57 18.83
C ASN E 307 -10.57 0.39 19.78
N ARG E 308 -10.75 0.69 21.06
CA ARG E 308 -10.80 -0.34 22.08
C ARG E 308 -12.22 -0.80 22.39
N GLU E 309 -13.15 0.15 22.57
CA GLU E 309 -14.50 -0.22 22.97
C GLU E 309 -15.19 -1.07 21.90
N LEU E 310 -15.00 -0.73 20.63
CA LEU E 310 -15.66 -1.48 19.56
C LEU E 310 -15.20 -2.92 19.53
N LEU E 311 -13.89 -3.15 19.65
CA LEU E 311 -13.38 -4.52 19.62
C LEU E 311 -13.91 -5.34 20.78
N ILE E 312 -13.90 -4.78 21.99
CA ILE E 312 -14.36 -5.51 23.16
C ILE E 312 -15.86 -5.74 23.08
N THR E 313 -16.61 -4.74 22.60
CA THR E 313 -18.05 -4.91 22.46
C THR E 313 -18.39 -6.02 21.48
N ASP E 314 -17.67 -6.08 20.35
CA ASP E 314 -17.90 -7.16 19.39
C ASP E 314 -17.54 -8.51 20.01
N LEU E 315 -16.47 -8.56 20.80
CA LEU E 315 -16.06 -9.81 21.42
C LEU E 315 -17.17 -10.39 22.30
N LEU E 316 -17.72 -9.55 23.19
CA LEU E 316 -18.74 -10.05 24.11
C LEU E 316 -19.99 -10.49 23.36
N LEU E 317 -20.41 -9.72 22.35
CA LEU E 317 -21.55 -10.13 21.55
C LEU E 317 -21.27 -11.41 20.78
N ARG E 318 -20.05 -11.54 20.24
CA ARG E 318 -19.68 -12.76 19.54
C ARG E 318 -19.69 -13.96 20.48
N ILE E 319 -19.16 -13.78 21.69
CA ILE E 319 -19.12 -14.88 22.65
C ILE E 319 -20.53 -15.32 23.01
N GLU E 320 -21.44 -14.36 23.23
CA GLU E 320 -22.82 -14.70 23.53
C GLU E 320 -23.44 -15.50 22.40
N HIS E 321 -23.06 -15.21 21.15
CA HIS E 321 -23.58 -15.96 20.02
C HIS E 321 -23.13 -17.42 20.07
N TYR E 322 -21.87 -17.66 20.45
CA TYR E 322 -21.37 -19.03 20.50
C TYR E 322 -22.15 -19.86 21.52
N LEU E 323 -22.48 -19.28 22.67
CA LEU E 323 -23.17 -20.03 23.71
C LEU E 323 -24.53 -20.51 23.25
N GLN E 324 -25.11 -19.92 22.21
CA GLN E 324 -26.40 -20.37 21.73
C GLN E 324 -26.27 -21.75 21.07
N PRO E 325 -27.32 -22.57 21.14
CA PRO E 325 -27.22 -23.91 20.53
C PRO E 325 -27.11 -23.84 19.02
N GLY E 326 -26.47 -24.86 18.45
CA GLY E 326 -26.42 -24.99 17.00
C GLY E 326 -25.64 -23.89 16.30
N VAL E 327 -24.48 -23.53 16.84
CA VAL E 327 -23.62 -22.50 16.24
C VAL E 327 -22.24 -23.10 16.04
N VAL E 328 -21.72 -23.01 14.81
CA VAL E 328 -20.38 -23.50 14.54
C VAL E 328 -19.35 -22.67 15.30
N LEU E 329 -18.14 -23.21 15.40
CA LEU E 329 -17.06 -22.58 16.14
C LEU E 329 -15.84 -22.41 15.27
N PRO E 330 -14.97 -21.45 15.57
CA PRO E 330 -13.78 -21.25 14.73
C PRO E 330 -12.80 -22.40 14.85
N VAL E 331 -11.95 -22.52 13.84
CA VAL E 331 -10.88 -23.52 13.81
C VAL E 331 -9.58 -22.79 13.48
N PRO E 332 -8.44 -23.19 14.05
CA PRO E 332 -7.18 -22.53 13.69
C PRO E 332 -6.87 -22.69 12.21
N HIS E 333 -6.26 -21.66 11.64
CA HIS E 333 -5.90 -21.63 10.23
C HIS E 333 -4.38 -21.51 10.10
N LEU E 334 -3.91 -21.44 8.86
CA LEU E 334 -2.49 -21.31 8.57
C LEU E 334 -2.28 -20.39 7.38
N THR F 2 -21.42 -36.36 10.04
CA THR F 2 -20.94 -36.65 8.69
C THR F 2 -19.84 -37.71 8.73
N SER F 3 -19.25 -37.99 7.58
CA SER F 3 -18.19 -38.98 7.50
C SER F 3 -16.94 -38.48 8.22
N ARG F 4 -16.03 -39.41 8.50
CA ARG F 4 -14.78 -39.03 9.14
C ARG F 4 -13.77 -38.46 8.15
N ARG F 5 -13.82 -38.89 6.89
CA ARG F 5 -12.85 -38.41 5.91
C ARG F 5 -12.99 -36.91 5.70
N ASP F 6 -14.21 -36.43 5.42
CA ASP F 6 -14.38 -35.01 5.16
C ASP F 6 -14.18 -34.18 6.42
N TRP F 7 -14.60 -34.71 7.57
CA TRP F 7 -14.39 -33.99 8.82
C TRP F 7 -12.90 -33.79 9.11
N GLN F 8 -12.10 -34.84 8.90
CA GLN F 8 -10.66 -34.70 9.09
C GLN F 8 -10.06 -33.71 8.10
N LEU F 9 -10.52 -33.75 6.85
CA LEU F 9 -10.05 -32.78 5.86
C LEU F 9 -10.46 -31.37 6.26
N GLN F 10 -11.67 -31.21 6.79
CA GLN F 10 -12.12 -29.90 7.26
C GLN F 10 -11.19 -29.38 8.35
N GLN F 11 -10.88 -30.21 9.34
CA GLN F 11 -9.95 -29.80 10.39
C GLN F 11 -8.56 -29.57 9.84
N LEU F 12 -8.19 -30.27 8.76
CA LEU F 12 -6.86 -30.14 8.19
C LEU F 12 -6.71 -28.90 7.32
N GLY F 13 -7.81 -28.21 7.00
CA GLY F 13 -7.73 -26.99 6.24
C GLY F 13 -7.72 -27.16 4.73
N ILE F 14 -8.32 -28.23 4.22
CA ILE F 14 -8.40 -28.49 2.79
C ILE F 14 -9.88 -28.55 2.39
N THR F 15 -10.26 -27.74 1.41
CA THR F 15 -11.62 -27.71 0.92
C THR F 15 -11.81 -28.72 -0.21
N GLN F 16 -13.04 -29.23 -0.32
CA GLN F 16 -13.40 -30.17 -1.36
C GLN F 16 -14.27 -29.49 -2.40
N TRP F 17 -13.86 -29.61 -3.67
CA TRP F 17 -14.60 -29.01 -4.78
C TRP F 17 -15.39 -30.08 -5.51
N SER F 18 -16.70 -29.86 -5.64
CA SER F 18 -17.59 -30.79 -6.33
C SER F 18 -18.02 -30.16 -7.65
N LEU F 19 -17.92 -30.93 -8.73
CA LEU F 19 -18.24 -30.42 -10.05
C LEU F 19 -19.69 -29.95 -10.10
N ARG F 20 -19.89 -28.78 -10.71
CA ARG F 20 -21.20 -28.13 -10.81
C ARG F 20 -21.73 -28.03 -12.22
N ARG F 21 -20.88 -27.66 -13.18
CA ARG F 21 -21.27 -27.51 -14.58
C ARG F 21 -20.33 -28.37 -15.43
N PRO F 22 -20.60 -29.67 -15.55
CA PRO F 22 -19.76 -30.52 -16.39
C PRO F 22 -19.74 -30.10 -17.85
N GLY F 23 -20.78 -29.40 -18.32
CA GLY F 23 -20.79 -28.95 -19.70
C GLY F 23 -19.70 -27.93 -20.00
N ALA F 24 -19.23 -27.21 -18.98
CA ALA F 24 -18.18 -26.23 -19.19
C ALA F 24 -16.90 -26.90 -19.68
N LEU F 25 -16.54 -28.03 -19.08
CA LEU F 25 -15.37 -28.78 -19.52
C LEU F 25 -15.64 -29.37 -20.89
N GLN F 26 -14.67 -29.23 -21.80
CA GLN F 26 -14.77 -29.73 -23.17
C GLN F 26 -13.63 -30.72 -23.39
N GLY F 27 -13.90 -31.98 -23.10
CA GLY F 27 -12.90 -33.02 -23.28
C GLY F 27 -13.37 -34.31 -22.66
N GLU F 28 -12.54 -35.35 -22.84
CA GLU F 28 -12.83 -36.68 -22.29
C GLU F 28 -12.48 -36.67 -20.80
N ILE F 29 -13.32 -35.96 -20.04
CA ILE F 29 -13.08 -35.81 -18.60
C ILE F 29 -13.18 -37.15 -17.90
N ALA F 30 -14.10 -38.00 -18.35
CA ALA F 30 -14.31 -39.32 -17.75
C ALA F 30 -14.62 -39.20 -16.26
#